data_7M0E
#
_entry.id   7M0E
#
_cell.length_a   64.966
_cell.length_b   85.819
_cell.length_c   91.421
_cell.angle_alpha   105.224
_cell.angle_beta   92.576
_cell.angle_gamma   111.296
#
_symmetry.space_group_name_H-M   'P 1'
#
loop_
_entity.id
_entity.type
_entity.pdbx_description
1 polymer 'DNA polymerase lambda'
2 polymer "DNA (5'-D(*CP*GP*GP*CP*AP*GP*C)-3')"
3 polymer "DNA (5'-D(*CP*AP*GP*TP*GP*C)-3')"
4 polymer "DNA (5'-D(P*GP*CP*CP*G)-3')"
5 non-polymer "2'-DEOXYURIDINE 5'-ALPHA,BETA-IMIDO-TRIPHOSPHATE"
6 non-polymer 'MAGNESIUM ION'
7 non-polymer 'SODIUM ION'
8 non-polymer 1,2-ETHANEDIOL
9 non-polymer 'SULFATE ION'
10 water water
#
loop_
_entity_poly.entity_id
_entity_poly.type
_entity_poly.pdbx_seq_one_letter_code
_entity_poly.pdbx_strand_id
1 'polypeptide(L)'
;GSAAAPAVLDKWVCAQPSSQKATNHNLHITEKLEVLAKAYSVQGDKWRALGYAKAINALKSFHKPVTSYQEACSIPGIGK
RMAEKIIEILESGHLRKLDHISESVPVLELFSNIWGAGTKTAQMWYQQGFRSLEDIRSQASLTTQQAIGLKHYSDFLERM
PREEATEIEQTVQKAAQAFNSGLLCVACGSYRRGKATCGDVDVLITHPDGRSHRGIFSRLLDSLRQEGFLTDDLVSQEEN
GQQQKYLGVCRLPGPGRRHRRLDIIVVPYSEFACALLYFTGSAHFNRSMRALAKTKGMSLSEHALSTAVVRNTHGCKVGP
GRVLPTPTEKDVFRLLGLPYREPAERDW
;
A,B,C,D
2 'polydeoxyribonucleotide' (DC)(DG)(DG)(DC)(DA)(DG)(DC) G,K,O,T
3 'polydeoxyribonucleotide' (DC)(DA)(DG)(DT)(DG)(DC) F,J,N,R
4 'polydeoxyribonucleotide' (DG)(DC)(DC)(DG) H,L,P,U
#
loop_
_chem_comp.id
_chem_comp.type
_chem_comp.name
_chem_comp.formula
DA DNA linking 2'-DEOXYADENOSINE-5'-MONOPHOSPHATE 'C10 H14 N5 O6 P'
DC DNA linking 2'-DEOXYCYTIDINE-5'-MONOPHOSPHATE 'C9 H14 N3 O7 P'
DG DNA linking 2'-DEOXYGUANOSINE-5'-MONOPHOSPHATE 'C10 H14 N5 O7 P'
DT DNA linking THYMIDINE-5'-MONOPHOSPHATE 'C10 H15 N2 O8 P'
DUP non-polymer '2'-DEOXYURIDINE 5'-ALPHA,BETA-IMIDO-TRIPHOSPHATE' 'C9 H16 N3 O13 P3'
EDO non-polymer 1,2-ETHANEDIOL 'C2 H6 O2'
MG non-polymer 'MAGNESIUM ION' 'Mg 2'
NA non-polymer 'SODIUM ION' 'Na 1'
SO4 non-polymer 'SULFATE ION' 'O4 S -2'
#
# COMPACT_ATOMS: atom_id res chain seq x y z
N LYS A 11 -10.26 -24.61 -0.92
CA LYS A 11 -10.32 -24.43 0.53
C LYS A 11 -11.34 -23.36 0.92
N TRP A 12 -12.06 -22.83 -0.06
CA TRP A 12 -13.12 -21.84 0.19
C TRP A 12 -14.44 -22.56 0.45
N VAL A 13 -15.12 -22.18 1.53
CA VAL A 13 -16.42 -22.77 1.84
C VAL A 13 -17.40 -22.51 0.69
N CYS A 14 -17.35 -21.31 0.11
CA CYS A 14 -18.26 -20.96 -0.98
C CYS A 14 -18.02 -21.79 -2.23
N ALA A 15 -16.93 -22.57 -2.28
CA ALA A 15 -16.61 -23.41 -3.43
C ALA A 15 -17.06 -24.85 -3.26
N GLN A 16 -17.76 -25.18 -2.18
CA GLN A 16 -18.09 -26.57 -1.87
C GLN A 16 -19.52 -26.67 -1.38
N PRO A 17 -20.14 -27.85 -1.52
CA PRO A 17 -21.52 -28.02 -1.05
C PRO A 17 -21.57 -28.18 0.46
N SER A 18 -22.49 -27.47 1.10
CA SER A 18 -22.66 -27.55 2.55
C SER A 18 -23.25 -28.89 2.99
N SER A 19 -23.71 -29.73 2.05
CA SER A 19 -24.22 -31.04 2.42
C SER A 19 -23.13 -31.93 3.01
N GLN A 20 -21.86 -31.58 2.82
CA GLN A 20 -20.79 -32.29 3.50
C GLN A 20 -20.97 -32.24 5.01
N LYS A 21 -21.53 -31.14 5.53
CA LYS A 21 -21.75 -31.02 6.97
C LYS A 21 -22.78 -32.00 7.50
N ALA A 22 -23.66 -32.51 6.63
CA ALA A 22 -24.72 -33.40 7.08
C ALA A 22 -24.18 -34.69 7.67
N THR A 23 -23.04 -35.15 7.17
CA THR A 23 -22.39 -36.37 7.68
C THR A 23 -21.30 -36.02 8.69
N ASN A 24 -21.64 -35.22 9.70
CA ASN A 24 -20.67 -34.74 10.68
C ASN A 24 -20.16 -35.92 11.49
N HIS A 25 -18.95 -36.39 11.16
CA HIS A 25 -18.34 -37.53 11.83
C HIS A 25 -17.65 -37.17 13.14
N ASN A 26 -17.73 -35.91 13.58
CA ASN A 26 -17.04 -35.45 14.79
C ASN A 26 -17.97 -34.62 15.66
N LEU A 27 -19.19 -35.11 15.85
CA LEU A 27 -20.22 -34.33 16.53
C LEU A 27 -19.78 -33.92 17.92
N HIS A 28 -19.39 -34.88 18.76
CA HIS A 28 -19.09 -34.59 20.15
C HIS A 28 -17.86 -33.70 20.31
N ILE A 29 -17.05 -33.53 19.28
CA ILE A 29 -15.97 -32.55 19.33
C ILE A 29 -16.50 -31.17 19.01
N THR A 30 -17.29 -31.04 17.94
CA THR A 30 -17.76 -29.72 17.52
C THR A 30 -18.75 -29.13 18.52
N GLU A 31 -19.54 -29.97 19.20
CA GLU A 31 -20.47 -29.44 20.19
C GLU A 31 -19.71 -28.70 21.30
N LYS A 32 -18.60 -29.26 21.75
CA LYS A 32 -17.85 -28.61 22.82
C LYS A 32 -17.12 -27.36 22.32
N LEU A 33 -16.60 -27.40 21.09
CA LEU A 33 -15.98 -26.20 20.54
C LEU A 33 -17.00 -25.10 20.33
N GLU A 34 -18.23 -25.46 19.96
CA GLU A 34 -19.29 -24.47 19.78
C GLU A 34 -19.53 -23.67 21.05
N VAL A 35 -19.49 -24.34 22.21
CA VAL A 35 -19.64 -23.64 23.48
C VAL A 35 -18.56 -22.57 23.62
N LEU A 36 -17.31 -22.93 23.33
CA LEU A 36 -16.23 -21.96 23.43
C LEU A 36 -16.42 -20.82 22.44
N ALA A 37 -16.82 -21.14 21.21
CA ALA A 37 -17.02 -20.09 20.21
C ALA A 37 -18.06 -19.08 20.69
N LYS A 38 -19.18 -19.58 21.23
CA LYS A 38 -20.22 -18.68 21.72
C LYS A 38 -19.71 -17.79 22.85
N ALA A 39 -18.87 -18.35 23.73
CA ALA A 39 -18.34 -17.57 24.84
C ALA A 39 -17.45 -16.44 24.36
N TYR A 40 -16.55 -16.73 23.40
CA TYR A 40 -15.71 -15.67 22.86
C TYR A 40 -16.54 -14.60 22.17
N SER A 41 -17.59 -15.01 21.44
CA SER A 41 -18.45 -14.05 20.75
C SER A 41 -19.04 -13.04 21.72
N VAL A 42 -19.79 -13.52 22.72
CA VAL A 42 -20.53 -12.60 23.59
C VAL A 42 -19.60 -11.70 24.38
N GLN A 43 -18.32 -12.06 24.50
CA GLN A 43 -17.33 -11.21 25.12
C GLN A 43 -16.68 -10.25 24.15
N GLY A 44 -17.12 -10.22 22.90
CA GLY A 44 -16.63 -9.26 21.93
C GLY A 44 -15.37 -9.65 21.18
N ASP A 45 -14.79 -10.81 21.48
CA ASP A 45 -13.58 -11.26 20.78
C ASP A 45 -13.99 -11.90 19.45
N LYS A 46 -14.40 -11.04 18.52
CA LYS A 46 -15.06 -11.51 17.30
C LYS A 46 -14.12 -12.28 16.38
N TRP A 47 -12.83 -11.91 16.34
CA TRP A 47 -11.92 -12.57 15.41
C TRP A 47 -11.52 -13.96 15.91
N ARG A 48 -11.39 -14.12 17.22
CA ARG A 48 -11.19 -15.45 17.76
C ARG A 48 -12.44 -16.30 17.59
N ALA A 49 -13.61 -15.69 17.80
CA ALA A 49 -14.87 -16.40 17.54
C ALA A 49 -14.95 -16.84 16.09
N LEU A 50 -14.51 -15.98 15.17
CA LEU A 50 -14.58 -16.30 13.74
C LEU A 50 -13.69 -17.49 13.40
N GLY A 51 -12.52 -17.57 14.03
CA GLY A 51 -11.64 -18.70 13.79
C GLY A 51 -12.23 -20.01 14.29
N TYR A 52 -12.94 -19.96 15.43
CA TYR A 52 -13.61 -21.16 15.93
C TYR A 52 -14.73 -21.58 14.99
N ALA A 53 -15.55 -20.62 14.55
CA ALA A 53 -16.62 -20.92 13.60
C ALA A 53 -16.05 -21.59 12.36
N LYS A 54 -14.99 -21.01 11.78
CA LYS A 54 -14.37 -21.60 10.60
C LYS A 54 -13.89 -23.02 10.87
N ALA A 55 -13.21 -23.23 12.00
CA ALA A 55 -12.70 -24.56 12.31
C ALA A 55 -13.84 -25.57 12.45
N ILE A 56 -14.96 -25.14 13.02
CA ILE A 56 -16.07 -26.05 13.29
C ILE A 56 -16.71 -26.52 11.99
N ASN A 57 -16.95 -25.61 11.04
CA ASN A 57 -17.42 -26.02 9.73
C ASN A 57 -16.43 -26.96 9.05
N ALA A 58 -15.13 -26.71 9.21
CA ALA A 58 -14.13 -27.61 8.66
C ALA A 58 -14.25 -28.99 9.28
N LEU A 59 -14.45 -29.07 10.60
CA LEU A 59 -14.62 -30.36 11.26
C LEU A 59 -15.91 -31.03 10.82
N LYS A 60 -16.99 -30.27 10.71
CA LYS A 60 -18.27 -30.85 10.37
C LYS A 60 -18.24 -31.52 9.00
N SER A 61 -17.48 -30.97 8.06
CA SER A 61 -17.46 -31.48 6.69
C SER A 61 -16.33 -32.47 6.44
N PHE A 62 -15.40 -32.65 7.39
CA PHE A 62 -14.37 -33.67 7.23
C PHE A 62 -15.02 -35.03 7.03
N HIS A 63 -14.45 -35.83 6.15
CA HIS A 63 -15.10 -37.05 5.65
C HIS A 63 -14.95 -38.25 6.58
N LYS A 64 -14.43 -38.09 7.79
CA LYS A 64 -14.20 -39.23 8.67
C LYS A 64 -13.96 -38.72 10.07
N PRO A 65 -13.91 -39.62 11.06
CA PRO A 65 -13.53 -39.20 12.42
C PRO A 65 -12.07 -38.78 12.47
N VAL A 66 -11.81 -37.70 13.21
CA VAL A 66 -10.44 -37.25 13.42
C VAL A 66 -9.76 -38.19 14.39
N THR A 67 -8.71 -38.87 13.93
CA THR A 67 -8.02 -39.89 14.72
C THR A 67 -6.88 -39.32 15.57
N SER A 68 -6.14 -38.35 15.05
CA SER A 68 -4.87 -37.96 15.64
C SER A 68 -4.64 -36.46 15.52
N TYR A 69 -3.65 -35.98 16.27
CA TYR A 69 -3.24 -34.59 16.16
C TYR A 69 -2.81 -34.27 14.74
N GLN A 70 -1.95 -35.11 14.16
CA GLN A 70 -1.50 -34.89 12.79
C GLN A 70 -2.69 -34.81 11.83
N GLU A 71 -3.69 -35.67 12.02
CA GLU A 71 -4.82 -35.70 11.11
C GLU A 71 -5.68 -34.44 11.25
N ALA A 72 -5.88 -33.98 12.48
CA ALA A 72 -6.63 -32.74 12.68
C ALA A 72 -5.93 -31.56 12.00
N CYS A 73 -4.60 -31.51 12.09
CA CYS A 73 -3.84 -30.42 11.49
C CYS A 73 -3.86 -30.47 9.97
N SER A 74 -4.20 -31.62 9.37
CA SER A 74 -4.28 -31.70 7.92
C SER A 74 -5.53 -31.02 7.37
N ILE A 75 -6.41 -30.49 8.23
CA ILE A 75 -7.68 -29.92 7.81
C ILE A 75 -7.50 -28.41 7.71
N PRO A 76 -7.77 -27.80 6.55
CA PRO A 76 -7.74 -26.33 6.47
C PRO A 76 -8.70 -25.72 7.49
N GLY A 77 -8.19 -24.73 8.24
CA GLY A 77 -8.94 -24.13 9.31
C GLY A 77 -8.59 -24.66 10.69
N ILE A 78 -7.88 -25.77 10.78
CA ILE A 78 -7.42 -26.32 12.05
C ILE A 78 -5.93 -26.07 12.17
N GLY A 79 -5.52 -25.41 13.25
CA GLY A 79 -4.13 -25.17 13.54
C GLY A 79 -3.64 -25.92 14.76
N LYS A 80 -2.52 -25.45 15.30
CA LYS A 80 -1.91 -26.10 16.46
C LYS A 80 -2.83 -26.07 17.67
N ARG A 81 -3.36 -24.89 18.00
CA ARG A 81 -4.17 -24.76 19.21
C ARG A 81 -5.49 -25.50 19.08
N MET A 82 -6.06 -25.57 17.87
CA MET A 82 -7.32 -26.27 17.67
C MET A 82 -7.11 -27.78 17.63
N ALA A 83 -6.05 -28.23 16.96
CA ALA A 83 -5.72 -29.65 16.97
C ALA A 83 -5.49 -30.14 18.39
N GLU A 84 -4.88 -29.30 19.22
CA GLU A 84 -4.66 -29.65 20.62
C GLU A 84 -5.98 -29.94 21.33
N LYS A 85 -6.96 -29.04 21.18
CA LYS A 85 -8.25 -29.23 21.84
C LYS A 85 -9.02 -30.42 21.28
N ILE A 86 -8.88 -30.68 19.98
CA ILE A 86 -9.56 -31.81 19.37
C ILE A 86 -9.07 -33.12 19.98
N ILE A 87 -7.76 -33.24 20.20
CA ILE A 87 -7.22 -34.48 20.75
C ILE A 87 -7.52 -34.57 22.25
N GLU A 88 -7.56 -33.43 22.94
CA GLU A 88 -7.96 -33.45 24.34
C GLU A 88 -9.35 -34.03 24.51
N ILE A 89 -10.29 -33.63 23.65
CA ILE A 89 -11.65 -34.16 23.69
C ILE A 89 -11.65 -35.61 23.23
N LEU A 90 -10.96 -35.91 22.14
CA LEU A 90 -10.96 -37.27 21.60
C LEU A 90 -10.46 -38.27 22.63
N GLU A 91 -9.48 -37.87 23.44
CA GLU A 91 -8.83 -38.79 24.38
C GLU A 91 -9.40 -38.73 25.80
N SER A 92 -10.08 -37.65 26.18
CA SER A 92 -10.55 -37.49 27.54
C SER A 92 -12.05 -37.23 27.68
N GLY A 93 -12.78 -37.07 26.57
CA GLY A 93 -14.20 -36.78 26.67
C GLY A 93 -14.53 -35.46 27.33
N HIS A 94 -13.54 -34.57 27.46
CA HIS A 94 -13.68 -33.36 28.25
C HIS A 94 -12.78 -32.29 27.64
N LEU A 95 -13.13 -31.03 27.89
CA LEU A 95 -12.32 -29.89 27.45
C LEU A 95 -12.15 -28.99 28.66
N ARG A 96 -10.92 -28.91 29.19
CA ARG A 96 -10.67 -28.16 30.42
C ARG A 96 -10.93 -26.67 30.25
N LYS A 97 -10.75 -26.15 29.03
CA LYS A 97 -10.98 -24.74 28.78
C LYS A 97 -12.41 -24.32 29.15
N LEU A 98 -13.37 -25.24 29.03
CA LEU A 98 -14.75 -24.91 29.34
C LEU A 98 -14.96 -24.70 30.84
N ASP A 99 -14.14 -25.31 31.69
CA ASP A 99 -14.30 -25.19 33.12
C ASP A 99 -13.75 -23.89 33.69
N HIS A 100 -13.17 -23.03 32.86
CA HIS A 100 -12.61 -21.76 33.31
C HIS A 100 -13.21 -20.58 32.55
N ILE A 101 -14.41 -20.75 32.00
CA ILE A 101 -15.13 -19.63 31.39
C ILE A 101 -15.56 -18.67 32.49
N SER A 102 -15.37 -17.38 32.25
N SER A 102 -15.37 -17.38 32.25
CA SER A 102 -15.73 -16.37 33.24
CA SER A 102 -15.73 -16.38 33.24
C SER A 102 -17.20 -16.52 33.64
C SER A 102 -17.20 -16.51 33.63
N GLU A 103 -17.48 -16.18 34.90
CA GLU A 103 -18.86 -16.26 35.40
C GLU A 103 -19.78 -15.31 34.65
N SER A 104 -19.23 -14.25 34.05
CA SER A 104 -20.04 -13.23 33.40
C SER A 104 -20.66 -13.72 32.09
N VAL A 105 -20.06 -14.73 31.46
CA VAL A 105 -20.45 -15.08 30.09
C VAL A 105 -21.94 -15.39 29.96
N PRO A 106 -22.55 -16.23 30.81
CA PRO A 106 -24.00 -16.49 30.63
C PRO A 106 -24.85 -15.25 30.82
N VAL A 107 -24.42 -14.29 31.63
CA VAL A 107 -25.16 -13.04 31.78
C VAL A 107 -25.03 -12.19 30.52
N LEU A 108 -23.80 -12.07 30.00
CA LEU A 108 -23.59 -11.34 28.75
C LEU A 108 -24.35 -11.98 27.60
N GLU A 109 -24.47 -13.32 27.61
CA GLU A 109 -25.27 -13.99 26.59
C GLU A 109 -26.74 -13.67 26.76
N LEU A 110 -27.23 -13.70 28.01
CA LEU A 110 -28.61 -13.31 28.28
C LEU A 110 -28.90 -11.90 27.78
N PHE A 111 -27.99 -10.96 28.06
CA PHE A 111 -28.24 -9.58 27.67
C PHE A 111 -28.18 -9.40 26.16
N SER A 112 -27.20 -10.01 25.50
CA SER A 112 -27.08 -9.87 24.06
C SER A 112 -28.10 -10.70 23.29
N ASN A 113 -28.89 -11.52 23.97
CA ASN A 113 -30.05 -12.14 23.33
C ASN A 113 -31.18 -11.14 23.14
N ILE A 114 -31.13 -10.00 23.82
CA ILE A 114 -32.08 -8.93 23.58
C ILE A 114 -31.79 -8.28 22.24
N TRP A 115 -32.80 -8.22 21.38
CA TRP A 115 -32.64 -7.63 20.06
C TRP A 115 -32.35 -6.13 20.22
N GLY A 116 -31.20 -5.69 19.72
CA GLY A 116 -30.79 -4.30 19.84
C GLY A 116 -29.70 -4.06 20.86
N ALA A 117 -29.37 -5.05 21.68
CA ALA A 117 -28.26 -4.96 22.61
C ALA A 117 -27.16 -5.91 22.14
N GLY A 118 -25.99 -5.36 21.86
CA GLY A 118 -24.85 -6.12 21.39
C GLY A 118 -23.85 -6.36 22.50
N THR A 119 -22.61 -6.65 22.09
CA THR A 119 -21.56 -6.95 23.05
C THR A 119 -21.24 -5.76 23.94
N LYS A 120 -21.25 -4.55 23.37
CA LYS A 120 -20.88 -3.36 24.15
C LYS A 120 -21.98 -2.98 25.13
N THR A 121 -23.23 -3.04 24.68
CA THR A 121 -24.34 -2.77 25.59
C THR A 121 -24.40 -3.81 26.70
N ALA A 122 -24.19 -5.09 26.36
CA ALA A 122 -24.22 -6.13 27.38
C ALA A 122 -23.12 -5.90 28.41
N GLN A 123 -21.91 -5.57 27.95
CA GLN A 123 -20.80 -5.27 28.84
C GLN A 123 -21.11 -4.07 29.74
N MET A 124 -21.71 -3.03 29.17
CA MET A 124 -22.06 -1.85 29.97
C MET A 124 -23.03 -2.22 31.07
N TRP A 125 -24.09 -2.97 30.73
CA TRP A 125 -25.07 -3.35 31.75
C TRP A 125 -24.45 -4.22 32.83
N TYR A 126 -23.50 -5.08 32.44
CA TYR A 126 -22.87 -5.96 33.43
C TYR A 126 -22.02 -5.16 34.41
N GLN A 127 -21.25 -4.19 33.91
CA GLN A 127 -20.42 -3.38 34.80
C GLN A 127 -21.23 -2.35 35.58
N GLN A 128 -22.53 -2.24 35.31
CA GLN A 128 -23.44 -1.49 36.15
C GLN A 128 -24.03 -2.33 37.28
N GLY A 129 -23.74 -3.63 37.31
CA GLY A 129 -24.27 -4.53 38.33
C GLY A 129 -25.46 -5.35 37.88
N PHE A 130 -26.00 -5.11 36.70
CA PHE A 130 -27.19 -5.83 36.25
C PHE A 130 -26.84 -7.30 35.97
N ARG A 131 -27.76 -8.19 36.32
CA ARG A 131 -27.52 -9.63 36.23
C ARG A 131 -28.68 -10.41 35.64
N SER A 132 -29.89 -9.84 35.57
CA SER A 132 -31.06 -10.57 35.11
C SER A 132 -31.85 -9.68 34.16
N LEU A 133 -32.84 -10.28 33.49
CA LEU A 133 -33.75 -9.49 32.67
C LEU A 133 -34.54 -8.51 33.52
N GLU A 134 -34.95 -8.95 34.72
CA GLU A 134 -35.69 -8.06 35.61
C GLU A 134 -34.88 -6.82 35.97
N ASP A 135 -33.57 -6.94 36.07
CA ASP A 135 -32.71 -5.77 36.29
C ASP A 135 -32.80 -4.82 35.10
N ILE A 136 -32.68 -5.36 33.88
CA ILE A 136 -32.76 -4.53 32.68
C ILE A 136 -34.12 -3.82 32.61
N ARG A 137 -35.19 -4.59 32.82
CA ARG A 137 -36.53 -4.03 32.70
C ARG A 137 -36.73 -2.84 33.64
N SER A 138 -36.29 -2.96 34.88
CA SER A 138 -36.64 -1.99 35.90
C SER A 138 -35.62 -0.87 36.07
N GLN A 139 -34.34 -1.11 35.73
CA GLN A 139 -33.27 -0.18 36.07
C GLN A 139 -32.40 0.26 34.90
N ALA A 140 -32.41 -0.42 33.78
CA ALA A 140 -31.59 -0.02 32.64
C ALA A 140 -32.36 0.98 31.79
N SER A 141 -31.61 1.92 31.21
CA SER A 141 -32.18 2.85 30.24
C SER A 141 -32.10 2.17 28.87
N LEU A 142 -33.25 2.00 28.23
CA LEU A 142 -33.37 1.18 27.03
C LEU A 142 -33.72 2.08 25.86
N THR A 143 -33.10 1.81 24.73
CA THR A 143 -33.61 2.36 23.48
C THR A 143 -34.99 1.76 23.20
N THR A 144 -35.76 2.44 22.36
CA THR A 144 -37.06 1.91 21.99
C THR A 144 -36.93 0.55 21.33
N GLN A 145 -35.86 0.33 20.57
CA GLN A 145 -35.60 -0.97 19.96
C GLN A 145 -35.40 -2.03 21.03
N GLN A 146 -34.49 -1.77 21.97
CA GLN A 146 -34.21 -2.75 23.01
C GLN A 146 -35.43 -3.02 23.88
N ALA A 147 -36.30 -2.02 24.04
CA ALA A 147 -37.52 -2.22 24.81
C ALA A 147 -38.45 -3.20 24.09
N ILE A 148 -38.49 -3.13 22.75
CA ILE A 148 -39.29 -4.10 22.00
C ILE A 148 -38.62 -5.46 22.01
N GLY A 149 -37.29 -5.49 21.87
CA GLY A 149 -36.57 -6.75 21.97
C GLY A 149 -36.73 -7.41 23.32
N LEU A 150 -36.85 -6.60 24.38
CA LEU A 150 -37.00 -7.16 25.72
C LEU A 150 -38.39 -7.73 25.92
N LYS A 151 -39.44 -7.04 25.47
CA LYS A 151 -40.79 -7.52 25.72
C LYS A 151 -41.12 -8.77 24.90
N HIS A 152 -40.44 -8.98 23.77
CA HIS A 152 -40.62 -10.19 22.97
C HIS A 152 -39.42 -11.12 23.11
N TYR A 153 -38.78 -11.12 24.29
CA TYR A 153 -37.51 -11.83 24.45
C TYR A 153 -37.65 -13.30 24.12
N SER A 154 -38.66 -13.98 24.68
CA SER A 154 -38.76 -15.42 24.49
C SER A 154 -39.29 -15.77 23.11
N ASP A 155 -40.20 -14.95 22.56
CA ASP A 155 -40.66 -15.19 21.19
C ASP A 155 -39.51 -15.10 20.20
N PHE A 156 -38.68 -14.06 20.32
CA PHE A 156 -37.63 -13.85 19.33
C PHE A 156 -36.53 -14.90 19.42
N LEU A 157 -36.44 -15.63 20.53
CA LEU A 157 -35.46 -16.71 20.62
C LEU A 157 -35.96 -18.00 19.98
N GLU A 158 -37.27 -18.16 19.81
CA GLU A 158 -37.83 -19.37 19.26
C GLU A 158 -37.88 -19.30 17.74
N ARG A 159 -37.52 -20.41 17.10
CA ARG A 159 -37.59 -20.52 15.65
C ARG A 159 -38.97 -21.00 15.22
N MET A 160 -39.38 -20.58 14.03
CA MET A 160 -40.71 -20.87 13.55
C MET A 160 -40.68 -21.99 12.51
N PRO A 161 -41.75 -22.77 12.37
CA PRO A 161 -41.78 -23.78 11.32
C PRO A 161 -41.73 -23.13 9.94
N ARG A 162 -41.15 -23.86 8.99
CA ARG A 162 -41.12 -23.43 7.60
C ARG A 162 -42.48 -22.88 7.14
N GLU A 163 -43.56 -23.60 7.49
CA GLU A 163 -44.89 -23.26 6.99
C GLU A 163 -45.36 -21.91 7.49
N GLU A 164 -44.96 -21.51 8.71
CA GLU A 164 -45.37 -20.20 9.22
C GLU A 164 -44.68 -19.08 8.46
N ALA A 165 -43.40 -19.27 8.12
CA ALA A 165 -42.72 -18.28 7.29
C ALA A 165 -43.42 -18.14 5.94
N THR A 166 -43.94 -19.24 5.40
CA THR A 166 -44.71 -19.18 4.16
C THR A 166 -45.88 -18.23 4.32
N GLU A 167 -46.65 -18.40 5.40
CA GLU A 167 -47.81 -17.54 5.64
C GLU A 167 -47.40 -16.08 5.81
N ILE A 168 -46.24 -15.84 6.44
CA ILE A 168 -45.79 -14.46 6.63
C ILE A 168 -45.42 -13.82 5.29
N GLU A 169 -44.66 -14.54 4.46
CA GLU A 169 -44.31 -14.02 3.14
C GLU A 169 -45.55 -13.77 2.31
N GLN A 170 -46.52 -14.67 2.39
CA GLN A 170 -47.75 -14.51 1.61
C GLN A 170 -48.52 -13.27 2.02
N THR A 171 -48.56 -12.99 3.33
CA THR A 171 -49.25 -11.78 3.80
C THR A 171 -48.58 -10.53 3.25
N VAL A 172 -47.25 -10.52 3.18
CA VAL A 172 -46.55 -9.37 2.62
C VAL A 172 -46.77 -9.30 1.12
N GLN A 173 -46.74 -10.45 0.44
CA GLN A 173 -46.89 -10.47 -1.00
C GLN A 173 -48.25 -9.93 -1.43
N LYS A 174 -49.33 -10.47 -0.86
CA LYS A 174 -50.66 -10.03 -1.28
C LYS A 174 -50.85 -8.54 -0.99
N ALA A 175 -50.33 -8.06 0.15
CA ALA A 175 -50.45 -6.65 0.47
C ALA A 175 -49.67 -5.79 -0.51
N ALA A 176 -48.49 -6.24 -0.91
CA ALA A 176 -47.69 -5.49 -1.88
C ALA A 176 -48.34 -5.50 -3.25
N GLN A 177 -48.94 -6.63 -3.63
CA GLN A 177 -49.57 -6.73 -4.95
C GLN A 177 -50.91 -6.01 -5.01
N ALA A 178 -51.50 -5.65 -3.87
CA ALA A 178 -52.71 -4.84 -3.90
C ALA A 178 -52.42 -3.45 -4.47
N PHE A 179 -51.20 -2.94 -4.26
CA PHE A 179 -50.79 -1.65 -4.81
C PHE A 179 -50.29 -1.77 -6.24
N ASN A 180 -49.47 -2.78 -6.53
CA ASN A 180 -48.95 -3.01 -7.87
C ASN A 180 -48.85 -4.52 -8.08
N SER A 181 -49.72 -5.04 -8.95
CA SER A 181 -49.78 -6.47 -9.19
C SER A 181 -48.51 -7.02 -9.82
N GLY A 182 -47.65 -6.15 -10.36
CA GLY A 182 -46.41 -6.61 -10.96
C GLY A 182 -45.27 -6.86 -9.99
N LEU A 183 -45.44 -6.48 -8.72
CA LEU A 183 -44.35 -6.63 -7.76
C LEU A 183 -44.02 -8.09 -7.51
N LEU A 184 -42.74 -8.40 -7.52
CA LEU A 184 -42.24 -9.75 -7.28
C LEU A 184 -41.71 -9.84 -5.85
N CYS A 185 -42.22 -10.81 -5.09
CA CYS A 185 -41.84 -11.00 -3.70
C CYS A 185 -41.27 -12.41 -3.52
N VAL A 186 -40.20 -12.51 -2.72
CA VAL A 186 -39.47 -13.75 -2.58
C VAL A 186 -38.94 -13.87 -1.15
N ALA A 187 -39.30 -14.96 -0.48
CA ALA A 187 -38.70 -15.29 0.81
C ALA A 187 -37.28 -15.81 0.58
N CYS A 188 -36.33 -15.26 1.33
CA CYS A 188 -34.93 -15.65 1.20
C CYS A 188 -34.43 -16.24 2.51
N GLY A 189 -33.15 -16.05 2.81
CA GLY A 189 -32.58 -16.54 4.04
C GLY A 189 -32.69 -18.05 4.15
N SER A 190 -32.87 -18.51 5.40
CA SER A 190 -32.96 -19.93 5.68
C SER A 190 -34.17 -20.58 5.03
N TYR A 191 -35.22 -19.81 4.75
CA TYR A 191 -36.39 -20.36 4.04
C TYR A 191 -36.00 -20.83 2.65
N ARG A 192 -35.37 -19.95 1.86
CA ARG A 192 -34.95 -20.31 0.50
C ARG A 192 -33.86 -21.38 0.51
N ARG A 193 -33.09 -21.49 1.59
CA ARG A 193 -32.10 -22.55 1.69
C ARG A 193 -32.71 -23.90 2.08
N GLY A 194 -34.03 -23.97 2.27
CA GLY A 194 -34.69 -25.25 2.50
C GLY A 194 -34.72 -25.73 3.94
N LYS A 195 -34.43 -24.87 4.91
CA LYS A 195 -34.37 -25.30 6.30
C LYS A 195 -35.78 -25.51 6.87
N ALA A 196 -35.89 -26.49 7.76
CA ALA A 196 -37.19 -26.83 8.34
C ALA A 196 -37.72 -25.73 9.25
N THR A 197 -36.83 -24.95 9.86
CA THR A 197 -37.21 -23.85 10.74
C THR A 197 -36.50 -22.57 10.31
N CYS A 198 -37.09 -21.44 10.69
CA CYS A 198 -36.59 -20.12 10.31
C CYS A 198 -36.60 -19.20 11.52
N GLY A 199 -35.49 -18.49 11.74
CA GLY A 199 -35.44 -17.55 12.84
C GLY A 199 -36.27 -16.31 12.57
N ASP A 200 -36.30 -15.87 11.33
CA ASP A 200 -37.12 -14.74 10.92
C ASP A 200 -37.60 -15.01 9.49
N VAL A 201 -38.27 -14.02 8.91
CA VAL A 201 -38.69 -14.09 7.53
C VAL A 201 -38.03 -12.93 6.79
N ASP A 202 -37.27 -13.26 5.75
CA ASP A 202 -36.51 -12.29 4.96
C ASP A 202 -37.17 -12.20 3.60
N VAL A 203 -37.84 -11.07 3.33
CA VAL A 203 -38.66 -10.91 2.14
C VAL A 203 -37.97 -9.92 1.22
N LEU A 204 -37.66 -10.36 0.01
CA LEU A 204 -37.03 -9.53 -1.01
C LEU A 204 -38.09 -9.14 -2.03
N ILE A 205 -38.17 -7.84 -2.33
CA ILE A 205 -39.16 -7.30 -3.24
C ILE A 205 -38.47 -6.52 -4.35
N THR A 206 -38.97 -6.70 -5.57
CA THR A 206 -38.48 -5.92 -6.70
C THR A 206 -39.61 -5.82 -7.72
N HIS A 207 -39.38 -5.03 -8.76
CA HIS A 207 -40.34 -4.91 -9.86
C HIS A 207 -39.58 -5.13 -11.16
N PRO A 208 -39.96 -6.11 -11.98
CA PRO A 208 -39.22 -6.36 -13.23
C PRO A 208 -39.43 -5.33 -14.30
N ASP A 209 -40.27 -4.32 -14.10
CA ASP A 209 -40.34 -3.23 -15.07
C ASP A 209 -39.11 -2.34 -15.01
N GLY A 210 -38.24 -2.52 -14.01
CA GLY A 210 -37.00 -1.79 -13.90
C GLY A 210 -37.14 -0.34 -13.48
N ARG A 211 -38.36 0.18 -13.36
CA ARG A 211 -38.55 1.55 -12.92
C ARG A 211 -38.39 1.65 -11.41
N SER A 212 -38.05 2.85 -10.95
CA SER A 212 -38.01 3.11 -9.51
C SER A 212 -39.43 3.18 -8.97
N HIS A 213 -39.63 2.56 -7.82
CA HIS A 213 -40.93 2.54 -7.15
C HIS A 213 -40.73 3.04 -5.72
N ARG A 214 -40.38 4.33 -5.61
CA ARG A 214 -40.05 4.94 -4.34
C ARG A 214 -41.21 4.88 -3.36
N GLY A 215 -42.42 5.25 -3.81
CA GLY A 215 -43.52 5.48 -2.90
C GLY A 215 -44.27 4.24 -2.44
N ILE A 216 -44.11 3.11 -3.13
CA ILE A 216 -44.92 1.94 -2.82
C ILE A 216 -44.60 1.40 -1.43
N PHE A 217 -43.33 1.41 -1.03
CA PHE A 217 -42.95 0.75 0.20
C PHE A 217 -43.65 1.37 1.40
N SER A 218 -43.71 2.70 1.45
CA SER A 218 -44.39 3.39 2.55
C SER A 218 -45.83 2.93 2.66
N ARG A 219 -46.54 2.87 1.54
CA ARG A 219 -47.95 2.48 1.58
C ARG A 219 -48.10 1.01 1.92
N LEU A 220 -47.17 0.16 1.48
CA LEU A 220 -47.21 -1.25 1.85
C LEU A 220 -47.13 -1.41 3.37
N LEU A 221 -46.21 -0.68 4.01
CA LEU A 221 -45.97 -0.89 5.43
C LEU A 221 -47.16 -0.39 6.26
N ASP A 222 -47.72 0.76 5.93
CA ASP A 222 -48.91 1.22 6.62
C ASP A 222 -50.07 0.26 6.41
N SER A 223 -50.18 -0.31 5.22
CA SER A 223 -51.22 -1.32 4.97
C SER A 223 -51.05 -2.51 5.90
N LEU A 224 -49.81 -2.94 6.14
CA LEU A 224 -49.60 -4.06 7.05
C LEU A 224 -49.87 -3.69 8.51
N ARG A 225 -49.62 -2.43 8.88
CA ARG A 225 -49.94 -2.00 10.24
C ARG A 225 -51.44 -1.85 10.44
N GLN A 226 -52.12 -1.23 9.47
CA GLN A 226 -53.55 -0.99 9.61
C GLN A 226 -54.32 -2.29 9.74
N GLU A 227 -53.90 -3.33 9.02
CA GLU A 227 -54.59 -4.62 9.11
C GLU A 227 -54.24 -5.39 10.36
N GLY A 228 -53.36 -4.87 11.21
CA GLY A 228 -53.01 -5.51 12.47
C GLY A 228 -51.89 -6.54 12.38
N PHE A 229 -51.26 -6.68 11.21
CA PHE A 229 -50.22 -7.69 11.04
C PHE A 229 -48.89 -7.21 11.62
N LEU A 230 -48.51 -5.96 11.35
CA LEU A 230 -47.32 -5.36 11.95
C LEU A 230 -47.66 -4.80 13.31
N THR A 231 -46.89 -5.21 14.33
CA THR A 231 -47.14 -4.79 15.70
C THR A 231 -46.09 -3.85 16.27
N ASP A 232 -44.90 -3.79 15.68
CA ASP A 232 -43.82 -2.95 16.19
C ASP A 232 -42.82 -2.73 15.06
N ASP A 233 -42.19 -1.56 15.06
CA ASP A 233 -41.05 -1.29 14.21
C ASP A 233 -39.75 -1.47 14.99
N LEU A 234 -38.76 -2.09 14.36
CA LEU A 234 -37.41 -2.15 14.87
C LEU A 234 -36.47 -1.22 14.12
N VAL A 235 -36.50 -1.29 12.80
CA VAL A 235 -35.76 -0.36 11.94
C VAL A 235 -36.76 0.15 10.92
N SER A 236 -37.25 1.37 11.14
CA SER A 236 -38.23 1.93 10.23
C SER A 236 -37.61 2.15 8.84
N GLN A 237 -38.48 2.41 7.87
CA GLN A 237 -38.07 2.45 6.48
C GLN A 237 -36.87 3.40 6.29
N GLU A 238 -35.84 2.89 5.63
CA GLU A 238 -34.61 3.63 5.41
C GLU A 238 -34.02 3.22 4.07
N GLU A 239 -33.02 3.98 3.63
CA GLU A 239 -32.39 3.81 2.32
C GLU A 239 -31.00 3.22 2.47
N ASN A 240 -30.60 2.46 1.47
CA ASN A 240 -29.25 1.90 1.35
C ASN A 240 -28.93 1.98 -0.14
N GLY A 241 -28.24 3.03 -0.55
CA GLY A 241 -28.14 3.28 -1.98
C GLY A 241 -29.54 3.37 -2.56
N GLN A 242 -29.79 2.64 -3.64
CA GLN A 242 -31.11 2.60 -4.27
C GLN A 242 -32.04 1.56 -3.67
N GLN A 243 -31.59 0.81 -2.67
CA GLN A 243 -32.44 -0.15 -2.00
C GLN A 243 -33.13 0.49 -0.80
N GLN A 244 -34.25 -0.11 -0.39
CA GLN A 244 -34.97 0.29 0.80
C GLN A 244 -35.11 -0.91 1.73
N LYS A 245 -35.16 -0.64 3.03
CA LYS A 245 -35.11 -1.70 4.03
C LYS A 245 -36.04 -1.38 5.19
N TYR A 246 -36.67 -2.42 5.74
CA TYR A 246 -37.50 -2.34 6.93
C TYR A 246 -37.31 -3.61 7.75
N LEU A 247 -37.16 -3.45 9.07
CA LEU A 247 -37.19 -4.55 10.01
C LEU A 247 -38.29 -4.28 11.03
N GLY A 248 -39.09 -5.31 11.33
CA GLY A 248 -40.16 -5.11 12.26
C GLY A 248 -40.67 -6.41 12.84
N VAL A 249 -41.78 -6.30 13.54
CA VAL A 249 -42.38 -7.40 14.28
C VAL A 249 -43.78 -7.60 13.76
N CYS A 250 -44.10 -8.82 13.35
CA CYS A 250 -45.43 -9.19 12.89
C CYS A 250 -45.94 -10.34 13.74
N ARG A 251 -47.24 -10.60 13.62
CA ARG A 251 -47.85 -11.77 14.23
C ARG A 251 -49.03 -12.18 13.37
N LEU A 252 -49.05 -13.44 12.95
CA LEU A 252 -50.17 -13.94 12.18
C LEU A 252 -51.44 -13.95 13.03
N PRO A 253 -52.60 -13.96 12.40
CA PRO A 253 -53.85 -13.95 13.17
C PRO A 253 -54.16 -15.31 13.77
N GLY A 254 -55.03 -15.29 14.79
CA GLY A 254 -55.50 -16.49 15.42
C GLY A 254 -54.86 -16.72 16.77
N PRO A 255 -55.28 -17.79 17.45
CA PRO A 255 -54.76 -18.09 18.78
C PRO A 255 -53.42 -18.83 18.73
N GLY A 256 -52.67 -18.69 19.82
CA GLY A 256 -51.42 -19.40 19.97
C GLY A 256 -50.33 -19.00 19.00
N ARG A 257 -50.28 -17.73 18.60
CA ARG A 257 -49.27 -17.24 17.67
C ARG A 257 -48.21 -16.44 18.41
N ARG A 258 -46.96 -16.61 17.98
CA ARG A 258 -45.84 -15.84 18.51
C ARG A 258 -45.58 -14.61 17.65
N HIS A 259 -44.95 -13.62 18.27
CA HIS A 259 -44.44 -12.46 17.53
C HIS A 259 -43.17 -12.86 16.80
N ARG A 260 -43.09 -12.54 15.51
CA ARG A 260 -41.98 -12.94 14.67
C ARG A 260 -41.31 -11.72 14.05
N ARG A 261 -39.99 -11.79 13.90
CA ARG A 261 -39.25 -10.74 13.22
C ARG A 261 -39.42 -10.86 11.71
N LEU A 262 -39.53 -9.71 11.05
CA LEU A 262 -39.78 -9.64 9.62
C LEU A 262 -38.83 -8.62 9.02
N ASP A 263 -38.07 -9.02 8.00
CA ASP A 263 -37.14 -8.15 7.30
C ASP A 263 -37.57 -8.04 5.84
N ILE A 264 -37.73 -6.81 5.37
CA ILE A 264 -38.18 -6.54 4.00
C ILE A 264 -37.16 -5.61 3.35
N ILE A 265 -36.65 -6.02 2.20
CA ILE A 265 -35.75 -5.21 1.38
C ILE A 265 -36.40 -5.04 0.01
N VAL A 266 -36.41 -3.80 -0.47
CA VAL A 266 -36.90 -3.45 -1.80
C VAL A 266 -35.69 -3.03 -2.63
N VAL A 267 -35.56 -3.61 -3.82
CA VAL A 267 -34.36 -3.37 -4.63
C VAL A 267 -34.75 -3.06 -6.07
N PRO A 268 -33.95 -2.26 -6.78
CA PRO A 268 -34.16 -2.14 -8.23
C PRO A 268 -33.90 -3.47 -8.91
N TYR A 269 -34.61 -3.70 -10.01
CA TYR A 269 -34.47 -4.97 -10.71
C TYR A 269 -33.01 -5.21 -11.11
N SER A 270 -32.31 -4.14 -11.52
CA SER A 270 -30.91 -4.26 -11.93
C SER A 270 -30.03 -4.84 -10.83
N GLU A 271 -30.44 -4.75 -9.57
CA GLU A 271 -29.66 -5.27 -8.45
C GLU A 271 -30.26 -6.55 -7.86
N PHE A 272 -31.21 -7.18 -8.54
CA PHE A 272 -31.96 -8.28 -7.94
C PHE A 272 -31.07 -9.49 -7.66
N ALA A 273 -30.22 -9.87 -8.62
CA ALA A 273 -29.42 -11.08 -8.45
C ALA A 273 -28.48 -10.95 -7.25
N CYS A 274 -27.76 -9.83 -7.15
CA CYS A 274 -26.83 -9.65 -6.05
C CYS A 274 -27.55 -9.51 -4.72
N ALA A 275 -28.70 -8.83 -4.71
CA ALA A 275 -29.50 -8.73 -3.49
C ALA A 275 -30.01 -10.10 -3.08
N LEU A 276 -30.52 -10.87 -4.05
CA LEU A 276 -31.00 -12.22 -3.78
C LEU A 276 -29.87 -13.10 -3.25
N LEU A 277 -28.67 -12.99 -3.85
CA LEU A 277 -27.54 -13.79 -3.41
C LEU A 277 -27.20 -13.47 -1.96
N TYR A 278 -27.09 -12.18 -1.63
CA TYR A 278 -26.81 -11.78 -0.26
C TYR A 278 -27.87 -12.30 0.70
N PHE A 279 -29.14 -12.03 0.38
CA PHE A 279 -30.22 -12.28 1.33
C PHE A 279 -30.48 -13.78 1.50
N THR A 280 -30.01 -14.60 0.56
CA THR A 280 -30.13 -16.05 0.69
C THR A 280 -29.04 -16.63 1.58
N GLY A 281 -27.85 -16.03 1.57
CA GLY A 281 -26.81 -16.50 2.47
C GLY A 281 -26.33 -17.90 2.12
N SER A 282 -25.82 -18.63 3.11
CA SER A 282 -25.76 -18.20 4.52
C SER A 282 -24.80 -17.04 4.78
N ALA A 283 -24.72 -16.61 6.04
CA ALA A 283 -23.82 -15.52 6.42
C ALA A 283 -22.37 -15.89 6.13
N HIS A 284 -21.95 -17.10 6.53
CA HIS A 284 -20.57 -17.51 6.30
C HIS A 284 -20.30 -17.81 4.83
N PHE A 285 -21.33 -18.24 4.09
CA PHE A 285 -21.19 -18.35 2.64
C PHE A 285 -20.89 -17.00 2.01
N ASN A 286 -21.65 -15.97 2.40
CA ASN A 286 -21.43 -14.63 1.85
C ASN A 286 -20.02 -14.13 2.16
N ARG A 287 -19.58 -14.28 3.42
CA ARG A 287 -18.26 -13.79 3.78
C ARG A 287 -17.17 -14.52 2.99
N SER A 288 -17.30 -15.84 2.86
CA SER A 288 -16.37 -16.62 2.04
C SER A 288 -16.37 -16.12 0.60
N MET A 289 -17.56 -15.92 0.03
CA MET A 289 -17.65 -15.50 -1.36
C MET A 289 -17.10 -14.09 -1.55
N ARG A 290 -17.43 -13.17 -0.65
CA ARG A 290 -16.92 -11.81 -0.77
C ARG A 290 -15.40 -11.76 -0.61
N ALA A 291 -14.85 -12.58 0.28
CA ALA A 291 -13.40 -12.62 0.42
C ALA A 291 -12.75 -13.14 -0.86
N LEU A 292 -13.32 -14.19 -1.45
CA LEU A 292 -12.79 -14.70 -2.72
C LEU A 292 -12.79 -13.63 -3.80
N ALA A 293 -13.87 -12.85 -3.88
CA ALA A 293 -13.92 -11.76 -4.85
C ALA A 293 -12.82 -10.74 -4.58
N LYS A 294 -12.54 -10.46 -3.30
CA LYS A 294 -11.50 -9.49 -2.96
C LYS A 294 -10.14 -9.95 -3.47
N THR A 295 -9.83 -11.24 -3.33
CA THR A 295 -8.54 -11.74 -3.81
C THR A 295 -8.42 -11.66 -5.31
N LYS A 296 -9.54 -11.58 -6.03
CA LYS A 296 -9.55 -11.48 -7.48
C LYS A 296 -9.71 -10.03 -7.95
N GLY A 297 -9.45 -9.07 -7.07
CA GLY A 297 -9.55 -7.67 -7.45
C GLY A 297 -10.96 -7.16 -7.61
N MET A 298 -11.93 -7.84 -7.02
CA MET A 298 -13.34 -7.50 -7.16
C MET A 298 -13.92 -7.15 -5.79
N SER A 299 -15.20 -6.75 -5.80
CA SER A 299 -15.91 -6.39 -4.58
C SER A 299 -17.36 -6.81 -4.73
N LEU A 300 -17.85 -7.61 -3.78
CA LEU A 300 -19.21 -8.13 -3.81
C LEU A 300 -19.99 -7.56 -2.64
N SER A 301 -21.16 -7.00 -2.94
CA SER A 301 -22.05 -6.48 -1.91
C SER A 301 -23.49 -6.85 -2.22
N GLU A 302 -24.40 -6.27 -1.44
CA GLU A 302 -25.83 -6.40 -1.67
C GLU A 302 -26.26 -5.79 -2.98
N HIS A 303 -25.52 -4.79 -3.48
CA HIS A 303 -25.86 -4.03 -4.67
C HIS A 303 -25.24 -4.56 -5.95
N ALA A 304 -24.02 -5.05 -5.90
CA ALA A 304 -23.31 -5.31 -7.15
C ALA A 304 -22.03 -6.07 -6.89
N LEU A 305 -21.59 -6.79 -7.93
CA LEU A 305 -20.22 -7.27 -8.05
C LEU A 305 -19.44 -6.25 -8.90
N SER A 306 -18.32 -5.78 -8.37
CA SER A 306 -17.56 -4.69 -8.99
C SER A 306 -16.09 -5.06 -9.10
N THR A 307 -15.32 -4.16 -9.69
CA THR A 307 -13.87 -4.20 -9.69
C THR A 307 -13.34 -3.25 -8.61
N ALA A 308 -12.01 -3.22 -8.46
CA ALA A 308 -11.39 -2.34 -7.49
C ALA A 308 -11.60 -0.88 -7.87
N GLY A 321 -15.06 2.15 -9.30
CA GLY A 321 -15.35 0.73 -9.35
C GLY A 321 -16.42 0.39 -10.37
N ARG A 322 -16.05 -0.42 -11.36
CA ARG A 322 -16.95 -0.76 -12.46
C ARG A 322 -17.91 -1.87 -12.03
N VAL A 323 -19.20 -1.59 -12.06
CA VAL A 323 -20.21 -2.62 -11.81
C VAL A 323 -20.24 -3.59 -12.98
N LEU A 324 -20.03 -4.88 -12.70
CA LEU A 324 -20.15 -5.89 -13.74
C LEU A 324 -21.60 -6.34 -13.88
N PRO A 325 -22.04 -6.71 -15.08
CA PRO A 325 -23.45 -7.11 -15.26
C PRO A 325 -23.71 -8.49 -14.70
N THR A 326 -24.73 -8.60 -13.84
CA THR A 326 -25.09 -9.87 -13.21
C THR A 326 -26.61 -10.04 -13.26
N PRO A 327 -27.13 -10.54 -14.39
CA PRO A 327 -28.58 -10.79 -14.46
C PRO A 327 -29.08 -11.87 -13.52
N THR A 328 -28.25 -12.87 -13.19
CA THR A 328 -28.66 -13.97 -12.34
C THR A 328 -27.53 -14.35 -11.40
N GLU A 329 -27.88 -15.13 -10.37
CA GLU A 329 -26.89 -15.60 -9.41
C GLU A 329 -25.76 -16.36 -10.10
N LYS A 330 -26.10 -17.16 -11.11
CA LYS A 330 -25.08 -17.97 -11.76
C LYS A 330 -23.97 -17.11 -12.34
N ASP A 331 -24.29 -15.87 -12.71
CA ASP A 331 -23.28 -15.00 -13.28
C ASP A 331 -22.23 -14.62 -12.23
N VAL A 332 -22.66 -14.44 -10.98
CA VAL A 332 -21.71 -14.14 -9.90
C VAL A 332 -20.79 -15.33 -9.65
N PHE A 333 -21.38 -16.52 -9.49
CA PHE A 333 -20.57 -17.73 -9.35
C PHE A 333 -19.56 -17.85 -10.48
N ARG A 334 -20.03 -17.69 -11.73
CA ARG A 334 -19.14 -17.83 -12.88
C ARG A 334 -18.01 -16.80 -12.83
N LEU A 335 -18.36 -15.53 -12.64
CA LEU A 335 -17.34 -14.48 -12.64
C LEU A 335 -16.31 -14.68 -11.54
N LEU A 336 -16.65 -15.42 -10.48
CA LEU A 336 -15.70 -15.73 -9.42
C LEU A 336 -15.06 -17.10 -9.59
N GLY A 337 -15.28 -17.76 -10.72
CA GLY A 337 -14.69 -19.06 -10.95
C GLY A 337 -15.22 -20.16 -10.07
N LEU A 338 -16.46 -20.02 -9.56
CA LEU A 338 -17.03 -21.00 -8.64
C LEU A 338 -18.10 -21.83 -9.32
N PRO A 339 -18.17 -23.13 -9.05
CA PRO A 339 -19.32 -23.92 -9.50
C PRO A 339 -20.59 -23.45 -8.81
N TYR A 340 -21.70 -23.48 -9.53
CA TYR A 340 -22.95 -23.02 -8.97
C TYR A 340 -23.38 -23.94 -7.82
N ARG A 341 -24.02 -23.34 -6.83
CA ARG A 341 -24.58 -24.07 -5.69
C ARG A 341 -26.05 -23.67 -5.56
N GLU A 342 -26.94 -24.65 -5.58
CA GLU A 342 -28.32 -24.38 -5.23
C GLU A 342 -28.36 -23.76 -3.84
N PRO A 343 -29.36 -22.93 -3.55
CA PRO A 343 -29.45 -22.34 -2.20
C PRO A 343 -29.25 -23.32 -1.07
N ALA A 344 -29.80 -24.54 -1.16
CA ALA A 344 -29.66 -25.49 -0.07
C ALA A 344 -28.22 -25.95 0.14
N GLU A 345 -27.35 -25.77 -0.84
CA GLU A 345 -25.94 -26.14 -0.71
C GLU A 345 -25.07 -24.96 -0.27
N ARG A 346 -25.67 -23.85 0.16
CA ARG A 346 -24.94 -22.69 0.68
C ARG A 346 -25.13 -22.54 2.19
N ASP A 347 -25.50 -23.62 2.87
CA ASP A 347 -25.90 -23.56 4.28
C ASP A 347 -24.68 -23.76 5.18
N TRP A 348 -23.69 -22.88 5.00
CA TRP A 348 -22.48 -22.93 5.80
C TRP A 348 -22.63 -22.17 7.10
N TRP E 12 -1.47 25.14 7.61
CA TRP E 12 -2.10 24.61 8.81
C TRP E 12 -2.90 25.67 9.55
N VAL E 13 -4.22 25.45 9.68
CA VAL E 13 -5.07 26.38 10.39
C VAL E 13 -4.64 26.52 11.85
N CYS E 14 -3.97 25.51 12.39
CA CYS E 14 -3.78 25.39 13.83
C CYS E 14 -2.44 25.93 14.32
N ALA E 15 -1.45 26.08 13.45
CA ALA E 15 -0.21 26.78 13.84
C ALA E 15 -0.39 28.29 13.90
N GLN E 16 -1.44 28.81 13.26
CA GLN E 16 -1.74 30.24 13.19
C GLN E 16 -2.92 30.60 14.09
N PRO E 17 -2.87 31.74 14.77
CA PRO E 17 -4.11 32.28 15.36
C PRO E 17 -5.11 32.70 14.29
N SER E 18 -6.40 32.66 14.68
CA SER E 18 -7.49 32.81 13.74
C SER E 18 -7.90 34.25 13.47
N SER E 19 -7.54 35.18 14.36
CA SER E 19 -7.80 36.60 14.12
C SER E 19 -6.99 37.18 12.94
N GLN E 20 -6.26 36.36 12.19
CA GLN E 20 -5.71 36.79 10.92
C GLN E 20 -6.82 36.91 9.86
N LYS E 21 -7.89 36.15 10.03
CA LYS E 21 -9.12 36.38 9.30
C LYS E 21 -9.94 37.52 9.89
N ALA E 22 -9.31 38.36 10.72
CA ALA E 22 -9.98 39.49 11.33
C ALA E 22 -10.84 40.23 10.32
N THR E 23 -10.21 40.77 9.29
CA THR E 23 -10.89 41.56 8.27
C THR E 23 -10.57 40.97 6.91
N ASN E 24 -11.61 40.62 6.15
CA ASN E 24 -11.47 40.01 4.83
C ASN E 24 -11.35 41.11 3.79
N HIS E 25 -10.14 41.27 3.26
CA HIS E 25 -9.86 42.25 2.22
C HIS E 25 -10.18 41.74 0.84
N ASN E 26 -11.07 40.74 0.74
CA ASN E 26 -11.28 40.03 -0.51
C ASN E 26 -12.72 39.51 -0.64
N LEU E 27 -13.69 40.23 -0.08
CA LEU E 27 -15.06 39.72 -0.05
C LEU E 27 -15.65 39.59 -1.44
N HIS E 28 -15.29 40.48 -2.37
CA HIS E 28 -15.76 40.33 -3.75
C HIS E 28 -15.37 38.96 -4.31
N ILE E 29 -14.23 38.43 -3.86
CA ILE E 29 -13.77 37.12 -4.33
C ILE E 29 -14.56 36.01 -3.63
N THR E 30 -14.54 36.02 -2.30
CA THR E 30 -14.93 34.84 -1.53
C THR E 30 -16.43 34.62 -1.54
N GLU E 31 -17.23 35.69 -1.63
CA GLU E 31 -18.68 35.53 -1.70
C GLU E 31 -19.07 34.71 -2.92
N LYS E 32 -18.39 34.92 -4.05
CA LYS E 32 -18.70 34.16 -5.25
C LYS E 32 -18.18 32.73 -5.14
N LEU E 33 -17.01 32.54 -4.53
CA LEU E 33 -16.50 31.18 -4.33
C LEU E 33 -17.34 30.42 -3.32
N GLU E 34 -17.92 31.10 -2.33
CA GLU E 34 -18.85 30.43 -1.42
C GLU E 34 -19.95 29.74 -2.21
N VAL E 35 -20.52 30.45 -3.19
CA VAL E 35 -21.63 29.90 -3.95
C VAL E 35 -21.23 28.58 -4.58
N LEU E 36 -20.02 28.49 -5.13
CA LEU E 36 -19.59 27.25 -5.76
C LEU E 36 -19.28 26.17 -4.71
N ALA E 37 -18.62 26.55 -3.61
CA ALA E 37 -18.34 25.60 -2.54
C ALA E 37 -19.63 24.93 -2.06
N LYS E 38 -20.65 25.74 -1.76
CA LYS E 38 -21.93 25.22 -1.31
C LYS E 38 -22.56 24.32 -2.37
N ALA E 39 -22.40 24.69 -3.65
CA ALA E 39 -23.03 23.92 -4.71
C ALA E 39 -22.38 22.55 -4.88
N TYR E 40 -21.05 22.50 -4.94
CA TYR E 40 -20.35 21.22 -5.00
C TYR E 40 -20.68 20.38 -3.79
N SER E 41 -20.79 21.01 -2.61
CA SER E 41 -21.07 20.27 -1.39
C SER E 41 -22.42 19.57 -1.46
N VAL E 42 -23.46 20.30 -1.85
CA VAL E 42 -24.81 19.72 -1.84
C VAL E 42 -24.97 18.64 -2.90
N GLN E 43 -24.12 18.64 -3.93
CA GLN E 43 -24.04 17.51 -4.84
C GLN E 43 -23.18 16.37 -4.29
N GLY E 44 -22.61 16.54 -3.10
CA GLY E 44 -21.74 15.52 -2.56
C GLY E 44 -20.40 15.41 -3.23
N ASP E 45 -19.96 16.42 -3.98
CA ASP E 45 -18.57 16.48 -4.42
C ASP E 45 -17.74 17.03 -3.26
N LYS E 46 -17.61 16.19 -2.22
CA LYS E 46 -17.12 16.67 -0.93
C LYS E 46 -15.66 17.09 -1.00
N TRP E 47 -14.86 16.45 -1.83
CA TRP E 47 -13.44 16.80 -1.89
C TRP E 47 -13.22 18.08 -2.68
N ARG E 48 -13.90 18.26 -3.82
CA ARG E 48 -13.89 19.55 -4.49
C ARG E 48 -14.33 20.64 -3.53
N ALA E 49 -15.45 20.40 -2.84
CA ALA E 49 -15.96 21.38 -1.88
C ALA E 49 -14.93 21.71 -0.82
N LEU E 50 -14.25 20.70 -0.30
CA LEU E 50 -13.24 20.96 0.73
C LEU E 50 -12.11 21.82 0.20
N GLY E 51 -11.73 21.62 -1.07
CA GLY E 51 -10.68 22.45 -1.65
C GLY E 51 -11.09 23.92 -1.73
N TYR E 52 -12.32 24.18 -2.18
CA TYR E 52 -12.84 25.54 -2.18
C TYR E 52 -12.83 26.14 -0.78
N ALA E 53 -13.18 25.33 0.23
CA ALA E 53 -13.25 25.81 1.60
C ALA E 53 -11.90 26.25 2.14
N LYS E 54 -10.84 25.50 1.83
CA LYS E 54 -9.50 25.90 2.22
C LYS E 54 -9.05 27.15 1.47
N ALA E 55 -9.40 27.25 0.18
CA ALA E 55 -9.01 28.43 -0.59
C ALA E 55 -9.70 29.67 -0.03
N ILE E 56 -10.97 29.55 0.32
CA ILE E 56 -11.71 30.70 0.85
C ILE E 56 -11.10 31.16 2.17
N ASN E 57 -10.87 30.25 3.10
CA ASN E 57 -10.21 30.60 4.35
C ASN E 57 -8.87 31.28 4.11
N ALA E 58 -8.13 30.83 3.10
CA ALA E 58 -6.83 31.43 2.80
C ALA E 58 -6.98 32.88 2.37
N LEU E 59 -8.00 33.18 1.57
CA LEU E 59 -8.23 34.56 1.12
C LEU E 59 -8.68 35.46 2.27
N LYS E 60 -9.63 34.97 3.07
CA LYS E 60 -10.16 35.78 4.17
C LYS E 60 -9.07 36.22 5.13
N SER E 61 -8.04 35.41 5.31
CA SER E 61 -6.96 35.71 6.24
C SER E 61 -5.75 36.33 5.56
N PHE E 62 -5.78 36.47 4.24
CA PHE E 62 -4.70 37.16 3.54
C PHE E 62 -4.72 38.64 3.93
N HIS E 63 -3.55 39.16 4.31
CA HIS E 63 -3.48 40.47 4.95
C HIS E 63 -3.88 41.61 4.04
N LYS E 64 -3.97 41.41 2.73
CA LYS E 64 -4.27 42.50 1.81
C LYS E 64 -5.17 42.02 0.70
N PRO E 65 -5.79 42.94 -0.04
CA PRO E 65 -6.53 42.54 -1.25
C PRO E 65 -5.59 41.91 -2.27
N VAL E 66 -6.08 40.85 -2.92
CA VAL E 66 -5.32 40.18 -3.97
C VAL E 66 -5.43 40.98 -5.25
N THR E 67 -4.30 41.13 -5.96
CA THR E 67 -4.23 42.03 -7.11
C THR E 67 -3.73 41.40 -8.40
N SER E 68 -3.05 40.25 -8.34
CA SER E 68 -2.50 39.61 -9.53
C SER E 68 -2.64 38.09 -9.41
N TYR E 69 -2.57 37.43 -10.57
CA TYR E 69 -2.54 35.97 -10.59
C TYR E 69 -1.37 35.46 -9.76
N GLN E 70 -0.17 36.00 -10.00
CA GLN E 70 1.00 35.53 -9.26
C GLN E 70 0.80 35.66 -7.76
N GLU E 71 0.24 36.78 -7.31
CA GLU E 71 -0.06 36.95 -5.89
C GLU E 71 -0.99 35.84 -5.39
N ALA E 72 -2.07 35.59 -6.14
CA ALA E 72 -3.01 34.56 -5.73
C ALA E 72 -2.31 33.21 -5.58
N CYS E 73 -1.43 32.86 -6.53
CA CYS E 73 -0.78 31.56 -6.51
C CYS E 73 0.24 31.43 -5.39
N SER E 74 0.77 32.54 -4.87
CA SER E 74 1.68 32.48 -3.74
C SER E 74 0.95 32.14 -2.45
N ILE E 75 -0.36 32.31 -2.40
CA ILE E 75 -1.15 32.00 -1.21
C ILE E 75 -1.28 30.49 -1.06
N PRO E 76 -0.80 29.91 0.05
CA PRO E 76 -1.02 28.47 0.28
C PRO E 76 -2.51 28.15 0.32
N GLY E 77 -2.93 27.23 -0.53
CA GLY E 77 -4.32 26.83 -0.67
C GLY E 77 -4.96 27.29 -1.97
N ILE E 78 -4.32 28.19 -2.70
CA ILE E 78 -4.77 28.60 -4.03
C ILE E 78 -3.74 28.07 -5.03
N GLY E 79 -4.21 27.22 -5.95
CA GLY E 79 -3.43 26.79 -7.07
C GLY E 79 -3.86 27.45 -8.37
N LYS E 80 -3.47 26.81 -9.47
CA LYS E 80 -3.65 27.43 -10.78
C LYS E 80 -5.13 27.60 -11.12
N ARG E 81 -5.93 26.55 -10.95
CA ARG E 81 -7.32 26.63 -11.40
C ARG E 81 -8.14 27.61 -10.56
N MET E 82 -7.84 27.70 -9.26
CA MET E 82 -8.52 28.68 -8.42
C MET E 82 -8.05 30.10 -8.74
N ALA E 83 -6.79 30.27 -9.13
CA ALA E 83 -6.28 31.60 -9.45
C ALA E 83 -6.81 32.08 -10.80
N GLU E 84 -7.09 31.17 -11.73
CA GLU E 84 -7.77 31.55 -12.97
C GLU E 84 -9.12 32.17 -12.69
N LYS E 85 -9.83 31.65 -11.69
CA LYS E 85 -11.15 32.18 -11.35
C LYS E 85 -11.04 33.50 -10.61
N ILE E 86 -9.96 33.69 -9.85
CA ILE E 86 -9.75 34.98 -9.19
C ILE E 86 -9.39 36.05 -10.21
N ILE E 87 -8.51 35.72 -11.15
CA ILE E 87 -8.17 36.67 -12.20
C ILE E 87 -9.42 37.08 -12.97
N GLU E 88 -10.26 36.11 -13.33
CA GLU E 88 -11.48 36.43 -14.08
C GLU E 88 -12.36 37.38 -13.30
N ILE E 89 -12.58 37.11 -12.01
CA ILE E 89 -13.34 38.05 -11.19
C ILE E 89 -12.64 39.40 -11.14
N LEU E 90 -11.31 39.39 -11.01
CA LEU E 90 -10.54 40.62 -10.86
C LEU E 90 -10.39 41.41 -12.14
N GLU E 91 -10.59 40.78 -13.30
CA GLU E 91 -10.44 41.45 -14.59
C GLU E 91 -11.77 41.80 -15.25
N SER E 92 -12.89 41.40 -14.67
CA SER E 92 -14.18 41.56 -15.33
C SER E 92 -15.31 41.84 -14.35
N GLY E 93 -15.10 41.59 -13.06
CA GLY E 93 -16.15 41.72 -12.08
C GLY E 93 -17.17 40.61 -12.08
N HIS E 94 -16.94 39.55 -12.83
CA HIS E 94 -17.91 38.47 -13.01
C HIS E 94 -17.18 37.14 -13.01
N LEU E 95 -17.93 36.07 -12.72
CA LEU E 95 -17.43 34.70 -12.84
C LEU E 95 -18.44 33.91 -13.65
N ARG E 96 -18.06 33.57 -14.90
CA ARG E 96 -18.99 32.90 -15.80
C ARG E 96 -19.51 31.60 -15.22
N LYS E 97 -18.66 30.88 -14.47
CA LYS E 97 -19.03 29.56 -14.00
C LYS E 97 -20.23 29.58 -13.06
N LEU E 98 -20.51 30.71 -12.42
CA LEU E 98 -21.70 30.82 -11.58
C LEU E 98 -22.97 30.74 -12.42
N ASP E 99 -22.92 31.20 -13.67
CA ASP E 99 -24.13 31.23 -14.48
C ASP E 99 -24.62 29.83 -14.85
N HIS E 100 -23.75 28.82 -14.76
CA HIS E 100 -24.04 27.49 -15.25
C HIS E 100 -24.37 26.51 -14.13
N ILE E 101 -24.79 26.99 -12.97
CA ILE E 101 -25.11 26.11 -11.85
C ILE E 101 -26.46 25.45 -12.14
N SER E 102 -26.52 24.14 -11.93
CA SER E 102 -27.77 23.42 -12.14
C SER E 102 -28.90 24.05 -11.35
N GLU E 103 -30.08 24.11 -11.98
CA GLU E 103 -31.28 24.66 -11.35
C GLU E 103 -31.66 23.91 -10.08
N SER E 104 -31.19 22.68 -9.91
CA SER E 104 -31.56 21.88 -8.75
C SER E 104 -30.85 22.33 -7.46
N VAL E 105 -29.74 23.06 -7.59
CA VAL E 105 -28.88 23.31 -6.43
C VAL E 105 -29.59 24.11 -5.33
N PRO E 106 -30.27 25.22 -5.63
CA PRO E 106 -31.02 25.90 -4.56
C PRO E 106 -32.08 25.02 -3.91
N VAL E 107 -32.71 24.11 -4.65
CA VAL E 107 -33.73 23.25 -4.03
C VAL E 107 -33.05 22.23 -3.12
N LEU E 108 -31.93 21.66 -3.57
CA LEU E 108 -31.21 20.69 -2.75
C LEU E 108 -30.64 21.33 -1.49
N GLU E 109 -30.23 22.59 -1.57
CA GLU E 109 -29.76 23.29 -0.39
C GLU E 109 -30.91 23.59 0.56
N LEU E 110 -32.08 23.88 0.02
CA LEU E 110 -33.25 24.06 0.87
C LEU E 110 -33.53 22.79 1.67
N PHE E 111 -33.41 21.63 1.02
CA PHE E 111 -33.77 20.37 1.67
C PHE E 111 -32.73 19.97 2.70
N SER E 112 -31.45 20.16 2.40
CA SER E 112 -30.42 19.77 3.37
C SER E 112 -30.40 20.68 4.60
N ASN E 113 -31.03 21.86 4.55
CA ASN E 113 -31.20 22.66 5.76
C ASN E 113 -32.19 22.05 6.73
N ILE E 114 -32.94 21.03 6.31
CA ILE E 114 -33.72 20.22 7.25
C ILE E 114 -32.76 19.37 8.06
N TRP E 115 -32.85 19.46 9.39
CA TRP E 115 -32.04 18.64 10.27
C TRP E 115 -32.45 17.18 10.13
N GLY E 116 -31.51 16.34 9.70
CA GLY E 116 -31.78 14.94 9.46
C GLY E 116 -31.80 14.58 8.00
N ALA E 117 -31.88 15.56 7.12
CA ALA E 117 -31.80 15.36 5.67
C ALA E 117 -30.46 15.87 5.17
N GLY E 118 -29.66 14.97 4.60
CA GLY E 118 -28.40 15.36 4.01
C GLY E 118 -28.47 15.30 2.49
N THR E 119 -27.33 15.09 1.85
CA THR E 119 -27.29 15.19 0.39
C THR E 119 -28.09 14.06 -0.28
N LYS E 120 -28.04 12.85 0.27
CA LYS E 120 -28.71 11.74 -0.40
C LYS E 120 -30.23 11.82 -0.25
N THR E 121 -30.72 12.25 0.90
CA THR E 121 -32.15 12.48 1.03
C THR E 121 -32.60 13.61 0.12
N ALA E 122 -31.88 14.74 0.15
CA ALA E 122 -32.24 15.86 -0.71
C ALA E 122 -32.33 15.42 -2.17
N GLN E 123 -31.32 14.68 -2.64
CA GLN E 123 -31.33 14.16 -4.01
C GLN E 123 -32.57 13.27 -4.23
N MET E 124 -32.87 12.39 -3.27
CA MET E 124 -34.03 11.51 -3.42
C MET E 124 -35.31 12.31 -3.56
N TRP E 125 -35.49 13.34 -2.72
CA TRP E 125 -36.71 14.15 -2.77
C TRP E 125 -36.81 14.92 -4.07
N TYR E 126 -35.69 15.43 -4.56
CA TYR E 126 -35.69 16.11 -5.85
C TYR E 126 -36.14 15.15 -6.95
N GLN E 127 -35.58 13.94 -6.95
CA GLN E 127 -35.91 12.96 -7.98
C GLN E 127 -37.37 12.56 -7.93
N GLN E 128 -38.00 12.65 -6.76
CA GLN E 128 -39.43 12.39 -6.66
C GLN E 128 -40.28 13.58 -7.08
N GLY E 129 -39.66 14.70 -7.48
CA GLY E 129 -40.38 15.86 -7.96
C GLY E 129 -40.64 16.95 -6.95
N PHE E 130 -40.30 16.75 -5.69
CA PHE E 130 -40.53 17.76 -4.67
C PHE E 130 -39.60 18.95 -4.89
N ARG E 131 -40.15 20.16 -4.73
CA ARG E 131 -39.40 21.39 -4.97
C ARG E 131 -39.52 22.44 -3.87
N SER E 132 -40.36 22.22 -2.86
CA SER E 132 -40.59 23.19 -1.80
C SER E 132 -40.65 22.46 -0.46
N LEU E 133 -40.66 23.23 0.63
CA LEU E 133 -40.83 22.63 1.96
C LEU E 133 -42.26 22.13 2.15
N GLU E 134 -43.25 22.87 1.65
CA GLU E 134 -44.63 22.38 1.67
C GLU E 134 -44.77 21.06 0.92
N ASP E 135 -44.00 20.87 -0.15
CA ASP E 135 -43.97 19.59 -0.83
C ASP E 135 -43.46 18.49 0.09
N ILE E 136 -42.36 18.76 0.81
CA ILE E 136 -41.84 17.76 1.75
C ILE E 136 -42.86 17.49 2.85
N ARG E 137 -43.46 18.54 3.40
CA ARG E 137 -44.37 18.35 4.52
C ARG E 137 -45.56 17.47 4.12
N SER E 138 -46.21 17.78 3.02
CA SER E 138 -47.47 17.12 2.70
C SER E 138 -47.30 15.71 2.16
N GLN E 139 -46.23 15.46 1.39
CA GLN E 139 -46.21 14.23 0.60
C GLN E 139 -44.84 13.53 0.54
N ALA E 140 -43.93 13.84 1.45
CA ALA E 140 -42.68 13.11 1.55
C ALA E 140 -42.71 12.22 2.78
N SER E 141 -42.05 11.06 2.69
CA SER E 141 -41.93 10.15 3.83
C SER E 141 -40.77 10.62 4.70
N LEU E 142 -41.09 11.09 5.92
CA LEU E 142 -40.13 11.70 6.82
C LEU E 142 -39.77 10.77 7.96
N THR E 143 -38.49 10.70 8.31
CA THR E 143 -38.10 10.09 9.56
C THR E 143 -38.61 10.95 10.73
N THR E 144 -38.59 10.36 11.93
CA THR E 144 -39.00 11.08 13.12
C THR E 144 -38.18 12.35 13.31
N GLN E 145 -36.86 12.27 13.12
CA GLN E 145 -36.04 13.46 13.35
C GLN E 145 -36.16 14.45 12.20
N GLN E 146 -36.31 13.97 10.95
CA GLN E 146 -36.54 14.92 9.86
C GLN E 146 -37.77 15.76 10.10
N ALA E 147 -38.86 15.15 10.59
CA ALA E 147 -40.07 15.89 10.88
C ALA E 147 -39.84 16.93 11.98
N ILE E 148 -39.05 16.60 12.99
CA ILE E 148 -38.71 17.58 14.01
C ILE E 148 -37.92 18.72 13.39
N GLY E 149 -36.99 18.40 12.50
CA GLY E 149 -36.20 19.44 11.86
C GLY E 149 -37.04 20.34 10.97
N LEU E 150 -38.02 19.78 10.29
CA LEU E 150 -38.87 20.59 9.43
C LEU E 150 -39.83 21.43 10.25
N LYS E 151 -40.38 20.87 11.33
CA LYS E 151 -41.28 21.62 12.20
C LYS E 151 -40.57 22.83 12.82
N HIS E 152 -39.27 22.74 13.06
CA HIS E 152 -38.50 23.84 13.64
C HIS E 152 -37.55 24.46 12.62
N TYR E 153 -37.92 24.39 11.34
CA TYR E 153 -37.01 24.71 10.27
C TYR E 153 -36.38 26.09 10.45
N SER E 154 -37.23 27.11 10.61
CA SER E 154 -36.73 28.49 10.70
C SER E 154 -36.01 28.74 12.02
N ASP E 155 -36.56 28.21 13.12
CA ASP E 155 -35.90 28.34 14.42
C ASP E 155 -34.46 27.85 14.35
N PHE E 156 -34.23 26.69 13.72
CA PHE E 156 -32.92 26.06 13.73
C PHE E 156 -31.90 26.79 12.84
N LEU E 157 -32.34 27.69 11.97
CA LEU E 157 -31.43 28.49 11.18
C LEU E 157 -31.08 29.83 11.82
N GLU E 158 -31.80 30.24 12.86
CA GLU E 158 -31.55 31.50 13.56
C GLU E 158 -30.58 31.27 14.72
N ARG E 159 -29.39 31.84 14.61
CA ARG E 159 -28.44 31.83 15.72
C ARG E 159 -28.99 32.63 16.89
N MET E 160 -28.67 32.16 18.09
CA MET E 160 -29.13 32.80 19.30
C MET E 160 -28.06 33.72 19.87
N PRO E 161 -28.45 34.75 20.62
CA PRO E 161 -27.46 35.51 21.39
C PRO E 161 -26.71 34.61 22.34
N ARG E 162 -25.44 34.93 22.59
CA ARG E 162 -24.67 34.08 23.49
C ARG E 162 -25.22 34.15 24.92
N GLU E 163 -25.90 35.24 25.29
CA GLU E 163 -26.53 35.29 26.60
C GLU E 163 -27.63 34.24 26.73
N GLU E 164 -28.41 34.03 25.67
CA GLU E 164 -29.41 32.97 25.70
C GLU E 164 -28.75 31.60 25.89
N ALA E 165 -27.66 31.35 25.17
CA ALA E 165 -26.97 30.08 25.33
C ALA E 165 -26.47 29.93 26.76
N THR E 166 -26.04 31.02 27.40
CA THR E 166 -25.65 30.96 28.79
C THR E 166 -26.80 30.42 29.65
N GLU E 167 -28.00 30.99 29.48
CA GLU E 167 -29.16 30.51 30.24
C GLU E 167 -29.41 29.02 30.00
N ILE E 168 -29.16 28.54 28.78
CA ILE E 168 -29.41 27.14 28.47
C ILE E 168 -28.39 26.24 29.16
N GLU E 169 -27.11 26.61 29.05
CA GLU E 169 -26.06 25.87 29.77
C GLU E 169 -26.38 25.81 31.25
N GLN E 170 -26.79 26.93 31.84
CA GLN E 170 -27.03 26.98 33.28
C GLN E 170 -28.29 26.24 33.67
N THR E 171 -29.24 26.06 32.75
CA THR E 171 -30.34 25.14 33.01
C THR E 171 -29.82 23.71 33.15
N VAL E 172 -28.94 23.29 32.23
CA VAL E 172 -28.40 21.94 32.29
C VAL E 172 -27.55 21.77 33.56
N GLN E 173 -26.65 22.73 33.82
CA GLN E 173 -25.81 22.66 35.01
C GLN E 173 -26.63 22.53 36.28
N LYS E 174 -27.69 23.34 36.42
CA LYS E 174 -28.51 23.28 37.62
C LYS E 174 -29.16 21.91 37.78
N ALA E 175 -29.72 21.36 36.70
CA ALA E 175 -30.30 20.03 36.77
C ALA E 175 -29.25 18.97 37.11
N ALA E 176 -28.04 19.15 36.60
CA ALA E 176 -27.00 18.14 36.82
C ALA E 176 -26.55 18.15 38.28
N GLN E 177 -26.44 19.34 38.88
CA GLN E 177 -26.05 19.48 40.28
C GLN E 177 -26.94 18.68 41.20
N ALA E 178 -28.25 18.78 40.99
CA ALA E 178 -29.23 18.16 41.88
C ALA E 178 -28.97 16.68 42.08
N PHE E 179 -28.35 16.02 41.10
CA PHE E 179 -28.08 14.59 41.16
C PHE E 179 -26.67 14.26 41.60
N ASN E 180 -25.71 15.12 41.29
CA ASN E 180 -24.35 14.97 41.80
C ASN E 180 -23.67 16.32 41.73
N SER E 181 -23.40 16.89 42.90
CA SER E 181 -22.84 18.24 42.96
C SER E 181 -21.44 18.34 42.39
N GLY E 182 -20.76 17.21 42.22
CA GLY E 182 -19.45 17.19 41.62
C GLY E 182 -19.40 17.24 40.10
N LEU E 183 -20.52 17.22 39.40
CA LEU E 183 -20.48 17.25 37.94
C LEU E 183 -20.01 18.61 37.44
N LEU E 184 -19.00 18.60 36.58
CA LEU E 184 -18.51 19.80 35.90
C LEU E 184 -19.19 19.90 34.53
N CYS E 185 -19.78 21.06 34.24
CA CYS E 185 -20.45 21.32 32.97
C CYS E 185 -19.79 22.52 32.30
N VAL E 186 -19.59 22.43 30.99
CA VAL E 186 -18.89 23.45 30.23
C VAL E 186 -19.57 23.66 28.89
N ALA E 187 -19.94 24.90 28.59
CA ALA E 187 -20.38 25.23 27.25
C ALA E 187 -19.17 25.34 26.33
N CYS E 188 -19.24 24.64 25.19
CA CYS E 188 -18.12 24.57 24.26
C CYS E 188 -18.56 25.20 22.96
N GLY E 189 -18.10 24.67 21.83
CA GLY E 189 -18.51 25.19 20.53
C GLY E 189 -18.21 26.66 20.36
N SER E 190 -19.03 27.33 19.52
CA SER E 190 -18.88 28.76 19.31
C SER E 190 -18.92 29.53 20.62
N TYR E 191 -19.69 29.06 21.61
CA TYR E 191 -19.79 29.79 22.86
C TYR E 191 -18.43 29.96 23.51
N ARG E 192 -17.72 28.84 23.69
CA ARG E 192 -16.40 28.94 24.33
C ARG E 192 -15.40 29.70 23.47
N ARG E 193 -15.60 29.76 22.15
CA ARG E 193 -14.69 30.50 21.28
C ARG E 193 -15.02 31.99 21.28
N GLY E 194 -16.13 32.38 21.87
CA GLY E 194 -16.45 33.77 22.11
C GLY E 194 -17.31 34.43 21.06
N LYS E 195 -17.99 33.66 20.24
CA LYS E 195 -18.83 34.26 19.21
C LYS E 195 -19.99 35.00 19.88
N ALA E 196 -20.49 36.02 19.19
CA ALA E 196 -21.61 36.80 19.70
C ALA E 196 -22.92 36.03 19.59
N THR E 197 -22.99 35.05 18.69
CA THR E 197 -24.17 34.22 18.52
C THR E 197 -23.77 32.76 18.36
N CYS E 198 -24.72 31.87 18.62
CA CYS E 198 -24.48 30.43 18.66
C CYS E 198 -25.61 29.71 17.94
N GLY E 199 -25.25 28.85 16.99
CA GLY E 199 -26.27 28.09 16.29
C GLY E 199 -26.92 27.05 17.16
N ASP E 200 -26.20 26.55 18.16
CA ASP E 200 -26.72 25.61 19.13
C ASP E 200 -25.97 25.81 20.44
N VAL E 201 -26.27 24.97 21.42
CA VAL E 201 -25.54 24.94 22.67
C VAL E 201 -24.88 23.57 22.80
N ASP E 202 -23.55 23.56 22.95
CA ASP E 202 -22.77 22.34 23.10
C ASP E 202 -22.25 22.25 24.53
N VAL E 203 -22.82 21.33 25.31
CA VAL E 203 -22.51 21.22 26.73
C VAL E 203 -21.72 19.93 26.96
N LEU E 204 -20.54 20.09 27.55
CA LEU E 204 -19.71 18.96 27.94
C LEU E 204 -19.81 18.72 29.44
N ILE E 205 -19.99 17.46 29.84
CA ILE E 205 -20.13 17.11 31.24
C ILE E 205 -19.14 16.01 31.59
N THR E 206 -18.49 16.16 32.74
CA THR E 206 -17.60 15.15 33.29
C THR E 206 -17.72 15.24 34.80
N HIS E 207 -17.19 14.22 35.48
CA HIS E 207 -17.05 14.23 36.93
C HIS E 207 -15.58 14.12 37.28
N PRO E 208 -15.00 15.07 38.02
CA PRO E 208 -13.56 14.98 38.30
C PRO E 208 -13.17 13.81 39.19
N ASP E 209 -14.14 13.07 39.77
CA ASP E 209 -13.80 11.91 40.58
C ASP E 209 -13.27 10.75 39.75
N GLY E 210 -13.30 10.87 38.42
CA GLY E 210 -12.75 9.87 37.54
C GLY E 210 -13.65 8.71 37.23
N ARG E 211 -14.68 8.47 38.05
CA ARG E 211 -15.51 7.30 37.89
C ARG E 211 -16.45 7.43 36.70
N SER E 212 -16.85 6.28 36.17
CA SER E 212 -18.02 6.23 35.32
C SER E 212 -19.24 6.70 36.11
N HIS E 213 -20.16 7.36 35.41
CA HIS E 213 -21.45 7.76 35.98
C HIS E 213 -22.52 7.44 34.95
N ARG E 214 -22.76 6.14 34.79
CA ARG E 214 -23.66 5.66 33.74
C ARG E 214 -25.09 6.12 33.99
N GLY E 215 -25.59 5.91 35.21
CA GLY E 215 -27.01 6.10 35.47
C GLY E 215 -27.48 7.55 35.57
N ILE E 216 -26.58 8.49 35.88
CA ILE E 216 -27.04 9.85 36.16
C ILE E 216 -27.49 10.56 34.88
N PHE E 217 -26.88 10.28 33.73
CA PHE E 217 -27.21 11.04 32.54
C PHE E 217 -28.67 10.86 32.18
N SER E 218 -29.18 9.63 32.26
CA SER E 218 -30.58 9.41 31.93
C SER E 218 -31.51 10.10 32.93
N ARG E 219 -31.06 10.26 34.18
CA ARG E 219 -31.89 10.93 35.18
C ARG E 219 -31.87 12.43 34.97
N LEU E 220 -30.71 12.97 34.63
CA LEU E 220 -30.61 14.38 34.26
C LEU E 220 -31.57 14.72 33.11
N LEU E 221 -31.59 13.89 32.07
CA LEU E 221 -32.38 14.20 30.89
C LEU E 221 -33.89 14.11 31.18
N ASP E 222 -34.29 13.13 31.99
CA ASP E 222 -35.72 12.97 32.28
C ASP E 222 -36.24 14.13 33.14
N SER E 223 -35.37 14.73 33.95
CA SER E 223 -35.80 15.90 34.71
C SER E 223 -35.83 17.16 33.86
N LEU E 224 -34.95 17.28 32.85
CA LEU E 224 -35.13 18.34 31.86
C LEU E 224 -36.39 18.11 31.04
N ARG E 225 -36.69 16.85 30.70
CA ARG E 225 -37.95 16.55 30.02
C ARG E 225 -39.16 16.92 30.88
N GLN E 226 -39.12 16.57 32.17
CA GLN E 226 -40.31 16.72 33.01
C GLN E 226 -40.55 18.17 33.39
N GLU E 227 -39.50 18.97 33.53
CA GLU E 227 -39.68 20.39 33.80
C GLU E 227 -40.02 21.18 32.54
N GLY E 228 -40.18 20.52 31.39
CA GLY E 228 -40.63 21.20 30.18
C GLY E 228 -39.55 21.91 29.40
N PHE E 229 -38.28 21.76 29.80
CA PHE E 229 -37.19 22.43 29.11
C PHE E 229 -36.87 21.73 27.79
N LEU E 230 -36.83 20.39 27.78
CA LEU E 230 -36.63 19.61 26.57
C LEU E 230 -37.98 19.33 25.90
N THR E 231 -38.12 19.77 24.65
CA THR E 231 -39.37 19.63 23.90
C THR E 231 -39.36 18.46 22.91
N ASP E 232 -38.19 18.00 22.49
CA ASP E 232 -38.07 16.97 21.46
C ASP E 232 -36.68 16.35 21.58
N ASP E 233 -36.59 15.05 21.32
CA ASP E 233 -35.31 14.39 21.17
C ASP E 233 -34.95 14.31 19.69
N LEU E 234 -33.68 14.56 19.38
CA LEU E 234 -33.14 14.32 18.04
C LEU E 234 -32.30 13.05 18.01
N VAL E 235 -31.35 12.95 18.93
CA VAL E 235 -30.53 11.75 19.10
C VAL E 235 -30.64 11.41 20.58
N SER E 236 -31.47 10.43 20.90
CA SER E 236 -31.64 10.06 22.29
C SER E 236 -30.35 9.43 22.82
N GLN E 237 -30.26 9.32 24.14
CA GLN E 237 -29.02 8.93 24.80
C GLN E 237 -28.36 7.72 24.18
N GLU E 238 -27.06 7.82 23.94
CA GLU E 238 -26.34 6.76 23.26
C GLU E 238 -24.87 6.80 23.67
N GLU E 239 -24.19 5.69 23.41
CA GLU E 239 -22.81 5.49 23.85
C GLU E 239 -21.85 5.63 22.67
N ASN E 240 -20.69 6.18 22.96
CA ASN E 240 -19.58 6.26 22.01
C ASN E 240 -18.33 5.94 22.83
N GLY E 241 -17.90 4.69 22.78
CA GLY E 241 -16.89 4.25 23.74
C GLY E 241 -17.42 4.47 25.15
N GLN E 242 -16.60 5.10 25.99
CA GLN E 242 -16.97 5.42 27.36
C GLN E 242 -17.68 6.76 27.49
N GLN E 243 -17.97 7.45 26.38
CA GLN E 243 -18.71 8.69 26.38
C GLN E 243 -20.17 8.40 26.11
N GLN E 244 -21.03 9.33 26.53
CA GLN E 244 -22.45 9.32 26.26
C GLN E 244 -22.84 10.63 25.60
N LYS E 245 -23.94 10.60 24.86
CA LYS E 245 -24.28 11.72 23.99
C LYS E 245 -25.79 11.83 23.88
N TYR E 246 -26.27 13.06 23.94
CA TYR E 246 -27.66 13.40 23.67
C TYR E 246 -27.71 14.65 22.80
N LEU E 247 -28.58 14.62 21.81
CA LEU E 247 -28.90 15.78 20.99
C LEU E 247 -30.40 16.00 21.07
N GLY E 248 -30.82 17.23 21.27
CA GLY E 248 -32.24 17.49 21.36
C GLY E 248 -32.59 18.94 21.19
N VAL E 249 -33.80 19.26 21.60
CA VAL E 249 -34.42 20.56 21.37
C VAL E 249 -34.91 21.05 22.71
N CYS E 250 -34.47 22.24 23.11
CA CYS E 250 -34.92 22.86 24.33
C CYS E 250 -35.58 24.20 24.01
N ARG E 251 -36.18 24.78 25.04
CA ARG E 251 -36.73 26.12 24.94
C ARG E 251 -36.75 26.71 26.35
N LEU E 252 -36.16 27.89 26.51
CA LEU E 252 -36.22 28.56 27.79
C LEU E 252 -37.68 28.90 28.12
N PRO E 253 -38.00 29.04 29.41
CA PRO E 253 -39.37 29.40 29.76
C PRO E 253 -39.65 30.86 29.50
N GLY E 254 -40.93 31.15 29.25
CA GLY E 254 -41.40 32.52 29.17
C GLY E 254 -41.94 32.85 27.80
N PRO E 255 -42.44 34.08 27.65
CA PRO E 255 -42.95 34.51 26.34
C PRO E 255 -41.84 34.75 25.34
N GLY E 256 -42.13 34.47 24.07
CA GLY E 256 -41.28 34.90 22.98
C GLY E 256 -40.04 34.07 22.74
N ARG E 257 -39.97 32.86 23.29
CA ARG E 257 -38.75 32.06 23.19
C ARG E 257 -38.81 31.11 22.00
N ARG E 258 -37.66 30.94 21.35
CA ARG E 258 -37.51 30.03 20.23
C ARG E 258 -36.97 28.67 20.69
N HIS E 259 -37.24 27.66 19.88
CA HIS E 259 -36.64 26.35 20.08
C HIS E 259 -35.19 26.35 19.65
N ARG E 260 -34.32 25.76 20.47
CA ARG E 260 -32.89 25.75 20.24
C ARG E 260 -32.35 24.32 20.31
N ARG E 261 -31.35 24.05 19.45
CA ARG E 261 -30.66 22.76 19.49
C ARG E 261 -29.73 22.71 20.70
N LEU E 262 -29.76 21.57 21.38
CA LEU E 262 -28.95 21.31 22.57
C LEU E 262 -28.23 19.99 22.40
N ASP E 263 -26.90 20.03 22.48
CA ASP E 263 -26.04 18.88 22.41
C ASP E 263 -25.32 18.71 23.73
N ILE E 264 -25.37 17.51 24.30
CA ILE E 264 -24.74 17.20 25.58
C ILE E 264 -23.88 15.95 25.40
N ILE E 265 -22.62 16.04 25.83
CA ILE E 265 -21.69 14.92 25.83
C ILE E 265 -21.20 14.75 27.26
N VAL E 266 -21.28 13.52 27.77
CA VAL E 266 -20.73 13.15 29.08
C VAL E 266 -19.50 12.29 28.84
N VAL E 267 -18.39 12.66 29.49
CA VAL E 267 -17.13 11.95 29.27
C VAL E 267 -16.45 11.63 30.59
N PRO E 268 -15.72 10.52 30.69
CA PRO E 268 -14.88 10.29 31.87
C PRO E 268 -13.71 11.27 31.89
N TYR E 269 -13.27 11.60 33.10
CA TYR E 269 -12.31 12.70 33.24
C TYR E 269 -11.04 12.44 32.44
N SER E 270 -10.63 11.18 32.30
CA SER E 270 -9.40 10.88 31.58
C SER E 270 -9.46 11.32 30.12
N GLU E 271 -10.66 11.47 29.56
CA GLU E 271 -10.82 11.92 28.18
C GLU E 271 -11.21 13.39 28.08
N PHE E 272 -11.15 14.13 29.20
CA PHE E 272 -11.76 15.46 29.26
C PHE E 272 -11.04 16.44 28.36
N ALA E 273 -9.71 16.36 28.28
CA ALA E 273 -8.96 17.34 27.52
C ALA E 273 -9.22 17.19 26.03
N CYS E 274 -9.19 15.95 25.54
CA CYS E 274 -9.46 15.72 24.13
C CYS E 274 -10.91 16.00 23.78
N ALA E 275 -11.84 15.68 24.68
CA ALA E 275 -13.25 15.95 24.40
C ALA E 275 -13.53 17.45 24.38
N LEU E 276 -12.89 18.19 25.28
CA LEU E 276 -13.07 19.64 25.32
C LEU E 276 -12.48 20.27 24.06
N LEU E 277 -11.29 19.80 23.66
CA LEU E 277 -10.63 20.28 22.45
C LEU E 277 -11.52 20.04 21.22
N TYR E 278 -12.00 18.81 21.07
CA TYR E 278 -12.91 18.50 19.97
C TYR E 278 -14.15 19.39 20.03
N PHE E 279 -14.79 19.46 21.20
CA PHE E 279 -16.09 20.12 21.29
C PHE E 279 -15.96 21.63 21.15
N THR E 280 -14.77 22.18 21.41
CA THR E 280 -14.54 23.61 21.24
C THR E 280 -14.29 23.97 19.78
N GLY E 281 -13.61 23.10 19.04
CA GLY E 281 -13.48 23.38 17.62
C GLY E 281 -12.59 24.60 17.37
N SER E 282 -12.73 25.20 16.19
CA SER E 282 -13.79 24.91 15.22
C SER E 282 -13.60 23.60 14.47
N ALA E 283 -14.59 23.28 13.62
CA ALA E 283 -14.51 22.08 12.81
C ALA E 283 -13.24 22.06 11.95
N HIS E 284 -12.93 23.16 11.29
CA HIS E 284 -11.75 23.16 10.42
C HIS E 284 -10.48 23.21 11.25
N PHE E 285 -10.53 23.79 12.44
CA PHE E 285 -9.40 23.66 13.37
C PHE E 285 -9.17 22.19 13.75
N ASN E 286 -10.24 21.47 14.09
CA ASN E 286 -10.08 20.06 14.46
C ASN E 286 -9.50 19.24 13.31
N ARG E 287 -10.05 19.43 12.11
CA ARG E 287 -9.54 18.71 10.94
C ARG E 287 -8.06 19.03 10.70
N SER E 288 -7.71 20.32 10.82
CA SER E 288 -6.30 20.71 10.66
C SER E 288 -5.44 20.02 11.71
N MET E 289 -5.80 20.14 12.98
CA MET E 289 -5.04 19.49 14.02
C MET E 289 -5.02 17.96 13.87
N ARG E 290 -6.11 17.36 13.40
CA ARG E 290 -6.13 15.90 13.30
C ARG E 290 -5.26 15.42 12.15
N ALA E 291 -5.30 16.13 11.02
CA ALA E 291 -4.39 15.83 9.92
C ALA E 291 -2.94 15.90 10.40
N LEU E 292 -2.61 16.98 11.10
CA LEU E 292 -1.24 17.17 11.60
C LEU E 292 -0.81 15.99 12.47
N ALA E 293 -1.66 15.59 13.42
CA ALA E 293 -1.34 14.43 14.25
C ALA E 293 -1.06 13.21 13.39
N LYS E 294 -1.79 13.06 12.29
CA LYS E 294 -1.57 11.93 11.39
C LYS E 294 -0.17 11.97 10.80
N THR E 295 0.24 13.15 10.29
CA THR E 295 1.53 13.22 9.59
C THR E 295 2.66 12.74 10.48
N LYS E 296 2.61 13.04 11.78
CA LYS E 296 3.66 12.62 12.69
C LYS E 296 3.26 11.43 13.54
N GLY E 297 2.61 10.43 12.92
CA GLY E 297 2.52 9.10 13.50
C GLY E 297 1.43 8.90 14.53
N MET E 298 0.57 9.88 14.75
CA MET E 298 -0.39 9.87 15.84
C MET E 298 -1.80 10.00 15.32
N SER E 299 -2.78 9.76 16.20
CA SER E 299 -4.18 9.89 15.83
C SER E 299 -4.95 10.62 16.93
N LEU E 300 -5.68 11.67 16.55
CA LEU E 300 -6.41 12.51 17.49
C LEU E 300 -7.91 12.32 17.28
N SER E 301 -8.63 12.04 18.36
CA SER E 301 -10.06 11.90 18.32
C SER E 301 -10.66 12.63 19.51
N GLU E 302 -11.99 12.52 19.61
CA GLU E 302 -12.74 12.93 20.79
C GLU E 302 -12.28 12.24 22.07
N HIS E 303 -11.64 11.07 21.96
CA HIS E 303 -11.31 10.26 23.13
C HIS E 303 -9.86 10.37 23.58
N ALA E 304 -8.93 10.55 22.65
CA ALA E 304 -7.53 10.45 22.99
C ALA E 304 -6.67 10.97 21.85
N LEU E 305 -5.45 11.36 22.22
CA LEU E 305 -4.30 11.39 21.33
C LEU E 305 -3.58 10.08 21.54
N SER E 306 -3.37 9.32 20.46
CA SER E 306 -2.70 8.03 20.56
C SER E 306 -1.72 7.89 19.41
N THR E 307 -0.66 7.12 19.66
CA THR E 307 0.33 6.79 18.64
C THR E 307 0.03 5.44 18.01
N GLY E 321 -2.39 1.37 19.22
CA GLY E 321 -1.49 2.40 19.70
C GLY E 321 -1.63 2.68 21.18
N ARG E 322 -0.62 3.29 21.77
CA ARG E 322 -0.75 3.78 23.14
C ARG E 322 -1.62 5.04 23.15
N VAL E 323 -2.52 5.12 24.13
CA VAL E 323 -3.08 6.42 24.49
C VAL E 323 -1.98 7.25 25.15
N LEU E 324 -1.76 8.44 24.63
CA LEU E 324 -0.83 9.36 25.28
C LEU E 324 -1.53 10.12 26.40
N PRO E 325 -0.86 10.35 27.53
CA PRO E 325 -1.47 11.16 28.60
C PRO E 325 -1.69 12.60 28.15
N THR E 326 -2.94 13.06 28.28
CA THR E 326 -3.32 14.42 27.92
C THR E 326 -4.30 14.95 28.97
N PRO E 327 -3.77 15.44 30.11
CA PRO E 327 -4.67 15.99 31.15
C PRO E 327 -5.16 17.39 30.84
N THR E 328 -4.49 18.14 29.98
CA THR E 328 -4.93 19.48 29.65
C THR E 328 -4.93 19.66 28.13
N GLU E 329 -5.64 20.68 27.66
CA GLU E 329 -5.59 21.02 26.24
C GLU E 329 -4.16 21.33 25.82
N LYS E 330 -3.37 21.95 26.71
CA LYS E 330 -2.01 22.37 26.36
C LYS E 330 -1.13 21.17 26.07
N ASP E 331 -1.39 20.03 26.71
CA ASP E 331 -0.55 18.85 26.45
C ASP E 331 -0.75 18.34 25.03
N VAL E 332 -1.92 18.57 24.43
CA VAL E 332 -2.14 18.13 23.07
C VAL E 332 -1.37 19.01 22.09
N PHE E 333 -1.56 20.33 22.20
CA PHE E 333 -0.76 21.25 21.40
C PHE E 333 0.73 20.95 21.51
N ARG E 334 1.19 20.60 22.71
CA ARG E 334 2.61 20.41 22.94
C ARG E 334 3.12 19.14 22.29
N LEU E 335 2.45 18.00 22.56
CA LEU E 335 2.87 16.74 21.96
C LEU E 335 2.84 16.81 20.44
N LEU E 336 2.00 17.67 19.88
CA LEU E 336 2.00 17.87 18.43
C LEU E 336 3.06 18.88 17.99
N GLY E 337 3.64 19.63 18.93
CA GLY E 337 4.63 20.63 18.58
C GLY E 337 4.05 21.97 18.19
N LEU E 338 2.90 22.35 18.74
CA LEU E 338 2.17 23.50 18.27
C LEU E 338 2.10 24.59 19.32
N PRO E 339 2.22 25.86 18.93
CA PRO E 339 1.98 26.94 19.88
C PRO E 339 0.52 26.94 20.31
N TYR E 340 0.32 27.11 21.62
CA TYR E 340 -1.03 27.06 22.16
C TYR E 340 -1.87 28.21 21.60
N ARG E 341 -3.15 27.94 21.41
CA ARG E 341 -4.13 28.93 20.99
C ARG E 341 -5.30 28.88 21.94
N GLU E 342 -5.69 30.03 22.46
CA GLU E 342 -6.90 30.10 23.27
C GLU E 342 -8.11 29.85 22.37
N PRO E 343 -9.25 29.47 22.95
CA PRO E 343 -10.40 29.10 22.11
C PRO E 343 -10.76 30.14 21.06
N ALA E 344 -10.71 31.44 21.40
CA ALA E 344 -11.10 32.46 20.43
C ALA E 344 -10.15 32.52 19.23
N GLU E 345 -8.97 31.91 19.31
CA GLU E 345 -8.02 31.87 18.20
C GLU E 345 -8.05 30.54 17.45
N ARG E 346 -9.06 29.70 17.68
CA ARG E 346 -9.27 28.46 16.94
C ARG E 346 -10.46 28.58 15.99
N ASP E 347 -10.77 29.81 15.58
CA ASP E 347 -12.08 30.13 15.00
C ASP E 347 -12.00 30.17 13.48
N TRP E 348 -11.64 29.03 12.90
CA TRP E 348 -11.48 28.91 11.46
C TRP E 348 -12.75 28.42 10.77
N TRP I 12 14.64 -14.80 17.00
CA TRP I 12 15.67 -14.22 16.14
C TRP I 12 16.99 -14.96 16.26
N VAL I 13 17.61 -15.27 15.11
CA VAL I 13 18.91 -15.93 15.13
C VAL I 13 19.97 -15.05 15.80
N CYS I 14 19.81 -13.73 15.71
CA CYS I 14 20.83 -12.80 16.18
C CYS I 14 20.81 -12.56 17.68
N ALA I 15 19.80 -13.06 18.39
CA ALA I 15 19.69 -12.85 19.84
C ALA I 15 20.19 -14.04 20.66
N GLN I 16 20.51 -15.17 20.01
CA GLN I 16 20.96 -16.38 20.70
C GLN I 16 22.33 -16.80 20.17
N PRO I 17 23.14 -17.46 20.99
CA PRO I 17 24.45 -17.92 20.50
C PRO I 17 24.30 -19.11 19.56
N SER I 18 25.24 -19.20 18.61
CA SER I 18 25.17 -20.25 17.59
C SER I 18 25.73 -21.58 18.06
N SER I 19 26.31 -21.63 19.27
CA SER I 19 26.72 -22.91 19.86
C SER I 19 25.55 -23.86 20.08
N GLN I 20 24.32 -23.38 19.94
CA GLN I 20 23.14 -24.26 20.07
C GLN I 20 22.99 -25.20 18.87
N LYS I 21 23.57 -24.85 17.72
CA LYS I 21 23.60 -25.77 16.59
C LYS I 21 24.49 -26.98 16.85
N ALA I 22 25.44 -26.87 17.79
CA ALA I 22 26.44 -27.92 17.98
C ALA I 22 25.80 -29.25 18.32
N THR I 23 24.64 -29.24 18.97
CA THR I 23 23.86 -30.44 19.20
C THR I 23 22.87 -30.59 18.05
N ASN I 24 23.36 -31.18 16.95
CA ASN I 24 22.47 -31.54 15.84
C ASN I 24 21.91 -32.94 16.13
N HIS I 25 20.89 -32.96 17.00
CA HIS I 25 20.14 -34.17 17.32
C HIS I 25 19.20 -34.60 16.21
N ASN I 26 19.35 -34.05 15.00
CA ASN I 26 18.35 -34.28 13.97
C ASN I 26 18.98 -34.26 12.58
N LEU I 27 20.21 -34.77 12.46
CA LEU I 27 20.89 -34.75 11.16
C LEU I 27 20.16 -35.61 10.13
N HIS I 28 19.59 -36.74 10.57
CA HIS I 28 18.88 -37.60 9.62
C HIS I 28 17.72 -36.86 8.98
N ILE I 29 17.19 -35.85 9.65
CA ILE I 29 16.15 -35.01 9.08
C ILE I 29 16.72 -33.84 8.29
N THR I 30 17.61 -33.06 8.92
CA THR I 30 18.09 -31.84 8.27
C THR I 30 18.87 -32.15 6.99
N GLU I 31 19.49 -33.33 6.89
CA GLU I 31 20.21 -33.69 5.67
C GLU I 31 19.26 -33.85 4.48
N LYS I 32 18.03 -34.27 4.73
CA LYS I 32 17.06 -34.45 3.64
C LYS I 32 16.35 -33.14 3.31
N LEU I 33 16.07 -32.31 4.32
CA LEU I 33 15.49 -30.99 4.04
C LEU I 33 16.46 -30.14 3.22
N GLU I 34 17.76 -30.21 3.54
CA GLU I 34 18.74 -29.41 2.80
C GLU I 34 18.72 -29.73 1.31
N VAL I 35 18.47 -30.99 0.94
CA VAL I 35 18.36 -31.32 -0.47
C VAL I 35 17.24 -30.52 -1.11
N LEU I 36 16.10 -30.43 -0.42
CA LEU I 36 14.96 -29.71 -0.98
C LEU I 36 15.26 -28.22 -1.06
N ALA I 37 15.84 -27.65 0.01
CA ALA I 37 16.20 -26.23 0.00
C ALA I 37 17.07 -25.91 -1.20
N LYS I 38 18.11 -26.70 -1.43
CA LYS I 38 19.00 -26.45 -2.57
C LYS I 38 18.27 -26.58 -3.89
N ALA I 39 17.33 -27.52 -3.98
CA ALA I 39 16.58 -27.69 -5.22
C ALA I 39 15.75 -26.44 -5.52
N TYR I 40 15.05 -25.91 -4.51
CA TYR I 40 14.24 -24.73 -4.73
C TYR I 40 15.10 -23.51 -5.09
N SER I 41 16.27 -23.36 -4.46
CA SER I 41 17.05 -22.14 -4.68
C SER I 41 17.70 -22.12 -6.06
N VAL I 42 18.12 -23.29 -6.57
CA VAL I 42 18.67 -23.33 -7.91
C VAL I 42 17.57 -23.11 -8.96
N GLN I 43 16.31 -23.24 -8.56
CA GLN I 43 15.18 -22.97 -9.44
C GLN I 43 14.66 -21.54 -9.29
N GLY I 44 15.31 -20.71 -8.48
CA GLY I 44 14.90 -19.34 -8.29
C GLY I 44 13.77 -19.14 -7.30
N ASP I 45 13.33 -20.20 -6.62
CA ASP I 45 12.26 -20.09 -5.64
C ASP I 45 12.87 -19.72 -4.28
N LYS I 46 13.39 -18.48 -4.22
CA LYS I 46 14.19 -18.08 -3.07
C LYS I 46 13.35 -18.01 -1.79
N TRP I 47 12.07 -17.68 -1.88
CA TRP I 47 11.31 -17.51 -0.65
C TRP I 47 11.01 -18.86 0.00
N ARG I 48 10.58 -19.84 -0.81
CA ARG I 48 10.43 -21.19 -0.29
C ARG I 48 11.73 -21.70 0.31
N ALA I 49 12.85 -21.49 -0.40
CA ALA I 49 14.13 -21.98 0.10
C ALA I 49 14.48 -21.32 1.43
N LEU I 50 14.26 -20.01 1.53
CA LEU I 50 14.51 -19.33 2.79
C LEU I 50 13.71 -19.93 3.93
N GLY I 51 12.47 -20.34 3.67
CA GLY I 51 11.68 -20.97 4.72
C GLY I 51 12.25 -22.32 5.15
N TYR I 52 12.78 -23.08 4.19
CA TYR I 52 13.48 -24.32 4.53
C TYR I 52 14.71 -24.05 5.39
N ALA I 53 15.51 -23.03 5.03
CA ALA I 53 16.73 -22.76 5.77
C ALA I 53 16.43 -22.32 7.20
N LYS I 54 15.37 -21.53 7.39
CA LYS I 54 14.94 -21.18 8.74
C LYS I 54 14.50 -22.42 9.52
N ALA I 55 13.88 -23.37 8.83
CA ALA I 55 13.44 -24.60 9.49
C ALA I 55 14.63 -25.49 9.85
N ILE I 56 15.62 -25.58 8.96
CA ILE I 56 16.79 -26.39 9.24
C ILE I 56 17.58 -25.83 10.42
N ASN I 57 17.72 -24.50 10.51
CA ASN I 57 18.37 -23.91 11.67
C ASN I 57 17.62 -24.19 12.96
N ALA I 58 16.28 -24.12 12.94
CA ALA I 58 15.51 -24.41 14.14
C ALA I 58 15.69 -25.86 14.58
N LEU I 59 15.80 -26.77 13.63
CA LEU I 59 16.01 -28.18 13.97
C LEU I 59 17.44 -28.43 14.45
N LYS I 60 18.42 -27.81 13.79
CA LYS I 60 19.81 -27.91 14.25
C LYS I 60 19.96 -27.37 15.66
N SER I 61 19.21 -26.32 16.01
CA SER I 61 19.34 -25.66 17.29
C SER I 61 18.28 -26.12 18.29
N PHE I 62 17.72 -27.30 18.09
CA PHE I 62 16.69 -27.84 18.97
C PHE I 62 17.34 -28.81 19.95
N HIS I 63 16.93 -28.72 21.22
CA HIS I 63 17.66 -29.33 22.31
C HIS I 63 17.51 -30.84 22.39
N LYS I 64 16.77 -31.48 21.50
CA LYS I 64 16.53 -32.92 21.56
C LYS I 64 16.21 -33.42 20.17
N PRO I 65 16.26 -34.72 19.94
CA PRO I 65 15.70 -35.27 18.70
C PRO I 65 14.21 -35.04 18.66
N VAL I 66 13.69 -34.78 17.46
CA VAL I 66 12.24 -34.67 17.25
C VAL I 66 11.70 -36.05 16.96
N THR I 67 10.55 -36.37 17.57
CA THR I 67 9.97 -37.70 17.46
C THR I 67 8.48 -37.75 17.16
N SER I 68 7.75 -36.66 17.36
CA SER I 68 6.33 -36.63 17.05
C SER I 68 6.02 -35.45 16.12
N TYR I 69 4.87 -35.56 15.44
CA TYR I 69 4.39 -34.46 14.62
C TYR I 69 4.07 -33.24 15.47
N GLN I 70 3.28 -33.43 16.52
CA GLN I 70 2.94 -32.34 17.43
C GLN I 70 4.20 -31.65 17.96
N GLU I 71 5.20 -32.43 18.37
CA GLU I 71 6.45 -31.85 18.86
C GLU I 71 7.09 -30.96 17.80
N ALA I 72 7.24 -31.49 16.58
CA ALA I 72 7.78 -30.68 15.49
C ALA I 72 7.06 -29.34 15.38
N CYS I 73 5.74 -29.34 15.64
CA CYS I 73 4.93 -28.15 15.39
C CYS I 73 5.18 -27.05 16.41
N SER I 74 5.53 -27.42 17.65
CA SER I 74 5.83 -26.42 18.67
C SER I 74 7.02 -25.55 18.28
N ILE I 75 7.98 -26.11 17.55
CA ILE I 75 9.23 -25.43 17.25
C ILE I 75 9.00 -24.25 16.33
N PRO I 76 9.33 -23.02 16.75
CA PRO I 76 9.25 -21.88 15.82
C PRO I 76 10.09 -22.14 14.57
N GLY I 77 9.54 -21.79 13.42
CA GLY I 77 10.15 -22.13 12.15
C GLY I 77 9.64 -23.41 11.51
N ILE I 78 8.87 -24.22 12.23
CA ILE I 78 8.27 -25.44 11.68
C ILE I 78 6.76 -25.28 11.72
N GLY I 79 6.14 -25.28 10.53
CA GLY I 79 4.71 -25.27 10.40
C GLY I 79 4.14 -26.63 9.98
N LYS I 80 2.86 -26.59 9.62
CA LYS I 80 2.12 -27.79 9.21
C LYS I 80 2.89 -28.58 8.16
N ARG I 81 3.29 -27.92 7.08
CA ARG I 81 3.86 -28.62 5.93
C ARG I 81 5.26 -29.16 6.24
N MET I 82 6.05 -28.42 7.02
CA MET I 82 7.37 -28.90 7.37
C MET I 82 7.28 -30.06 8.35
N ALA I 83 6.42 -29.93 9.36
CA ALA I 83 6.19 -31.04 10.29
C ALA I 83 5.77 -32.31 9.55
N GLU I 84 4.97 -32.16 8.50
CA GLU I 84 4.50 -33.34 7.77
C GLU I 84 5.64 -34.07 7.08
N LYS I 85 6.65 -33.34 6.60
CA LYS I 85 7.81 -33.99 6.00
C LYS I 85 8.73 -34.57 7.06
N ILE I 86 8.80 -33.95 8.22
CA ILE I 86 9.63 -34.47 9.29
C ILE I 86 9.08 -35.81 9.79
N ILE I 87 7.75 -35.91 9.92
CA ILE I 87 7.18 -37.14 10.46
C ILE I 87 7.24 -38.23 9.42
N GLU I 88 7.18 -37.88 8.13
CA GLU I 88 7.35 -38.89 7.10
C GLU I 88 8.74 -39.49 7.16
N ILE I 89 9.77 -38.64 7.33
CA ILE I 89 11.14 -39.13 7.48
C ILE I 89 11.26 -39.98 8.74
N LEU I 90 10.72 -39.49 9.86
CA LEU I 90 10.90 -40.18 11.13
C LEU I 90 10.19 -41.53 11.14
N GLU I 91 9.10 -41.68 10.39
CA GLU I 91 8.31 -42.91 10.39
C GLU I 91 8.69 -43.86 9.27
N SER I 92 9.03 -43.35 8.09
CA SER I 92 9.41 -44.21 6.98
C SER I 92 10.91 -44.26 6.75
N GLY I 93 11.64 -43.21 7.15
CA GLY I 93 13.05 -43.11 6.89
C GLY I 93 13.42 -42.52 5.54
N HIS I 94 12.44 -42.24 4.69
CA HIS I 94 12.67 -41.52 3.44
C HIS I 94 11.66 -40.38 3.32
N LEU I 95 11.87 -39.53 2.31
CA LEU I 95 10.94 -38.46 1.98
C LEU I 95 10.62 -38.55 0.49
N ARG I 96 9.35 -38.79 0.18
CA ARG I 96 8.99 -39.12 -1.20
C ARG I 96 9.09 -37.92 -2.13
N LYS I 97 8.96 -36.71 -1.60
CA LYS I 97 9.14 -35.52 -2.42
C LYS I 97 10.50 -35.55 -3.12
N LEU I 98 11.54 -36.03 -2.42
CA LEU I 98 12.87 -36.09 -3.01
C LEU I 98 12.92 -36.99 -4.24
N ASP I 99 12.10 -38.03 -4.26
CA ASP I 99 12.04 -38.90 -5.44
C ASP I 99 11.41 -38.20 -6.64
N HIS I 100 10.69 -37.09 -6.42
CA HIS I 100 10.00 -36.40 -7.50
C HIS I 100 10.65 -35.08 -7.88
N ILE I 101 11.82 -34.78 -7.31
CA ILE I 101 12.59 -33.64 -7.79
C ILE I 101 12.91 -33.87 -9.26
N SER I 102 12.65 -32.85 -10.08
CA SER I 102 12.92 -32.95 -11.51
C SER I 102 14.35 -33.41 -11.78
N GLU I 103 14.48 -34.26 -12.79
CA GLU I 103 15.79 -34.74 -13.21
C GLU I 103 16.75 -33.60 -13.51
N SER I 104 16.22 -32.44 -13.92
CA SER I 104 17.05 -31.31 -14.31
C SER I 104 17.77 -30.67 -13.14
N VAL I 105 17.29 -30.88 -11.91
CA VAL I 105 17.81 -30.10 -10.78
C VAL I 105 19.29 -30.37 -10.54
N PRO I 106 19.76 -31.61 -10.40
CA PRO I 106 21.21 -31.81 -10.20
C PRO I 106 22.07 -31.16 -11.27
N VAL I 107 21.53 -31.02 -12.48
CA VAL I 107 22.29 -30.40 -13.57
C VAL I 107 22.34 -28.89 -13.39
N LEU I 108 21.23 -28.29 -12.97
CA LEU I 108 21.22 -26.86 -12.70
C LEU I 108 22.14 -26.51 -11.53
N GLU I 109 22.32 -27.44 -10.57
CA GLU I 109 23.24 -27.20 -9.47
C GLU I 109 24.69 -27.31 -9.92
N LEU I 110 24.99 -28.30 -10.77
CA LEU I 110 26.30 -28.37 -11.40
C LEU I 110 26.65 -27.04 -12.07
N PHE I 111 25.74 -26.53 -12.91
CA PHE I 111 26.03 -25.32 -13.68
C PHE I 111 26.23 -24.11 -12.76
N SER I 112 25.41 -23.98 -11.72
CA SER I 112 25.46 -22.80 -10.86
C SER I 112 26.60 -22.85 -9.85
N ASN I 113 27.29 -23.98 -9.73
CA ASN I 113 28.55 -24.00 -9.00
C ASN I 113 29.68 -23.34 -9.79
N ILE I 114 29.46 -23.04 -11.06
CA ILE I 114 30.39 -22.19 -11.79
C ILE I 114 30.23 -20.77 -11.25
N TRP I 115 31.32 -20.20 -10.73
CA TRP I 115 31.31 -18.82 -10.28
C TRP I 115 30.99 -17.91 -11.47
N GLY I 116 29.94 -17.09 -11.32
CA GLY I 116 29.45 -16.26 -12.39
C GLY I 116 28.19 -16.76 -13.05
N ALA I 117 27.80 -18.01 -12.83
CA ALA I 117 26.59 -18.58 -13.42
C ALA I 117 25.58 -18.84 -12.32
N GLY I 118 24.44 -18.16 -12.40
CA GLY I 118 23.39 -18.32 -11.41
C GLY I 118 22.19 -19.03 -11.99
N THR I 119 21.00 -18.76 -11.44
CA THR I 119 19.84 -19.54 -11.83
C THR I 119 19.49 -19.33 -13.30
N LYS I 120 19.56 -18.08 -13.79
CA LYS I 120 19.09 -17.83 -15.15
C LYS I 120 20.09 -18.30 -16.20
N THR I 121 21.39 -18.28 -15.91
CA THR I 121 22.34 -18.88 -16.83
C THR I 121 22.19 -20.41 -16.86
N ALA I 122 22.14 -21.05 -15.69
CA ALA I 122 22.05 -22.50 -15.65
C ALA I 122 20.78 -22.98 -16.36
N GLN I 123 19.64 -22.35 -16.05
CA GLN I 123 18.42 -22.60 -16.78
C GLN I 123 18.60 -22.45 -18.29
N MET I 124 19.28 -21.38 -18.71
CA MET I 124 19.45 -21.13 -20.14
C MET I 124 20.28 -22.22 -20.79
N TRP I 125 21.41 -22.58 -20.16
CA TRP I 125 22.25 -23.64 -20.71
C TRP I 125 21.49 -24.96 -20.77
N TYR I 126 20.67 -25.25 -19.76
CA TYR I 126 19.94 -26.51 -19.74
C TYR I 126 19.03 -26.62 -20.95
N GLN I 127 18.29 -25.55 -21.25
CA GLN I 127 17.34 -25.55 -22.36
C GLN I 127 18.04 -25.53 -23.71
N GLN I 128 19.33 -25.20 -23.75
CA GLN I 128 20.12 -25.40 -24.96
C GLN I 128 20.62 -26.84 -25.10
N GLY I 129 20.29 -27.72 -24.17
CA GLY I 129 20.64 -29.12 -24.25
C GLY I 129 21.88 -29.52 -23.48
N PHE I 130 22.64 -28.56 -22.94
CA PHE I 130 23.88 -28.89 -22.23
C PHE I 130 23.57 -29.66 -20.95
N ARG I 131 24.42 -30.66 -20.66
CA ARG I 131 24.21 -31.51 -19.50
C ARG I 131 25.47 -31.75 -18.66
N SER I 132 26.66 -31.50 -19.19
CA SER I 132 27.91 -31.73 -18.47
C SER I 132 28.71 -30.42 -18.39
N LEU I 133 29.85 -30.49 -17.72
CA LEU I 133 30.77 -29.35 -17.71
C LEU I 133 31.51 -29.22 -19.04
N GLU I 134 31.81 -30.34 -19.70
CA GLU I 134 32.47 -30.28 -21.00
C GLU I 134 31.52 -29.81 -22.09
N ASP I 135 30.21 -29.97 -21.89
CA ASP I 135 29.24 -29.28 -22.75
C ASP I 135 29.40 -27.77 -22.63
N ILE I 136 29.58 -27.26 -21.41
CA ILE I 136 29.80 -25.83 -21.19
C ILE I 136 31.13 -25.41 -21.78
N ARG I 137 32.20 -26.08 -21.37
CA ARG I 137 33.55 -25.76 -21.84
C ARG I 137 33.61 -25.70 -23.36
N SER I 138 32.91 -26.62 -24.04
CA SER I 138 33.05 -26.76 -25.48
C SER I 138 32.07 -25.91 -26.27
N GLN I 139 30.82 -25.82 -25.81
CA GLN I 139 29.74 -25.30 -26.62
C GLN I 139 29.11 -24.01 -26.12
N ALA I 140 29.26 -23.66 -24.85
CA ALA I 140 28.46 -22.60 -24.25
C ALA I 140 29.13 -21.23 -24.36
N SER I 141 28.29 -20.19 -24.38
CA SER I 141 28.77 -18.82 -24.32
C SER I 141 29.13 -18.47 -22.88
N LEU I 142 30.36 -18.04 -22.66
CA LEU I 142 30.88 -17.76 -21.33
C LEU I 142 31.19 -16.28 -21.18
N THR I 143 30.58 -15.65 -20.18
CA THR I 143 31.09 -14.38 -19.71
C THR I 143 32.54 -14.55 -19.26
N THR I 144 33.24 -13.43 -19.12
CA THR I 144 34.62 -13.48 -18.65
C THR I 144 34.70 -14.09 -17.25
N GLN I 145 33.84 -13.63 -16.33
CA GLN I 145 33.79 -14.23 -15.01
C GLN I 145 33.56 -15.74 -15.08
N GLN I 146 32.58 -16.15 -15.88
CA GLN I 146 32.20 -17.58 -15.93
C GLN I 146 33.32 -18.44 -16.47
N ALA I 147 34.11 -17.92 -17.40
CA ALA I 147 35.24 -18.68 -17.93
C ALA I 147 36.29 -18.94 -16.84
N ILE I 148 36.58 -17.93 -16.01
CA ILE I 148 37.50 -18.12 -14.90
C ILE I 148 36.94 -19.12 -13.89
N GLY I 149 35.64 -19.02 -13.60
CA GLY I 149 35.05 -19.94 -12.64
C GLY I 149 35.07 -21.37 -13.13
N LEU I 150 34.86 -21.56 -14.45
CA LEU I 150 34.95 -22.89 -15.02
C LEU I 150 36.38 -23.41 -14.97
N LYS I 151 37.35 -22.57 -15.31
CA LYS I 151 38.74 -22.96 -15.26
C LYS I 151 39.14 -23.48 -13.88
N HIS I 152 38.57 -22.90 -12.81
CA HIS I 152 38.96 -23.24 -11.45
C HIS I 152 37.86 -24.00 -10.72
N TYR I 153 37.01 -24.69 -11.48
CA TYR I 153 35.77 -25.22 -10.95
C TYR I 153 35.99 -26.04 -9.68
N SER I 154 36.98 -26.93 -9.70
CA SER I 154 37.13 -27.82 -8.55
C SER I 154 37.86 -27.11 -7.41
N ASP I 155 38.88 -26.32 -7.73
CA ASP I 155 39.53 -25.52 -6.71
C ASP I 155 38.52 -24.69 -5.92
N PHE I 156 37.57 -24.06 -6.63
CA PHE I 156 36.61 -23.18 -5.97
C PHE I 156 35.59 -23.94 -5.13
N LEU I 157 35.54 -25.27 -5.23
CA LEU I 157 34.65 -26.07 -4.39
C LEU I 157 35.35 -26.69 -3.20
N GLU I 158 36.68 -26.67 -3.15
CA GLU I 158 37.38 -27.13 -1.96
C GLU I 158 37.47 -25.99 -0.95
N ARG I 159 37.12 -26.30 0.30
CA ARG I 159 37.33 -25.40 1.42
C ARG I 159 38.75 -25.58 1.95
N MET I 160 39.43 -24.47 2.20
CA MET I 160 40.84 -24.50 2.52
C MET I 160 41.05 -24.58 4.04
N PRO I 161 42.16 -25.17 4.47
CA PRO I 161 42.44 -25.19 5.91
C PRO I 161 42.55 -23.77 6.46
N ARG I 162 42.05 -23.60 7.68
CA ARG I 162 42.18 -22.33 8.36
C ARG I 162 43.60 -21.78 8.25
N GLU I 163 44.61 -22.65 8.43
CA GLU I 163 46.00 -22.19 8.41
C GLU I 163 46.37 -21.53 7.10
N GLU I 164 45.83 -22.03 5.97
CA GLU I 164 46.13 -21.43 4.67
C GLU I 164 45.47 -20.06 4.52
N ALA I 165 44.25 -19.90 5.05
CA ALA I 165 43.61 -18.59 5.06
C ALA I 165 44.48 -17.55 5.77
N THR I 166 45.14 -17.92 6.87
CA THR I 166 46.02 -17.00 7.58
C THR I 166 47.15 -16.51 6.68
N GLU I 167 47.83 -17.44 6.00
CA GLU I 167 48.90 -17.04 5.09
C GLU I 167 48.37 -16.09 4.02
N ILE I 168 47.14 -16.34 3.54
CA ILE I 168 46.54 -15.44 2.57
C ILE I 168 46.36 -14.06 3.17
N GLU I 169 45.74 -14.00 4.35
CA GLU I 169 45.52 -12.72 5.01
C GLU I 169 46.83 -12.00 5.25
N GLN I 170 47.86 -12.72 5.69
CA GLN I 170 49.14 -12.08 5.98
C GLN I 170 49.79 -11.57 4.69
N THR I 171 49.65 -12.32 3.60
CA THR I 171 50.19 -11.85 2.34
C THR I 171 49.56 -10.52 1.95
N VAL I 172 48.24 -10.41 2.12
CA VAL I 172 47.57 -9.15 1.78
C VAL I 172 47.94 -8.07 2.79
N GLN I 173 48.02 -8.43 4.07
CA GLN I 173 48.30 -7.43 5.10
C GLN I 173 49.71 -6.85 4.96
N LYS I 174 50.71 -7.70 4.72
CA LYS I 174 52.07 -7.20 4.57
C LYS I 174 52.18 -6.28 3.37
N ALA I 175 51.51 -6.64 2.26
CA ALA I 175 51.56 -5.80 1.08
C ALA I 175 50.88 -4.46 1.32
N ALA I 176 49.69 -4.50 1.93
CA ALA I 176 48.94 -3.27 2.20
C ALA I 176 49.75 -2.35 3.10
N GLN I 177 50.34 -2.91 4.15
CA GLN I 177 51.01 -2.10 5.16
C GLN I 177 52.29 -1.47 4.65
N ALA I 178 52.94 -2.05 3.63
CA ALA I 178 54.07 -1.38 3.02
C ALA I 178 53.66 -0.08 2.34
N PHE I 179 52.43 -0.02 1.79
CA PHE I 179 51.97 1.20 1.15
C PHE I 179 51.62 2.27 2.18
N ASN I 180 51.04 1.87 3.30
CA ASN I 180 50.77 2.79 4.40
C ASN I 180 50.79 1.98 5.69
N SER I 181 51.70 2.36 6.59
CA SER I 181 51.93 1.57 7.80
C SER I 181 50.71 1.55 8.71
N GLY I 182 49.86 2.57 8.63
CA GLY I 182 48.70 2.68 9.50
C GLY I 182 47.48 1.89 9.10
N LEU I 183 47.50 1.23 7.93
CA LEU I 183 46.34 0.45 7.51
C LEU I 183 46.11 -0.73 8.44
N LEU I 184 44.84 -0.96 8.79
CA LEU I 184 44.42 -2.12 9.55
C LEU I 184 43.75 -3.13 8.62
N CYS I 185 44.23 -4.36 8.62
CA CYS I 185 43.66 -5.43 7.82
C CYS I 185 43.17 -6.54 8.73
N VAL I 186 42.01 -7.10 8.37
CA VAL I 186 41.27 -8.02 9.21
C VAL I 186 40.61 -9.07 8.31
N ALA I 187 40.90 -10.34 8.57
CA ALA I 187 40.18 -11.44 7.92
C ALA I 187 38.87 -11.69 8.64
N CYS I 188 37.77 -11.65 7.90
CA CYS I 188 36.43 -11.74 8.44
C CYS I 188 35.84 -13.09 8.05
N GLY I 189 34.53 -13.13 7.84
CA GLY I 189 33.85 -14.31 7.36
C GLY I 189 33.99 -15.50 8.30
N SER I 190 33.95 -16.70 7.70
CA SER I 190 34.12 -17.92 8.45
C SER I 190 35.45 -17.94 9.21
N TYR I 191 36.46 -17.24 8.71
CA TYR I 191 37.73 -17.22 9.40
C TYR I 191 37.61 -16.52 10.75
N ARG I 192 37.01 -15.33 10.78
CA ARG I 192 36.82 -14.63 12.05
C ARG I 192 35.83 -15.34 12.96
N ARG I 193 34.94 -16.17 12.40
CA ARG I 193 33.95 -16.88 13.21
C ARG I 193 34.52 -18.13 13.85
N GLY I 194 35.78 -18.45 13.62
CA GLY I 194 36.44 -19.56 14.27
C GLY I 194 36.41 -20.88 13.52
N LYS I 195 36.00 -20.88 12.25
CA LYS I 195 35.80 -22.14 11.55
C LYS I 195 37.13 -22.77 11.16
N ALA I 196 37.11 -24.11 11.03
CA ALA I 196 38.31 -24.85 10.70
C ALA I 196 38.64 -24.77 9.22
N THR I 197 37.64 -24.60 8.38
CA THR I 197 37.82 -24.44 6.94
C THR I 197 37.16 -23.15 6.47
N CYS I 198 37.65 -22.65 5.34
CA CYS I 198 37.18 -21.41 4.76
C CYS I 198 36.98 -21.60 3.26
N GLY I 199 35.79 -21.28 2.77
CA GLY I 199 35.56 -21.34 1.34
C GLY I 199 36.30 -20.27 0.56
N ASP I 200 36.61 -19.15 1.21
CA ASP I 200 37.35 -18.04 0.60
C ASP I 200 38.01 -17.28 1.74
N VAL I 201 38.68 -16.18 1.39
CA VAL I 201 39.26 -15.29 2.39
C VAL I 201 38.69 -13.89 2.17
N ASP I 202 38.05 -13.36 3.20
CA ASP I 202 37.35 -12.08 3.20
C ASP I 202 38.19 -11.14 4.04
N VAL I 203 38.84 -10.17 3.39
CA VAL I 203 39.76 -9.24 4.05
C VAL I 203 39.14 -7.85 4.08
N LEU I 204 39.17 -7.23 5.26
CA LEU I 204 38.61 -5.90 5.49
C LEU I 204 39.75 -4.95 5.84
N ILE I 205 39.88 -3.88 5.09
CA ILE I 205 40.96 -2.92 5.27
C ILE I 205 40.36 -1.55 5.61
N THR I 206 40.93 -0.89 6.61
CA THR I 206 40.55 0.48 6.95
C THR I 206 41.78 1.23 7.49
N HIS I 207 41.60 2.52 7.75
CA HIS I 207 42.68 3.35 8.28
C HIS I 207 42.11 4.23 9.38
N PRO I 208 42.68 4.21 10.59
CA PRO I 208 42.15 5.06 11.66
C PRO I 208 42.21 6.56 11.38
N ASP I 209 43.02 7.01 10.42
CA ASP I 209 43.15 8.45 10.20
C ASP I 209 41.86 9.09 9.71
N GLY I 210 40.96 8.30 9.10
CA GLY I 210 39.65 8.77 8.69
C GLY I 210 39.41 8.74 7.19
N ARG I 211 40.47 8.77 6.37
CA ARG I 211 40.32 8.92 4.94
C ARG I 211 40.08 7.55 4.28
N SER I 212 39.86 7.58 2.96
CA SER I 212 39.55 6.39 2.19
C SER I 212 40.76 5.79 1.47
N HIS I 213 41.77 6.61 1.16
CA HIS I 213 42.99 6.15 0.50
C HIS I 213 42.65 5.34 -0.76
N ARG I 214 41.89 6.00 -1.65
CA ARG I 214 41.46 5.38 -2.90
C ARG I 214 42.64 5.02 -3.78
N GLY I 215 43.70 5.85 -3.75
CA GLY I 215 44.87 5.56 -4.56
C GLY I 215 45.60 4.31 -4.11
N ILE I 216 45.65 4.08 -2.79
CA ILE I 216 46.38 2.92 -2.27
C ILE I 216 45.78 1.62 -2.82
N PHE I 217 44.47 1.44 -2.70
CA PHE I 217 43.87 0.17 -3.08
C PHE I 217 44.33 -0.23 -4.49
N SER I 218 44.36 0.73 -5.41
CA SER I 218 44.71 0.43 -6.79
C SER I 218 46.16 -0.03 -6.91
N ARG I 219 47.07 0.64 -6.19
CA ARG I 219 48.49 0.28 -6.26
C ARG I 219 48.71 -1.09 -5.63
N LEU I 220 48.02 -1.38 -4.53
CA LEU I 220 48.14 -2.69 -3.90
C LEU I 220 47.74 -3.81 -4.86
N LEU I 221 46.58 -3.67 -5.50
CA LEU I 221 46.09 -4.75 -6.35
C LEU I 221 47.01 -4.96 -7.55
N ASP I 222 47.43 -3.88 -8.21
CA ASP I 222 48.45 -3.98 -9.25
C ASP I 222 49.72 -4.65 -8.72
N SER I 223 50.14 -4.27 -7.52
CA SER I 223 51.34 -4.88 -6.94
C SER I 223 51.15 -6.38 -6.76
N LEU I 224 50.02 -6.79 -6.21
CA LEU I 224 49.76 -8.22 -6.02
C LEU I 224 49.70 -8.97 -7.35
N ARG I 225 49.20 -8.36 -8.41
CA ARG I 225 49.21 -9.03 -9.71
C ARG I 225 50.63 -9.19 -10.25
N GLN I 226 51.45 -8.13 -10.17
CA GLN I 226 52.80 -8.24 -10.71
C GLN I 226 53.66 -9.23 -9.95
N GLU I 227 53.42 -9.38 -8.63
CA GLU I 227 54.08 -10.43 -7.86
C GLU I 227 53.57 -11.82 -8.21
N GLY I 228 52.43 -11.93 -8.89
CA GLY I 228 51.88 -13.23 -9.19
C GLY I 228 51.07 -13.85 -8.07
N PHE I 229 50.70 -13.08 -7.05
CA PHE I 229 49.80 -13.57 -6.02
C PHE I 229 48.36 -13.56 -6.50
N LEU I 230 47.92 -12.44 -7.07
CA LEU I 230 46.61 -12.38 -7.73
C LEU I 230 46.75 -12.90 -9.15
N THR I 231 46.00 -13.96 -9.47
CA THR I 231 46.12 -14.61 -10.77
C THR I 231 44.97 -14.30 -11.72
N ASP I 232 43.82 -13.86 -11.22
CA ASP I 232 42.67 -13.52 -12.07
C ASP I 232 41.75 -12.58 -11.31
N ASP I 233 41.10 -11.69 -12.04
CA ASP I 233 40.08 -10.80 -11.51
C ASP I 233 38.70 -11.42 -11.77
N LEU I 234 37.87 -11.46 -10.73
CA LEU I 234 36.47 -11.80 -10.86
C LEU I 234 35.58 -10.55 -10.88
N VAL I 235 35.77 -9.67 -9.92
CA VAL I 235 35.14 -8.35 -9.92
C VAL I 235 36.27 -7.36 -9.67
N SER I 236 36.68 -6.66 -10.72
CA SER I 236 37.75 -5.69 -10.56
C SER I 236 37.30 -4.56 -9.64
N GLN I 237 38.29 -3.77 -9.20
CA GLN I 237 38.06 -2.73 -8.21
C GLN I 237 36.89 -1.84 -8.61
N GLU I 238 35.98 -1.60 -7.64
CA GLU I 238 34.78 -0.83 -7.91
C GLU I 238 34.34 -0.15 -6.63
N GLU I 239 33.42 0.79 -6.78
CA GLU I 239 32.97 1.61 -5.67
C GLU I 239 31.60 1.14 -5.18
N ASN I 240 31.37 1.29 -3.88
CA ASN I 240 30.06 1.06 -3.24
C ASN I 240 29.99 2.13 -2.16
N GLY I 241 29.25 3.20 -2.44
CA GLY I 241 29.28 4.37 -1.58
C GLY I 241 30.69 4.85 -1.37
N GLN I 242 31.11 4.97 -0.11
CA GLN I 242 32.48 5.34 0.24
C GLN I 242 33.39 4.12 0.48
N GLN I 243 32.95 2.93 0.08
CA GLN I 243 33.75 1.71 0.21
C GLN I 243 34.26 1.30 -1.17
N GLN I 244 35.35 0.52 -1.16
CA GLN I 244 35.85 -0.10 -2.38
C GLN I 244 35.88 -1.62 -2.19
N LYS I 245 35.68 -2.33 -3.28
CA LYS I 245 35.48 -3.77 -3.27
C LYS I 245 36.30 -4.35 -4.42
N TYR I 246 36.93 -5.50 -4.15
CA TYR I 246 37.62 -6.30 -5.17
C TYR I 246 37.38 -7.78 -4.88
N LEU I 247 37.11 -8.55 -5.92
CA LEU I 247 37.04 -10.01 -5.82
C LEU I 247 37.92 -10.58 -6.92
N GLY I 248 38.73 -11.55 -6.58
CA GLY I 248 39.53 -12.26 -7.57
C GLY I 248 40.09 -13.55 -7.06
N VAL I 249 41.19 -13.97 -7.69
CA VAL I 249 41.74 -15.29 -7.51
C VAL I 249 43.21 -15.15 -7.14
N CYS I 250 43.60 -15.79 -6.04
CA CYS I 250 44.98 -15.77 -5.60
C CYS I 250 45.47 -17.21 -5.43
N ARG I 251 46.79 -17.34 -5.32
CA ARG I 251 47.43 -18.63 -5.07
C ARG I 251 48.75 -18.39 -4.35
N LEU I 252 48.95 -19.10 -3.25
CA LEU I 252 50.16 -18.88 -2.46
C LEU I 252 51.38 -19.40 -3.19
N PRO I 253 52.57 -18.91 -2.83
CA PRO I 253 53.80 -19.47 -3.39
C PRO I 253 54.02 -20.91 -2.93
N GLY I 254 54.71 -21.66 -3.76
CA GLY I 254 55.04 -23.04 -3.46
C GLY I 254 54.49 -23.99 -4.48
N PRO I 255 54.96 -25.24 -4.47
CA PRO I 255 54.29 -26.30 -5.23
C PRO I 255 53.12 -26.88 -4.47
N GLY I 256 52.16 -27.41 -5.21
CA GLY I 256 51.00 -28.04 -4.61
C GLY I 256 49.91 -27.11 -4.16
N ARG I 257 49.89 -25.87 -4.66
CA ARG I 257 48.99 -24.83 -4.17
C ARG I 257 47.75 -24.70 -5.07
N ARG I 258 46.57 -24.70 -4.45
CA ARG I 258 45.33 -24.49 -5.19
C ARG I 258 44.99 -23.00 -5.31
N HIS I 259 44.29 -22.68 -6.39
CA HIS I 259 43.75 -21.34 -6.56
C HIS I 259 42.61 -21.10 -5.58
N ARG I 260 42.58 -19.91 -5.00
CA ARG I 260 41.65 -19.56 -3.94
C ARG I 260 40.97 -18.24 -4.24
N ARG I 261 39.73 -18.09 -3.79
CA ARG I 261 39.02 -16.83 -3.93
C ARG I 261 39.40 -15.87 -2.80
N LEU I 262 39.53 -14.58 -3.16
CA LEU I 262 39.92 -13.53 -2.22
C LEU I 262 39.00 -12.34 -2.40
N ASP I 263 38.37 -11.92 -1.31
CA ASP I 263 37.53 -10.74 -1.29
C ASP I 263 38.19 -9.68 -0.40
N ILE I 264 38.40 -8.50 -0.97
CA ILE I 264 38.99 -7.38 -0.22
C ILE I 264 38.01 -6.22 -0.27
N ILE I 265 37.61 -5.75 0.90
CA ILE I 265 36.81 -4.54 1.02
C ILE I 265 37.63 -3.50 1.77
N VAL I 266 37.57 -2.25 1.28
CA VAL I 266 38.27 -1.12 1.89
C VAL I 266 37.21 -0.12 2.34
N VAL I 267 37.25 0.24 3.61
CA VAL I 267 36.19 1.06 4.20
C VAL I 267 36.81 2.24 4.94
N PRO I 268 36.14 3.39 4.95
CA PRO I 268 36.56 4.48 5.84
C PRO I 268 36.23 4.13 7.29
N TYR I 269 37.01 4.71 8.21
CA TYR I 269 36.97 4.28 9.61
C TYR I 269 35.59 4.44 10.22
N SER I 270 34.85 5.47 9.83
CA SER I 270 33.53 5.68 10.40
C SER I 270 32.57 4.54 10.10
N GLU I 271 32.80 3.78 9.03
CA GLU I 271 31.96 2.65 8.69
C GLU I 271 32.56 1.32 9.14
N PHE I 272 33.62 1.33 9.95
CA PHE I 272 34.39 0.11 10.17
C PHE I 272 33.58 -0.92 10.94
N ALA I 273 32.89 -0.50 11.99
CA ALA I 273 32.12 -1.43 12.82
C ALA I 273 31.07 -2.15 11.99
N CYS I 274 30.27 -1.38 11.24
CA CYS I 274 29.20 -1.99 10.46
C CYS I 274 29.73 -2.83 9.31
N ALA I 275 30.85 -2.43 8.72
CA ALA I 275 31.46 -3.25 7.69
C ALA I 275 31.99 -4.54 8.30
N LEU I 276 32.66 -4.43 9.43
CA LEU I 276 33.16 -5.61 10.13
C LEU I 276 32.01 -6.55 10.50
N LEU I 277 30.87 -5.98 10.91
CA LEU I 277 29.73 -6.81 11.31
C LEU I 277 29.11 -7.48 10.09
N TYR I 278 28.89 -6.73 9.02
CA TYR I 278 28.44 -7.35 7.78
C TYR I 278 29.40 -8.47 7.35
N PHE I 279 30.70 -8.16 7.26
CA PHE I 279 31.66 -9.05 6.62
C PHE I 279 31.98 -10.25 7.49
N THR I 280 31.76 -10.15 8.80
CA THR I 280 31.91 -11.29 9.69
C THR I 280 30.75 -12.25 9.61
N GLY I 281 29.56 -11.76 9.29
CA GLY I 281 28.44 -12.66 9.16
C GLY I 281 28.11 -13.34 10.49
N SER I 282 27.46 -14.49 10.40
CA SER I 282 27.16 -15.20 9.16
C SER I 282 26.08 -14.51 8.36
N ALA I 283 25.82 -15.04 7.17
CA ALA I 283 24.81 -14.45 6.29
C ALA I 283 23.44 -14.39 6.97
N HIS I 284 22.99 -15.52 7.54
CA HIS I 284 21.67 -15.53 8.18
C HIS I 284 21.66 -14.73 9.48
N PHE I 285 22.79 -14.66 10.17
CA PHE I 285 22.92 -13.72 11.29
C PHE I 285 22.70 -12.27 10.83
N ASN I 286 23.29 -11.87 9.69
CA ASN I 286 23.06 -10.50 9.21
C ASN I 286 21.59 -10.28 8.86
N ARG I 287 20.96 -11.25 8.20
CA ARG I 287 19.56 -11.09 7.81
C ARG I 287 18.68 -10.94 9.04
N SER I 288 18.93 -11.75 10.06
CA SER I 288 18.16 -11.65 11.29
C SER I 288 18.42 -10.31 11.99
N MET I 289 19.67 -9.86 11.98
CA MET I 289 19.97 -8.58 12.63
C MET I 289 19.45 -7.40 11.83
N ARG I 290 19.39 -7.52 10.50
CA ARG I 290 18.85 -6.44 9.69
C ARG I 290 17.33 -6.38 9.76
N ALA I 291 16.67 -7.54 9.81
CA ALA I 291 15.21 -7.55 9.95
C ALA I 291 14.78 -6.95 11.29
N LEU I 292 15.55 -7.23 12.34
CA LEU I 292 15.25 -6.66 13.65
C LEU I 292 15.34 -5.14 13.61
N ALA I 293 16.44 -4.61 13.06
CA ALA I 293 16.59 -3.17 12.94
C ALA I 293 15.41 -2.57 12.19
N LYS I 294 14.87 -3.30 11.22
CA LYS I 294 13.74 -2.77 10.47
C LYS I 294 12.50 -2.65 11.36
N THR I 295 12.28 -3.64 12.23
CA THR I 295 11.11 -3.59 13.09
C THR I 295 11.27 -2.57 14.21
N LYS I 296 12.49 -2.08 14.45
CA LYS I 296 12.73 -1.00 15.39
C LYS I 296 12.85 0.35 14.70
N GLY I 297 12.38 0.45 13.45
CA GLY I 297 12.40 1.72 12.74
C GLY I 297 13.74 2.18 12.24
N MET I 298 14.72 1.28 12.14
CA MET I 298 16.07 1.59 11.69
C MET I 298 16.36 0.81 10.40
N SER I 299 17.54 1.08 9.82
CA SER I 299 18.07 0.23 8.76
C SER I 299 19.55 -0.03 8.98
N LEU I 300 19.97 -1.28 8.79
CA LEU I 300 21.35 -1.70 9.00
C LEU I 300 21.94 -2.24 7.70
N SER I 301 23.07 -1.67 7.29
CA SER I 301 23.78 -2.12 6.10
C SER I 301 25.27 -2.21 6.43
N GLU I 302 26.07 -2.50 5.40
CA GLU I 302 27.51 -2.55 5.59
C GLU I 302 28.10 -1.15 5.74
N HIS I 303 27.33 -0.12 5.43
CA HIS I 303 27.75 1.26 5.59
C HIS I 303 27.43 1.80 6.98
N ALA I 304 26.24 1.52 7.49
CA ALA I 304 25.76 2.26 8.65
C ALA I 304 24.50 1.63 9.22
N LEU I 305 24.30 1.89 10.51
CA LEU I 305 23.00 1.76 11.16
C LEU I 305 22.34 3.13 11.14
N SER I 306 21.15 3.20 10.52
CA SER I 306 20.43 4.45 10.34
C SER I 306 19.05 4.38 10.98
N THR I 307 18.51 5.55 11.32
CA THR I 307 17.19 5.67 11.91
C THR I 307 16.12 5.85 10.82
N ALA I 308 14.86 5.85 11.25
CA ALA I 308 13.73 5.78 10.32
C ALA I 308 13.87 6.82 9.22
N VAL I 309 13.63 6.38 7.99
CA VAL I 309 13.63 7.26 6.81
C VAL I 309 12.39 6.95 5.98
N GLY I 321 18.30 8.19 5.36
CA GLY I 321 17.94 8.36 6.75
C GLY I 321 18.97 9.18 7.51
N ARG I 322 19.01 9.01 8.82
CA ARG I 322 19.99 9.68 9.69
C ARG I 322 20.93 8.62 10.25
N VAL I 323 22.20 8.66 9.84
CA VAL I 323 23.16 7.67 10.29
C VAL I 323 23.44 7.86 11.77
N LEU I 324 23.39 6.74 12.54
CA LEU I 324 23.79 6.78 13.94
C LEU I 324 25.29 6.51 14.08
N PRO I 325 25.97 7.14 15.04
CA PRO I 325 27.39 6.84 15.26
C PRO I 325 27.56 5.48 15.94
N THR I 326 28.50 4.69 15.43
CA THR I 326 28.76 3.35 15.96
C THR I 326 30.25 3.07 15.86
N PRO I 327 31.04 3.48 16.86
CA PRO I 327 32.47 3.19 16.83
C PRO I 327 32.81 1.71 16.99
N THR I 328 31.93 0.91 17.59
CA THR I 328 32.22 -0.49 17.84
C THR I 328 31.05 -1.34 17.39
N GLU I 329 31.35 -2.60 17.12
CA GLU I 329 30.31 -3.60 16.86
C GLU I 329 29.28 -3.61 17.97
N LYS I 330 29.73 -3.70 19.23
CA LYS I 330 28.78 -3.80 20.32
C LYS I 330 27.98 -2.52 20.54
N ASP I 331 28.39 -1.40 19.93
CA ASP I 331 27.50 -0.25 19.87
C ASP I 331 26.28 -0.54 18.99
N VAL I 332 26.45 -1.36 17.94
CA VAL I 332 25.33 -1.73 17.10
C VAL I 332 24.37 -2.63 17.88
N PHE I 333 24.92 -3.63 18.57
CA PHE I 333 24.11 -4.49 19.43
C PHE I 333 23.31 -3.67 20.45
N ARG I 334 24.00 -2.81 21.20
CA ARG I 334 23.37 -2.05 22.26
C ARG I 334 22.22 -1.21 21.73
N LEU I 335 22.39 -0.63 20.54
CA LEU I 335 21.33 0.19 19.94
C LEU I 335 20.19 -0.65 19.38
N LEU I 336 20.43 -1.92 19.08
CA LEU I 336 19.37 -2.84 18.71
C LEU I 336 18.82 -3.58 19.93
N GLY I 337 19.31 -3.27 21.13
CA GLY I 337 18.84 -3.93 22.32
C GLY I 337 19.25 -5.37 22.47
N LEU I 338 20.32 -5.81 21.79
CA LEU I 338 20.75 -7.19 21.90
C LEU I 338 22.00 -7.30 22.77
N PRO I 339 22.17 -8.41 23.50
CA PRO I 339 23.47 -8.67 24.13
C PRO I 339 24.53 -9.01 23.08
N TYR I 340 25.78 -8.71 23.41
CA TYR I 340 26.86 -8.88 22.44
C TYR I 340 27.17 -10.36 22.26
N ARG I 341 27.47 -10.74 21.03
CA ARG I 341 27.91 -12.10 20.69
C ARG I 341 29.31 -12.00 20.11
N GLU I 342 30.24 -12.80 20.62
CA GLU I 342 31.53 -12.92 19.97
C GLU I 342 31.33 -13.62 18.62
N PRO I 343 32.20 -13.33 17.64
CA PRO I 343 31.94 -13.83 16.28
C PRO I 343 31.76 -15.34 16.20
N ALA I 344 32.32 -16.10 17.14
CA ALA I 344 32.09 -17.54 17.15
C ALA I 344 30.61 -17.86 17.34
N GLU I 345 29.88 -16.99 18.04
CA GLU I 345 28.48 -17.20 18.34
C GLU I 345 27.54 -16.56 17.32
N ARG I 346 28.07 -16.08 16.19
CA ARG I 346 27.26 -15.51 15.13
C ARG I 346 27.08 -16.48 13.96
N ASP I 347 27.31 -17.77 14.21
CA ASP I 347 27.50 -18.76 13.14
C ASP I 347 26.18 -19.46 12.81
N TRP I 348 25.20 -18.65 12.43
CA TRP I 348 23.90 -19.16 12.08
C TRP I 348 23.77 -19.51 10.60
N TRP M 12 0.27 14.31 -22.18
CA TRP M 12 0.82 13.09 -22.75
C TRP M 12 1.52 13.37 -24.07
N VAL M 13 2.86 13.34 -24.05
CA VAL M 13 3.64 13.66 -25.25
C VAL M 13 3.69 12.52 -26.25
N CYS M 14 3.14 11.36 -25.91
CA CYS M 14 3.04 10.25 -26.85
C CYS M 14 1.74 10.27 -27.66
N ALA M 15 0.77 11.10 -27.26
CA ALA M 15 -0.39 11.42 -28.08
C ALA M 15 -0.30 12.85 -28.61
N GLN M 16 0.92 13.29 -28.93
CA GLN M 16 1.18 14.55 -29.61
C GLN M 16 2.36 14.35 -30.55
N PRO M 17 2.33 14.93 -31.75
CA PRO M 17 3.52 14.89 -32.60
C PRO M 17 4.61 15.80 -32.07
N SER M 18 5.85 15.51 -32.50
CA SER M 18 7.00 16.32 -32.09
C SER M 18 7.29 17.44 -33.09
N SER M 19 6.44 17.63 -34.11
CA SER M 19 6.53 18.81 -34.96
C SER M 19 6.01 20.06 -34.27
N GLN M 20 5.35 19.92 -33.11
CA GLN M 20 4.95 21.08 -32.34
C GLN M 20 6.17 21.88 -31.86
N LYS M 21 7.25 21.17 -31.50
CA LYS M 21 8.47 21.83 -31.04
C LYS M 21 9.22 22.55 -32.16
N ALA M 22 8.75 22.45 -33.40
CA ALA M 22 9.51 22.97 -34.53
C ALA M 22 9.74 24.47 -34.41
N THR M 23 8.69 25.21 -34.09
CA THR M 23 8.78 26.67 -33.94
C THR M 23 8.87 27.00 -32.46
N ASN M 24 10.07 26.80 -31.89
CA ASN M 24 10.32 27.25 -30.52
C ASN M 24 10.22 28.78 -30.48
N HIS M 25 9.11 29.30 -29.97
CA HIS M 25 8.91 30.73 -29.86
C HIS M 25 9.40 31.27 -28.51
N ASN M 26 10.16 30.49 -27.77
CA ASN M 26 10.66 30.88 -26.45
C ASN M 26 12.10 30.41 -26.29
N LEU M 27 12.90 30.65 -27.33
CA LEU M 27 14.23 30.06 -27.41
C LEU M 27 15.19 30.66 -26.39
N HIS M 28 15.13 31.98 -26.16
CA HIS M 28 16.03 32.56 -25.18
C HIS M 28 15.65 32.19 -23.76
N ILE M 29 14.41 31.77 -23.53
CA ILE M 29 14.04 31.21 -22.24
C ILE M 29 14.59 29.79 -22.10
N THR M 30 14.30 28.93 -23.09
CA THR M 30 14.66 27.52 -22.94
C THR M 30 16.17 27.34 -22.86
N GLU M 31 16.94 28.15 -23.60
CA GLU M 31 18.39 28.05 -23.55
C GLU M 31 18.90 28.24 -22.13
N LYS M 32 18.40 29.26 -21.44
CA LYS M 32 18.83 29.52 -20.07
C LYS M 32 18.38 28.40 -19.14
N LEU M 33 17.18 27.86 -19.34
CA LEU M 33 16.71 26.77 -18.50
C LEU M 33 17.51 25.49 -18.76
N GLU M 34 17.97 25.28 -19.99
CA GLU M 34 18.80 24.11 -20.27
C GLU M 34 20.01 24.07 -19.36
N VAL M 35 20.59 25.23 -19.05
CA VAL M 35 21.79 25.27 -18.21
C VAL M 35 21.50 24.73 -16.81
N LEU M 36 20.35 25.10 -16.23
CA LEU M 36 20.00 24.59 -14.91
C LEU M 36 19.64 23.12 -14.96
N ALA M 37 18.92 22.70 -16.01
CA ALA M 37 18.62 21.29 -16.19
C ALA M 37 19.91 20.47 -16.21
N LYS M 38 20.90 20.93 -16.96
CA LYS M 38 22.19 20.24 -17.00
C LYS M 38 22.82 20.19 -15.61
N ALA M 39 22.93 21.36 -14.96
CA ALA M 39 23.65 21.44 -13.69
C ALA M 39 23.03 20.54 -12.63
N TYR M 40 21.70 20.52 -12.53
CA TYR M 40 21.06 19.60 -11.59
C TYR M 40 21.34 18.16 -11.98
N SER M 41 21.39 17.87 -13.28
CA SER M 41 21.60 16.51 -13.74
C SER M 41 22.96 15.98 -13.32
N VAL M 42 24.02 16.76 -13.58
CA VAL M 42 25.37 16.29 -13.29
C VAL M 42 25.61 16.24 -11.78
N GLN M 43 24.89 17.05 -11.00
CA GLN M 43 24.86 16.87 -9.55
C GLN M 43 24.02 15.67 -9.13
N GLY M 44 23.49 14.89 -10.07
CA GLY M 44 22.66 13.75 -9.71
C GLY M 44 21.33 14.09 -9.10
N ASP M 45 20.85 15.32 -9.27
CA ASP M 45 19.51 15.71 -8.81
C ASP M 45 18.49 15.35 -9.90
N LYS M 46 18.27 14.04 -10.03
CA LYS M 46 17.65 13.51 -11.25
C LYS M 46 16.18 13.92 -11.39
N TRP M 47 15.45 14.05 -10.28
CA TRP M 47 14.03 14.35 -10.37
C TRP M 47 13.79 15.82 -10.67
N ARG M 48 14.54 16.72 -10.03
CA ARG M 48 14.50 18.12 -10.42
C ARG M 48 14.88 18.29 -11.88
N ALA M 49 15.96 17.63 -12.31
CA ALA M 49 16.37 17.70 -13.70
C ALA M 49 15.26 17.23 -14.64
N LEU M 50 14.51 16.20 -14.24
CA LEU M 50 13.44 15.69 -15.10
C LEU M 50 12.30 16.69 -15.21
N GLY M 51 11.94 17.35 -14.11
CA GLY M 51 10.93 18.41 -14.17
C GLY M 51 11.33 19.57 -15.06
N TYR M 52 12.60 19.99 -14.99
CA TYR M 52 13.11 20.98 -15.92
C TYR M 52 13.00 20.49 -17.36
N ALA M 53 13.35 19.22 -17.59
CA ALA M 53 13.33 18.72 -18.96
C ALA M 53 11.92 18.69 -19.52
N LYS M 54 10.92 18.48 -18.66
CA LYS M 54 9.54 18.49 -19.15
C LYS M 54 9.04 19.90 -19.37
N ALA M 55 9.38 20.83 -18.47
CA ALA M 55 9.06 22.24 -18.66
C ALA M 55 9.66 22.78 -19.95
N ILE M 56 10.91 22.41 -20.24
CA ILE M 56 11.57 22.88 -21.46
C ILE M 56 10.81 22.40 -22.69
N ASN M 57 10.42 21.11 -22.71
CA ASN M 57 9.73 20.57 -23.87
C ASN M 57 8.35 21.17 -24.03
N ALA M 58 7.72 21.62 -22.94
CA ALA M 58 6.42 22.28 -23.05
C ALA M 58 6.56 23.70 -23.59
N LEU M 59 7.65 24.40 -23.28
CA LEU M 59 7.88 25.72 -23.84
C LEU M 59 8.27 25.63 -25.31
N LYS M 60 9.23 24.76 -25.65
CA LYS M 60 9.62 24.55 -27.03
C LYS M 60 8.39 24.32 -27.92
N SER M 61 7.42 23.58 -27.41
CA SER M 61 6.26 23.17 -28.20
C SER M 61 5.12 24.17 -28.14
N PHE M 62 5.16 25.11 -27.21
CA PHE M 62 4.10 26.09 -27.08
C PHE M 62 4.11 27.01 -28.30
N HIS M 63 2.91 27.35 -28.79
CA HIS M 63 2.74 27.98 -30.08
C HIS M 63 2.98 29.49 -30.06
N LYS M 64 2.84 30.13 -28.90
CA LYS M 64 2.93 31.58 -28.76
C LYS M 64 4.08 31.95 -27.83
N PRO M 65 4.70 33.11 -28.03
CA PRO M 65 5.67 33.60 -27.03
C PRO M 65 4.97 33.86 -25.71
N VAL M 66 5.62 33.46 -24.62
CA VAL M 66 5.04 33.64 -23.29
C VAL M 66 5.28 35.08 -22.87
N THR M 67 4.20 35.77 -22.48
CA THR M 67 4.27 37.18 -22.12
C THR M 67 3.80 37.44 -20.69
N SER M 68 3.38 36.41 -19.96
CA SER M 68 2.72 36.59 -18.68
C SER M 68 3.07 35.45 -17.73
N TYR M 69 3.11 35.76 -16.44
CA TYR M 69 3.15 34.70 -15.43
C TYR M 69 1.97 33.75 -15.59
N GLN M 70 0.76 34.30 -15.82
CA GLN M 70 -0.42 33.44 -15.93
C GLN M 70 -0.37 32.60 -17.20
N GLU M 71 -0.05 33.21 -18.34
CA GLU M 71 0.13 32.43 -19.55
C GLU M 71 1.14 31.31 -19.33
N ALA M 72 2.21 31.58 -18.59
CA ALA M 72 3.21 30.55 -18.32
C ALA M 72 2.63 29.41 -17.49
N CYS M 73 1.94 29.74 -16.40
CA CYS M 73 1.30 28.73 -15.57
C CYS M 73 0.18 28.00 -16.27
N SER M 74 -0.28 28.50 -17.42
CA SER M 74 -1.30 27.80 -18.20
C SER M 74 -0.74 26.63 -18.98
N ILE M 75 0.58 26.53 -19.10
CA ILE M 75 1.21 25.42 -19.80
C ILE M 75 1.37 24.26 -18.84
N PRO M 76 0.87 23.06 -19.16
CA PRO M 76 1.11 21.91 -18.26
C PRO M 76 2.57 21.50 -18.29
N GLY M 77 3.15 21.37 -17.10
CA GLY M 77 4.58 21.20 -16.95
C GLY M 77 5.29 22.45 -16.45
N ILE M 78 4.60 23.59 -16.42
CA ILE M 78 5.12 24.82 -15.85
C ILE M 78 4.29 25.16 -14.63
N GLY M 79 4.94 25.19 -13.47
CA GLY M 79 4.33 25.65 -12.25
C GLY M 79 4.91 26.97 -11.76
N LYS M 80 4.72 27.23 -10.47
CA LYS M 80 4.97 28.56 -9.93
C LYS M 80 6.45 28.90 -9.96
N ARG M 81 7.31 27.98 -9.52
CA ARG M 81 8.73 28.28 -9.47
C ARG M 81 9.30 28.44 -10.88
N MET M 82 8.72 27.76 -11.86
CA MET M 82 9.23 27.87 -13.23
C MET M 82 8.69 29.11 -13.93
N ALA M 83 7.41 29.44 -13.74
CA ALA M 83 6.88 30.66 -14.32
C ALA M 83 7.60 31.89 -13.79
N GLU M 84 7.97 31.88 -12.50
CA GLU M 84 8.68 33.01 -11.94
C GLU M 84 10.07 33.17 -12.56
N LYS M 85 10.70 32.05 -12.94
CA LYS M 85 11.96 32.14 -13.66
C LYS M 85 11.76 32.61 -15.09
N ILE M 86 10.66 32.20 -15.72
CA ILE M 86 10.39 32.63 -17.09
C ILE M 86 10.21 34.15 -17.14
N ILE M 87 9.44 34.70 -16.20
CA ILE M 87 9.15 36.13 -16.22
C ILE M 87 10.36 36.95 -15.78
N GLU M 88 11.22 36.39 -14.93
CA GLU M 88 12.47 37.08 -14.61
C GLU M 88 13.33 37.23 -15.85
N ILE M 89 13.35 36.20 -16.70
CA ILE M 89 14.13 36.30 -17.93
C ILE M 89 13.48 37.29 -18.88
N LEU M 90 12.16 37.24 -19.01
CA LEU M 90 11.46 38.11 -19.95
C LEU M 90 11.60 39.57 -19.57
N GLU M 91 11.74 39.87 -18.28
CA GLU M 91 11.78 41.25 -17.82
C GLU M 91 13.18 41.81 -17.62
N SER M 92 14.18 40.97 -17.33
CA SER M 92 15.51 41.46 -17.04
C SER M 92 16.57 40.94 -18.00
N GLY M 93 16.20 40.09 -18.95
CA GLY M 93 17.19 39.51 -19.85
C GLY M 93 18.18 38.60 -19.16
N HIS M 94 17.88 38.18 -17.94
CA HIS M 94 18.87 37.52 -17.10
C HIS M 94 18.15 36.56 -16.18
N LEU M 95 18.90 35.62 -15.60
CA LEU M 95 18.37 34.67 -14.62
C LEU M 95 19.39 34.54 -13.50
N ARG M 96 19.08 35.12 -12.33
CA ARG M 96 20.09 35.23 -11.27
C ARG M 96 20.55 33.86 -10.77
N LYS M 97 19.66 32.86 -10.76
CA LYS M 97 20.06 31.55 -10.28
C LYS M 97 21.23 30.98 -11.08
N LEU M 98 21.41 31.41 -12.33
CA LEU M 98 22.55 30.94 -13.11
C LEU M 98 23.88 31.42 -12.53
N ASP M 99 23.88 32.51 -11.76
CA ASP M 99 25.11 33.02 -11.18
C ASP M 99 25.51 32.28 -9.91
N HIS M 100 24.56 31.65 -9.21
CA HIS M 100 24.83 30.89 -7.99
C HIS M 100 24.87 29.40 -8.25
N ILE M 101 25.37 28.97 -9.41
CA ILE M 101 25.64 27.56 -9.65
C ILE M 101 27.06 27.28 -9.17
N SER M 102 27.21 26.19 -8.43
N SER M 102 27.21 26.19 -8.42
CA SER M 102 28.51 25.85 -7.85
CA SER M 102 28.50 25.84 -7.85
C SER M 102 29.58 25.76 -8.93
C SER M 102 29.56 25.78 -8.93
N GLU M 103 30.79 26.18 -8.57
CA GLU M 103 31.91 26.11 -9.50
C GLU M 103 32.33 24.68 -9.77
N SER M 104 31.91 23.72 -8.94
CA SER M 104 32.14 22.31 -9.26
C SER M 104 31.48 21.92 -10.57
N VAL M 105 30.34 22.51 -10.90
CA VAL M 105 29.47 21.93 -11.93
C VAL M 105 30.16 21.80 -13.28
N PRO M 106 30.87 22.80 -13.79
CA PRO M 106 31.62 22.59 -15.05
C PRO M 106 32.59 21.42 -15.01
N VAL M 107 33.20 21.13 -13.85
CA VAL M 107 34.10 19.98 -13.76
C VAL M 107 33.31 18.69 -13.77
N LEU M 108 32.22 18.64 -12.99
CA LEU M 108 31.39 17.45 -12.96
C LEU M 108 30.88 17.10 -14.34
N GLU M 109 30.51 18.10 -15.13
CA GLU M 109 30.07 17.86 -16.50
C GLU M 109 31.21 17.33 -17.35
N LEU M 110 32.41 17.88 -17.17
CA LEU M 110 33.59 17.34 -17.85
C LEU M 110 33.76 15.86 -17.55
N PHE M 111 33.76 15.49 -16.27
CA PHE M 111 34.03 14.11 -15.90
C PHE M 111 32.94 13.17 -16.41
N SER M 112 31.68 13.54 -16.21
CA SER M 112 30.60 12.61 -16.59
C SER M 112 30.40 12.55 -18.11
N ASN M 113 31.07 13.40 -18.88
CA ASN M 113 31.16 13.20 -20.32
C ASN M 113 32.03 11.99 -20.65
N ILE M 114 32.83 11.52 -19.71
CA ILE M 114 33.55 10.26 -19.93
C ILE M 114 32.54 9.13 -19.88
N TRP M 115 32.49 8.36 -20.96
CA TRP M 115 31.65 7.16 -20.98
C TRP M 115 32.05 6.23 -19.85
N GLY M 116 31.07 5.82 -19.04
CA GLY M 116 31.33 4.98 -17.91
C GLY M 116 31.51 5.71 -16.61
N ALA M 117 31.60 7.04 -16.65
CA ALA M 117 31.63 7.89 -15.47
C ALA M 117 30.30 8.63 -15.37
N GLY M 118 29.57 8.37 -14.31
CA GLY M 118 28.32 9.06 -14.04
C GLY M 118 28.46 10.10 -12.93
N THR M 119 27.31 10.41 -12.32
CA THR M 119 27.28 11.49 -11.34
C THR M 119 28.09 11.11 -10.09
N LYS M 120 28.04 9.84 -9.68
CA LYS M 120 28.75 9.44 -8.47
C LYS M 120 30.26 9.37 -8.69
N THR M 121 30.69 8.81 -9.82
CA THR M 121 32.13 8.80 -10.12
C THR M 121 32.66 10.22 -10.27
N ALA M 122 31.88 11.10 -10.88
CA ALA M 122 32.32 12.49 -11.08
C ALA M 122 32.45 13.21 -9.74
N GLN M 123 31.42 13.11 -8.88
CA GLN M 123 31.48 13.72 -7.57
C GLN M 123 32.67 13.18 -6.76
N MET M 124 32.95 11.89 -6.90
CA MET M 124 34.05 11.28 -6.16
C MET M 124 35.39 11.82 -6.64
N TRP M 125 35.61 11.82 -7.96
CA TRP M 125 36.84 12.39 -8.49
C TRP M 125 37.01 13.84 -8.04
N TYR M 126 35.92 14.59 -7.97
CA TYR M 126 36.01 15.98 -7.55
C TYR M 126 36.40 16.08 -6.07
N GLN M 127 35.78 15.26 -5.22
CA GLN M 127 36.16 15.21 -3.80
C GLN M 127 37.65 14.88 -3.65
N GLN M 128 38.21 14.10 -4.58
CA GLN M 128 39.63 13.77 -4.52
C GLN M 128 40.52 14.92 -4.96
N GLY M 129 39.96 16.01 -5.46
CA GLY M 129 40.73 17.14 -5.91
C GLY M 129 41.13 17.13 -7.37
N PHE M 130 40.63 16.20 -8.16
CA PHE M 130 40.88 16.24 -9.60
C PHE M 130 40.00 17.30 -10.23
N ARG M 131 40.54 17.98 -11.25
CA ARG M 131 39.83 19.08 -11.91
C ARG M 131 39.91 19.01 -13.43
N SER M 132 40.69 18.08 -13.99
CA SER M 132 40.95 18.09 -15.42
C SER M 132 41.12 16.66 -15.88
N LEU M 133 40.91 16.45 -17.18
CA LEU M 133 41.07 15.11 -17.73
C LEU M 133 42.48 14.58 -17.44
N GLU M 134 43.49 15.44 -17.48
CA GLU M 134 44.85 14.97 -17.24
C GLU M 134 45.02 14.50 -15.80
N ASP M 135 44.38 15.19 -14.84
CA ASP M 135 44.29 14.66 -13.49
C ASP M 135 43.74 13.24 -13.49
N ILE M 136 42.66 13.01 -14.26
CA ILE M 136 42.07 11.67 -14.35
C ILE M 136 43.06 10.69 -14.95
N ARG M 137 43.66 11.04 -16.08
CA ARG M 137 44.57 10.13 -16.79
C ARG M 137 45.74 9.72 -15.92
N SER M 138 46.23 10.61 -15.06
CA SER M 138 47.47 10.37 -14.34
C SER M 138 47.27 9.89 -12.92
N GLN M 139 46.11 10.14 -12.31
CA GLN M 139 45.96 9.91 -10.88
C GLN M 139 44.73 9.10 -10.50
N ALA M 140 43.68 9.14 -11.31
CA ALA M 140 42.45 8.47 -10.93
C ALA M 140 42.54 6.98 -11.20
N SER M 141 41.82 6.21 -10.39
CA SER M 141 41.62 4.79 -10.65
C SER M 141 40.45 4.63 -11.61
N LEU M 142 40.71 4.02 -12.76
CA LEU M 142 39.74 3.93 -13.85
C LEU M 142 39.31 2.49 -14.04
N THR M 143 38.01 2.27 -14.14
CA THR M 143 37.53 1.00 -14.67
C THR M 143 38.00 0.86 -16.12
N THR M 144 37.94 -0.37 -16.62
CA THR M 144 38.27 -0.60 -18.02
C THR M 144 37.31 0.18 -18.93
N GLN M 145 36.04 0.28 -18.53
CA GLN M 145 35.09 1.10 -19.27
C GLN M 145 35.55 2.54 -19.34
N GLN M 146 35.77 3.16 -18.18
CA GLN M 146 36.12 4.58 -18.14
C GLN M 146 37.39 4.86 -18.92
N ALA M 147 38.36 3.94 -18.86
CA ALA M 147 39.63 4.16 -19.57
C ALA M 147 39.42 4.20 -21.07
N ILE M 148 38.44 3.45 -21.59
CA ILE M 148 38.10 3.56 -22.99
C ILE M 148 37.30 4.83 -23.25
N GLY M 149 36.47 5.25 -22.30
CA GLY M 149 35.79 6.52 -22.45
C GLY M 149 36.76 7.67 -22.56
N LEU M 150 37.74 7.72 -21.65
CA LEU M 150 38.73 8.78 -21.64
C LEU M 150 39.61 8.74 -22.88
N LYS M 151 39.97 7.55 -23.34
CA LYS M 151 40.82 7.44 -24.53
C LYS M 151 40.14 8.08 -25.74
N HIS M 152 38.81 7.96 -25.82
CA HIS M 152 38.06 8.47 -26.96
C HIS M 152 37.21 9.68 -26.58
N TYR M 153 37.67 10.44 -25.58
CA TYR M 153 36.86 11.54 -25.06
C TYR M 153 36.29 12.41 -26.18
N SER M 154 37.16 12.94 -27.06
CA SER M 154 36.68 13.89 -28.05
C SER M 154 35.83 13.21 -29.12
N ASP M 155 36.20 12.00 -29.53
CA ASP M 155 35.41 11.29 -30.54
C ASP M 155 33.97 11.12 -30.06
N PHE M 156 33.77 10.69 -28.82
CA PHE M 156 32.43 10.36 -28.36
C PHE M 156 31.57 11.60 -28.12
N LEU M 157 32.16 12.80 -28.20
CA LEU M 157 31.37 14.02 -28.06
C LEU M 157 30.76 14.47 -29.40
N GLU M 158 31.35 14.09 -30.52
CA GLU M 158 30.90 14.57 -31.83
C GLU M 158 29.89 13.59 -32.41
N ARG M 159 28.71 14.10 -32.73
CA ARG M 159 27.74 13.34 -33.49
C ARG M 159 28.27 13.10 -34.90
N MET M 160 27.64 12.16 -35.61
CA MET M 160 28.05 11.79 -36.95
C MET M 160 27.00 12.23 -37.97
N PRO M 161 27.41 12.55 -39.19
CA PRO M 161 26.44 12.77 -40.26
C PRO M 161 25.51 11.57 -40.39
N ARG M 162 24.28 11.83 -40.79
CA ARG M 162 23.32 10.74 -40.99
C ARG M 162 23.83 9.71 -41.98
N GLU M 163 24.62 10.12 -42.97
CA GLU M 163 25.09 9.17 -43.97
C GLU M 163 26.12 8.20 -43.38
N GLU M 164 26.86 8.63 -42.36
CA GLU M 164 27.93 7.79 -41.82
C GLU M 164 27.38 6.60 -41.03
N ALA M 165 26.22 6.77 -40.40
CA ALA M 165 25.58 5.65 -39.70
C ALA M 165 25.09 4.59 -40.68
N THR M 166 24.71 4.99 -41.90
CA THR M 166 24.34 4.01 -42.92
C THR M 166 25.52 3.14 -43.30
N GLU M 167 26.68 3.75 -43.56
CA GLU M 167 27.87 2.95 -43.84
C GLU M 167 28.24 2.07 -42.66
N ILE M 168 27.85 2.48 -41.44
CA ILE M 168 28.14 1.67 -40.26
C ILE M 168 27.21 0.46 -40.22
N GLU M 169 25.91 0.69 -40.37
CA GLU M 169 24.95 -0.41 -40.22
C GLU M 169 25.06 -1.42 -41.34
N GLN M 170 25.30 -0.95 -42.57
CA GLN M 170 25.53 -1.88 -43.68
C GLN M 170 26.72 -2.78 -43.40
N THR M 171 27.74 -2.28 -42.71
CA THR M 171 28.84 -3.14 -42.29
C THR M 171 28.33 -4.22 -41.33
N VAL M 172 27.48 -3.83 -40.38
CA VAL M 172 26.91 -4.79 -39.45
C VAL M 172 25.96 -5.74 -40.16
N GLN M 173 25.10 -5.19 -41.02
CA GLN M 173 24.10 -6.01 -41.70
C GLN M 173 24.76 -7.04 -42.62
N LYS M 174 25.82 -6.65 -43.33
CA LYS M 174 26.44 -7.55 -44.29
C LYS M 174 27.32 -8.59 -43.62
N ALA M 175 27.98 -8.23 -42.52
CA ALA M 175 28.76 -9.23 -41.78
C ALA M 175 27.84 -10.27 -41.13
N ALA M 176 26.63 -9.85 -40.73
CA ALA M 176 25.68 -10.78 -40.13
C ALA M 176 25.01 -11.65 -41.18
N GLN M 177 24.90 -11.17 -42.42
CA GLN M 177 24.26 -11.94 -43.48
C GLN M 177 25.18 -12.97 -44.09
N ALA M 178 26.47 -12.95 -43.74
CA ALA M 178 27.38 -14.06 -44.03
C ALA M 178 27.17 -15.24 -43.06
N PHE M 179 26.10 -15.21 -42.27
CA PHE M 179 25.76 -16.27 -41.33
C PHE M 179 24.30 -16.68 -41.50
N ASN M 180 23.44 -15.72 -41.83
CA ASN M 180 22.03 -16.00 -42.06
C ASN M 180 21.46 -14.85 -42.88
N SER M 181 20.87 -15.15 -44.04
CA SER M 181 20.37 -14.14 -44.95
C SER M 181 18.89 -13.80 -44.72
N GLY M 182 18.36 -14.06 -43.52
CA GLY M 182 16.99 -13.70 -43.19
C GLY M 182 16.90 -12.81 -41.98
N LEU M 183 18.03 -12.30 -41.50
CA LEU M 183 18.08 -11.42 -40.34
C LEU M 183 17.70 -10.01 -40.76
N LEU M 184 16.50 -9.57 -40.38
CA LEU M 184 16.11 -8.18 -40.54
C LEU M 184 16.94 -7.28 -39.62
N CYS M 185 18.04 -6.74 -40.13
CA CYS M 185 18.80 -5.74 -39.40
C CYS M 185 18.13 -4.38 -39.57
N VAL M 186 17.89 -3.68 -38.46
CA VAL M 186 17.29 -2.36 -38.47
C VAL M 186 18.17 -1.42 -37.64
N ALA M 187 18.52 -0.28 -38.21
CA ALA M 187 19.15 0.80 -37.47
C ALA M 187 18.04 1.69 -36.90
N CYS M 188 18.05 1.88 -35.58
CA CYS M 188 16.95 2.57 -34.93
C CYS M 188 17.41 3.90 -34.35
N GLY M 189 16.89 4.28 -33.18
CA GLY M 189 17.37 5.45 -32.48
C GLY M 189 17.08 6.75 -33.23
N SER M 190 18.01 7.70 -33.09
CA SER M 190 17.89 8.95 -33.82
C SER M 190 17.82 8.72 -35.33
N TYR M 191 18.54 7.69 -35.81
CA TYR M 191 18.57 7.44 -37.25
C TYR M 191 17.17 7.19 -37.81
N ARG M 192 16.43 6.26 -37.20
CA ARG M 192 15.10 5.92 -37.67
C ARG M 192 14.09 7.05 -37.47
N ARG M 193 14.41 8.05 -36.65
CA ARG M 193 13.48 9.11 -36.32
C ARG M 193 13.62 10.34 -37.22
N GLY M 194 14.42 10.27 -38.27
CA GLY M 194 14.53 11.33 -39.25
C GLY M 194 15.72 12.25 -39.10
N LYS M 195 16.33 12.30 -37.92
CA LYS M 195 17.29 13.35 -37.62
C LYS M 195 18.52 13.27 -38.52
N ALA M 196 19.17 14.43 -38.69
CA ALA M 196 20.27 14.57 -39.64
C ALA M 196 21.59 14.06 -39.09
N THR M 197 21.75 13.94 -37.77
CA THR M 197 22.97 13.46 -37.16
C THR M 197 22.64 12.49 -36.04
N CYS M 198 23.53 11.53 -35.80
CA CYS M 198 23.33 10.46 -34.84
C CYS M 198 24.46 10.47 -33.81
N GLY M 199 24.11 10.61 -32.53
CA GLY M 199 25.08 10.40 -31.48
C GLY M 199 25.74 9.03 -31.55
N ASP M 200 24.99 8.03 -31.99
CA ASP M 200 25.51 6.67 -32.10
C ASP M 200 24.67 5.94 -33.15
N VAL M 201 25.01 4.68 -33.38
CA VAL M 201 24.28 3.82 -34.29
C VAL M 201 23.73 2.64 -33.50
N ASP M 202 22.44 2.38 -33.68
CA ASP M 202 21.68 1.47 -32.83
C ASP M 202 21.06 0.40 -33.73
N VAL M 203 21.74 -0.74 -33.85
CA VAL M 203 21.38 -1.78 -34.81
C VAL M 203 20.62 -2.88 -34.08
N LEU M 204 19.39 -3.14 -34.53
CA LEU M 204 18.55 -4.21 -34.01
C LEU M 204 18.52 -5.36 -35.02
N ILE M 205 18.61 -6.59 -34.51
CA ILE M 205 18.72 -7.78 -35.34
C ILE M 205 17.73 -8.84 -34.86
N THR M 206 16.94 -9.38 -35.79
CA THR M 206 16.08 -10.52 -35.47
C THR M 206 15.87 -11.36 -36.74
N HIS M 207 15.37 -12.58 -36.52
CA HIS M 207 15.07 -13.56 -37.55
C HIS M 207 13.59 -13.92 -37.48
N PRO M 208 12.84 -13.83 -38.60
CA PRO M 208 11.38 -14.03 -38.49
C PRO M 208 10.97 -15.50 -38.47
N ASP M 209 11.91 -16.44 -38.65
CA ASP M 209 11.59 -17.84 -38.43
C ASP M 209 11.11 -18.07 -37.00
N GLY M 210 11.71 -17.37 -36.04
CA GLY M 210 11.44 -17.55 -34.63
C GLY M 210 12.65 -17.98 -33.82
N ARG M 211 13.78 -18.26 -34.46
CA ARG M 211 14.89 -18.92 -33.80
C ARG M 211 15.62 -17.99 -32.85
N SER M 212 16.26 -18.60 -31.85
CA SER M 212 17.26 -17.97 -31.00
C SER M 212 18.58 -18.70 -31.23
N HIS M 213 19.58 -17.98 -31.72
CA HIS M 213 20.87 -18.58 -32.08
C HIS M 213 21.97 -17.73 -31.45
N ARG M 214 22.32 -18.03 -30.19
CA ARG M 214 23.34 -17.27 -29.50
C ARG M 214 24.74 -17.48 -30.10
N GLY M 215 24.92 -18.55 -30.89
CA GLY M 215 26.22 -18.79 -31.48
C GLY M 215 26.58 -17.81 -32.57
N ILE M 216 25.58 -17.26 -33.26
CA ILE M 216 25.86 -16.35 -34.37
C ILE M 216 26.32 -14.99 -33.86
N PHE M 217 25.73 -14.52 -32.76
CA PHE M 217 26.09 -13.19 -32.24
C PHE M 217 27.55 -13.17 -31.81
N SER M 218 27.97 -14.20 -31.05
CA SER M 218 29.39 -14.40 -30.78
C SER M 218 30.20 -14.31 -32.07
N ARG M 219 29.77 -15.03 -33.11
CA ARG M 219 30.53 -15.10 -34.36
C ARG M 219 30.50 -13.76 -35.10
N LEU M 220 29.32 -13.15 -35.21
CA LEU M 220 29.21 -11.88 -35.93
C LEU M 220 30.12 -10.82 -35.34
N LEU M 221 30.40 -10.89 -34.02
CA LEU M 221 31.29 -9.91 -33.40
C LEU M 221 32.75 -10.24 -33.66
N ASP M 222 33.11 -11.53 -33.60
CA ASP M 222 34.48 -11.94 -33.93
C ASP M 222 34.81 -11.60 -35.37
N SER M 223 33.82 -11.66 -36.27
CA SER M 223 34.03 -11.22 -37.63
C SER M 223 34.49 -9.77 -37.66
N LEU M 224 33.68 -8.87 -37.10
CA LEU M 224 33.99 -7.44 -37.15
C LEU M 224 35.26 -7.13 -36.36
N ARG M 225 35.58 -7.94 -35.35
CA ARG M 225 36.87 -7.81 -34.69
C ARG M 225 38.01 -8.24 -35.61
N GLN M 226 37.83 -9.36 -36.32
CA GLN M 226 38.89 -9.86 -37.19
C GLN M 226 39.27 -8.83 -38.25
N GLU M 227 38.28 -8.08 -38.74
CA GLU M 227 38.50 -7.03 -39.73
C GLU M 227 38.90 -5.69 -39.09
N GLY M 228 39.15 -5.66 -37.78
CA GLY M 228 39.55 -4.45 -37.12
C GLY M 228 38.51 -3.34 -37.10
N PHE M 229 37.29 -3.64 -37.53
CA PHE M 229 36.22 -2.64 -37.52
C PHE M 229 35.72 -2.39 -36.10
N LEU M 230 35.82 -3.38 -35.23
CA LEU M 230 35.61 -3.22 -33.79
C LEU M 230 36.96 -3.05 -33.12
N THR M 231 37.18 -1.89 -32.49
CA THR M 231 38.45 -1.59 -31.84
C THR M 231 38.43 -1.85 -30.33
N ASP M 232 37.25 -1.80 -29.70
CA ASP M 232 37.16 -1.92 -28.25
C ASP M 232 35.76 -2.40 -27.85
N ASP M 233 35.68 -3.05 -26.70
CA ASP M 233 34.42 -3.50 -26.12
C ASP M 233 34.09 -2.62 -24.91
N LEU M 234 32.88 -2.06 -24.91
CA LEU M 234 32.37 -1.32 -23.76
C LEU M 234 31.49 -2.18 -22.87
N VAL M 235 30.52 -2.89 -23.45
CA VAL M 235 29.74 -3.90 -22.74
C VAL M 235 29.79 -5.17 -23.57
N SER M 236 30.61 -6.14 -23.16
CA SER M 236 30.71 -7.38 -23.89
C SER M 236 29.35 -8.10 -23.90
N GLN M 237 29.25 -9.10 -24.78
CA GLN M 237 27.98 -9.76 -25.03
C GLN M 237 27.35 -10.26 -23.73
N GLU M 238 26.08 -9.92 -23.54
CA GLU M 238 25.35 -10.34 -22.34
C GLU M 238 23.90 -10.58 -22.69
N GLU M 239 23.22 -11.36 -21.87
CA GLU M 239 21.83 -11.69 -22.08
C GLU M 239 20.94 -10.70 -21.32
N ASN M 240 19.77 -10.43 -21.90
CA ASN M 240 18.73 -9.63 -21.24
C ASN M 240 17.42 -10.39 -21.50
N GLY M 241 17.09 -11.30 -20.59
CA GLY M 241 16.04 -12.26 -20.91
C GLY M 241 16.45 -13.06 -22.13
N GLN M 242 15.53 -13.20 -23.09
CA GLN M 242 15.85 -13.87 -24.34
C GLN M 242 16.65 -12.99 -25.28
N GLN M 243 16.71 -11.69 -25.04
CA GLN M 243 17.51 -10.80 -25.86
C GLN M 243 18.96 -10.84 -25.42
N GLN M 244 19.84 -10.44 -26.34
CA GLN M 244 21.25 -10.24 -26.07
C GLN M 244 21.63 -8.86 -26.58
N LYS M 245 22.75 -8.35 -26.08
CA LYS M 245 23.12 -7.00 -26.45
C LYS M 245 24.63 -6.83 -26.36
N TYR M 246 25.14 -5.87 -27.12
CA TYR M 246 26.55 -5.54 -27.15
C TYR M 246 26.73 -4.04 -27.39
N LEU M 247 27.66 -3.44 -26.64
CA LEU M 247 28.06 -2.05 -26.80
C LEU M 247 29.56 -1.99 -27.04
N GLY M 248 29.97 -1.32 -28.11
CA GLY M 248 31.38 -1.31 -28.45
C GLY M 248 31.75 -0.10 -29.27
N VAL M 249 33.01 -0.09 -29.70
CA VAL M 249 33.58 1.02 -30.45
C VAL M 249 33.99 0.52 -31.82
N CYS M 250 33.67 1.31 -32.85
CA CYS M 250 34.00 0.97 -34.22
C CYS M 250 34.47 2.22 -34.96
N ARG M 251 35.16 2.01 -36.08
CA ARG M 251 35.61 3.09 -36.93
C ARG M 251 35.65 2.61 -38.37
N LEU M 252 35.08 3.41 -39.27
CA LEU M 252 35.03 3.03 -40.67
C LEU M 252 36.41 3.13 -41.31
N PRO M 253 36.61 2.48 -42.46
CA PRO M 253 37.93 2.53 -43.11
C PRO M 253 38.32 3.94 -43.52
N GLY M 254 39.59 4.09 -43.89
CA GLY M 254 40.09 5.33 -44.44
C GLY M 254 40.63 6.26 -43.37
N PRO M 255 41.88 6.71 -43.53
CA PRO M 255 42.38 7.73 -42.60
C PRO M 255 41.45 8.93 -42.55
N GLY M 256 41.14 9.37 -41.33
CA GLY M 256 40.35 10.58 -41.10
C GLY M 256 39.04 10.37 -40.39
N ARG M 257 38.64 9.14 -40.10
CA ARG M 257 37.35 8.87 -39.48
C ARG M 257 37.47 8.87 -37.95
N ARG M 258 36.34 9.13 -37.30
CA ARG M 258 36.26 9.14 -35.84
C ARG M 258 35.82 7.77 -35.33
N HIS M 259 36.24 7.44 -34.10
CA HIS M 259 35.70 6.29 -33.40
C HIS M 259 34.24 6.55 -33.03
N ARG M 260 33.42 5.49 -33.09
CA ARG M 260 31.99 5.64 -32.94
C ARG M 260 31.44 4.52 -32.07
N ARG M 261 30.50 4.89 -31.18
CA ARG M 261 29.81 3.90 -30.36
C ARG M 261 28.83 3.10 -31.20
N LEU M 262 28.82 1.79 -30.98
CA LEU M 262 27.98 0.85 -31.70
C LEU M 262 27.20 0.02 -30.69
N ASP M 263 25.88 0.11 -30.74
CA ASP M 263 24.99 -0.66 -29.87
C ASP M 263 24.26 -1.69 -30.71
N ILE M 264 24.44 -2.96 -30.39
CA ILE M 264 23.79 -4.06 -31.10
C ILE M 264 22.92 -4.83 -30.11
N ILE M 265 21.64 -4.93 -30.42
CA ILE M 265 20.71 -5.77 -29.69
C ILE M 265 20.17 -6.83 -30.63
N VAL M 266 20.05 -8.06 -30.12
CA VAL M 266 19.50 -9.20 -30.87
C VAL M 266 18.32 -9.76 -30.09
N VAL M 267 17.18 -9.87 -30.75
CA VAL M 267 15.94 -10.22 -30.08
C VAL M 267 15.30 -11.45 -30.72
N PRO M 268 14.30 -12.06 -30.09
CA PRO M 268 13.42 -12.99 -30.81
C PRO M 268 12.39 -12.23 -31.63
N TYR M 269 11.85 -12.90 -32.64
CA TYR M 269 10.81 -12.28 -33.46
C TYR M 269 9.56 -12.02 -32.62
N SER M 270 9.25 -12.91 -31.68
CA SER M 270 8.23 -12.66 -30.67
C SER M 270 8.26 -11.23 -30.15
N GLU M 271 9.46 -10.69 -29.91
CA GLU M 271 9.61 -9.40 -29.23
C GLU M 271 9.96 -8.27 -30.19
N PHE M 272 9.90 -8.51 -31.50
CA PHE M 272 10.43 -7.56 -32.47
C PHE M 272 9.70 -6.22 -32.39
N ALA M 273 8.38 -6.24 -32.26
CA ALA M 273 7.62 -5.01 -32.20
C ALA M 273 8.03 -4.15 -31.00
N CYS M 274 8.10 -4.76 -29.82
CA CYS M 274 8.39 -3.97 -28.62
C CYS M 274 9.85 -3.51 -28.57
N ALA M 275 10.77 -4.33 -29.08
CA ALA M 275 12.18 -3.95 -29.09
C ALA M 275 12.42 -2.79 -30.04
N LEU M 276 11.77 -2.82 -31.20
CA LEU M 276 11.93 -1.75 -32.18
C LEU M 276 11.29 -0.46 -31.67
N LEU M 277 10.13 -0.56 -31.01
CA LEU M 277 9.55 0.59 -30.35
C LEU M 277 10.50 1.18 -29.32
N TYR M 278 11.11 0.31 -28.49
CA TYR M 278 12.06 0.79 -27.50
C TYR M 278 13.27 1.43 -28.16
N PHE M 279 13.91 0.71 -29.08
CA PHE M 279 15.19 1.15 -29.64
C PHE M 279 15.05 2.34 -30.57
N THR M 280 13.82 2.70 -30.97
CA THR M 280 13.59 3.85 -31.82
C THR M 280 13.38 5.13 -31.01
N GLY M 281 12.87 5.02 -29.80
CA GLY M 281 12.80 6.21 -28.98
C GLY M 281 11.72 7.17 -29.49
N SER M 282 11.84 8.44 -29.09
CA SER M 282 12.93 8.93 -28.27
C SER M 282 12.85 8.40 -26.84
N ALA M 283 13.87 8.71 -26.03
CA ALA M 283 13.85 8.30 -24.64
C ALA M 283 12.66 8.91 -23.91
N HIS M 284 12.39 10.19 -24.16
CA HIS M 284 11.27 10.85 -23.47
C HIS M 284 9.93 10.37 -24.01
N PHE M 285 9.87 10.02 -25.30
CA PHE M 285 8.72 9.28 -25.82
C PHE M 285 8.44 8.05 -24.96
N ASN M 286 9.43 7.15 -24.87
CA ASN M 286 9.23 5.88 -24.19
C ASN M 286 8.79 6.09 -22.75
N ARG M 287 9.33 7.10 -22.08
CA ARG M 287 8.97 7.34 -20.68
C ARG M 287 7.50 7.69 -20.56
N SER M 288 7.01 8.60 -21.41
CA SER M 288 5.62 9.00 -21.35
C SER M 288 4.71 7.84 -21.74
N MET M 289 5.03 7.17 -22.85
CA MET M 289 4.27 5.99 -23.26
C MET M 289 4.22 4.94 -22.15
N ARG M 290 5.37 4.64 -21.54
CA ARG M 290 5.39 3.60 -20.51
C ARG M 290 4.64 4.06 -19.26
N ALA M 291 4.75 5.34 -18.90
CA ALA M 291 3.93 5.85 -17.80
C ALA M 291 2.45 5.74 -18.12
N LEU M 292 2.09 5.83 -19.41
CA LEU M 292 0.69 5.68 -19.80
C LEU M 292 0.25 4.23 -19.72
N ALA M 293 1.09 3.30 -20.20
CA ALA M 293 0.83 1.89 -19.94
C ALA M 293 0.49 1.67 -18.47
N LYS M 294 1.24 2.31 -17.57
CA LYS M 294 1.05 2.10 -16.14
C LYS M 294 -0.35 2.50 -15.69
N THR M 295 -0.87 3.63 -16.20
CA THR M 295 -2.17 4.11 -15.76
C THR M 295 -3.32 3.40 -16.46
N LYS M 296 -3.11 2.94 -17.70
CA LYS M 296 -4.02 2.03 -18.37
C LYS M 296 -3.88 0.58 -17.85
N GLY M 297 -3.24 0.39 -16.69
CA GLY M 297 -3.15 -0.92 -16.07
C GLY M 297 -2.18 -1.89 -16.71
N MET M 298 -1.35 -1.43 -17.65
CA MET M 298 -0.41 -2.26 -18.36
C MET M 298 1.02 -1.91 -17.97
N SER M 299 2.00 -2.52 -18.64
CA SER M 299 3.41 -2.29 -18.34
C SER M 299 4.23 -2.68 -19.55
N LEU M 300 5.15 -1.81 -19.94
CA LEU M 300 5.78 -1.88 -21.25
C LEU M 300 7.30 -1.89 -21.09
N SER M 301 7.94 -2.83 -21.76
N SER M 301 7.94 -2.83 -21.78
CA SER M 301 9.39 -2.96 -21.81
CA SER M 301 9.38 -2.96 -21.82
C SER M 301 9.81 -3.11 -23.27
C SER M 301 9.82 -3.09 -23.28
N GLU M 302 11.12 -3.24 -23.48
CA GLU M 302 11.61 -3.62 -24.81
C GLU M 302 11.34 -5.09 -25.10
N HIS M 303 10.79 -5.82 -24.14
CA HIS M 303 10.36 -7.20 -24.35
C HIS M 303 8.90 -7.28 -24.79
N ALA M 304 7.98 -6.68 -24.04
CA ALA M 304 6.57 -7.00 -24.22
C ALA M 304 5.69 -5.92 -23.62
N LEU M 305 4.47 -5.83 -24.15
CA LEU M 305 3.36 -5.16 -23.47
C LEU M 305 2.64 -6.21 -22.63
N SER M 306 2.44 -5.90 -21.35
CA SER M 306 1.85 -6.85 -20.41
C SER M 306 1.00 -6.09 -19.40
N THR M 307 0.61 -6.76 -18.33
CA THR M 307 -0.33 -6.24 -17.34
C THR M 307 0.34 -6.07 -15.99
N ALA M 308 -0.42 -5.54 -15.03
CA ALA M 308 0.06 -5.37 -13.66
C ALA M 308 0.13 -6.72 -12.96
N GLY M 321 2.50 -10.33 -14.43
CA GLY M 321 1.73 -9.84 -15.56
C GLY M 321 1.55 -10.89 -16.64
N ARG M 322 0.68 -10.58 -17.61
CA ARG M 322 0.41 -11.45 -18.75
C ARG M 322 0.75 -10.72 -20.03
N VAL M 323 1.43 -11.41 -20.94
CA VAL M 323 1.91 -10.79 -22.17
C VAL M 323 0.76 -10.64 -23.16
N LEU M 324 0.50 -9.41 -23.57
CA LEU M 324 -0.39 -9.15 -24.70
C LEU M 324 0.41 -9.22 -25.99
N PRO M 325 0.15 -10.19 -26.87
CA PRO M 325 0.99 -10.32 -28.07
C PRO M 325 0.89 -9.08 -28.96
N THR M 326 2.02 -8.73 -29.59
CA THR M 326 2.10 -7.57 -30.47
C THR M 326 3.13 -7.84 -31.56
N PRO M 327 2.69 -8.24 -32.76
CA PRO M 327 3.66 -8.51 -33.85
C PRO M 327 4.10 -7.28 -34.64
N THR M 328 3.48 -6.12 -34.44
CA THR M 328 3.92 -4.88 -35.09
C THR M 328 3.76 -3.72 -34.09
N GLU M 329 4.45 -2.61 -34.41
CA GLU M 329 4.35 -1.42 -33.56
C GLU M 329 2.91 -0.94 -33.47
N LYS M 330 2.21 -0.86 -34.61
CA LYS M 330 0.85 -0.32 -34.63
C LYS M 330 -0.04 -1.00 -33.59
N ASP M 331 0.15 -2.31 -33.39
CA ASP M 331 -0.61 -2.99 -32.34
C ASP M 331 -0.36 -2.36 -30.98
N VAL M 332 0.90 -2.02 -30.69
CA VAL M 332 1.25 -1.48 -29.38
C VAL M 332 0.56 -0.13 -29.16
N PHE M 333 0.70 0.78 -30.13
CA PHE M 333 -0.03 2.04 -30.08
C PHE M 333 -1.51 1.81 -29.83
N ARG M 334 -2.11 0.88 -30.60
CA ARG M 334 -3.52 0.57 -30.45
C ARG M 334 -3.82 0.03 -29.06
N LEU M 335 -3.17 -1.08 -28.69
CA LEU M 335 -3.47 -1.74 -27.43
C LEU M 335 -3.40 -0.75 -26.26
N LEU M 336 -2.35 0.06 -26.21
CA LEU M 336 -2.30 1.16 -25.26
C LEU M 336 -3.54 2.05 -25.40
N GLY M 337 -3.84 2.46 -26.64
CA GLY M 337 -5.02 3.24 -26.92
C GLY M 337 -4.70 4.62 -27.45
N LEU M 338 -3.88 4.69 -28.49
CA LEU M 338 -3.34 5.94 -29.01
C LEU M 338 -3.44 5.98 -30.51
N PRO M 339 -3.35 7.18 -31.10
CA PRO M 339 -3.03 7.27 -32.53
C PRO M 339 -1.61 6.80 -32.79
N TYR M 340 -1.44 5.97 -33.81
CA TYR M 340 -0.12 5.61 -34.28
C TYR M 340 0.68 6.85 -34.64
N ARG M 341 1.97 6.84 -34.26
CA ARG M 341 2.93 7.85 -34.71
C ARG M 341 3.99 7.19 -35.58
N GLU M 342 4.31 7.82 -36.69
CA GLU M 342 5.43 7.38 -37.49
C GLU M 342 6.73 7.80 -36.80
N PRO M 343 7.84 7.12 -37.09
CA PRO M 343 9.05 7.35 -36.28
C PRO M 343 9.49 8.81 -36.23
N ALA M 344 9.27 9.58 -37.29
CA ALA M 344 9.75 10.95 -37.31
C ALA M 344 9.04 11.83 -36.29
N GLU M 345 7.85 11.44 -35.82
CA GLU M 345 7.03 12.29 -34.97
C GLU M 345 7.00 11.85 -33.52
N ARG M 346 8.03 11.13 -33.07
CA ARG M 346 8.20 10.81 -31.65
C ARG M 346 9.52 11.36 -31.11
N ASP M 347 10.18 12.27 -31.84
CA ASP M 347 11.45 12.86 -31.43
C ASP M 347 11.20 13.90 -30.33
N TRP M 348 10.75 13.40 -29.18
CA TRP M 348 10.44 14.27 -28.05
C TRP M 348 11.61 14.39 -27.08
O4 DUP Q . -23.87 -11.36 9.24
C4 DUP Q . -24.66 -11.57 8.34
C5 DUP Q . -26.01 -11.89 8.62
C6 DUP Q . -26.85 -12.12 7.58
N3 DUP Q . -24.23 -11.51 7.06
C2 DUP Q . -25.10 -11.75 6.05
O2 DUP Q . -24.70 -11.68 4.90
N1 DUP Q . -26.39 -12.03 6.30
C1' DUP Q . -27.30 -12.30 5.19
C2' DUP Q . -27.27 -13.83 4.94
C3' DUP Q . -28.52 -14.31 5.69
O3' DUP Q . -28.99 -15.55 5.16
O4' DUP Q . -28.67 -11.98 5.53
C4' DUP Q . -29.48 -13.15 5.35
C5' DUP Q . -30.64 -13.11 6.33
O5' DUP Q . -30.11 -12.96 7.64
PA DUP Q . -30.67 -13.83 8.86
O1A DUP Q . -30.17 -13.31 10.16
O2A DUP Q . -32.15 -13.81 8.76
N3A DUP Q . -30.05 -15.36 8.66
PB DUP Q . -30.77 -16.74 8.04
O1B DUP Q . -29.77 -17.38 7.15
O2B DUP Q . -32.05 -16.38 7.40
O3B DUP Q . -31.12 -17.69 9.28
PG DUP Q . -32.32 -17.57 10.33
O2G DUP Q . -33.09 -16.32 9.98
O1G DUP Q . -31.64 -17.46 11.67
O3G DUP Q . -33.11 -18.83 10.16
MG MG R . -33.53 -15.35 8.17
NA NA S . -28.72 -8.59 20.66
C1 EDO T . -51.41 -16.11 6.06
O1 EDO T . -51.42 -17.37 5.36
C2 EDO T . -52.43 -16.16 7.18
O2 EDO T . -52.34 -17.40 7.91
MG MG U . -22.90 4.01 11.17
S SO4 V . -30.86 3.59 14.39
S SO4 V . -30.01 7.15 14.31
O1 SO4 V . -29.90 4.61 14.02
O1 SO4 V . -28.88 7.94 13.86
O2 SO4 V . -30.36 2.27 13.98
O2 SO4 V . -29.79 5.71 14.19
O3 SO4 V . -31.03 3.60 15.85
O3 SO4 V . -30.25 7.47 15.71
O4 SO4 V . -32.13 3.88 13.73
O4 SO4 V . -31.20 7.50 13.52
MG MG W . -22.40 24.72 18.48
NA NA X . -29.59 18.54 6.90
O4 DUP Y . -17.90 18.67 11.39
C4 DUP Y . -17.68 18.95 12.55
C5 DUP Y . -18.62 19.71 13.30
C6 DUP Y . -18.34 19.99 14.59
N3 DUP Y . -16.54 18.53 13.13
C2 DUP Y . -16.29 18.85 14.41
O2 DUP Y . -15.24 18.47 14.91
N1 DUP Y . -17.17 19.55 15.14
C1' DUP Y . -16.87 19.88 16.53
C2' DUP Y . -16.20 21.28 16.56
C3' DUP Y . -17.42 22.19 16.77
O3' DUP Y . -17.04 23.44 17.33
O4' DUP Y . -18.11 20.00 17.28
C4' DUP Y . -18.19 21.35 17.80
C5' DUP Y . -19.65 21.80 17.90
O5' DUP Y . -20.28 21.64 16.64
PA DUP Y . -21.33 22.74 16.10
O1A DUP Y . -22.07 22.20 14.93
O2A DUP Y . -22.22 23.09 17.25
N3A DUP Y . -20.47 24.09 15.60
PB DUP Y . -20.02 25.44 16.50
O1B DUP Y . -18.56 25.67 16.33
O2B DUP Y . -20.48 25.25 17.89
O3B DUP Y . -20.77 26.71 15.86
PG DUP Y . -22.35 26.96 15.86
O2G DUP Y . -22.86 26.71 14.45
O1G DUP Y . -22.92 25.96 16.83
O3G DUP Y . -22.60 28.37 16.35
MG MG Z . 34.23 -16.37 3.36
NA NA AA . 27.45 -19.67 -9.62
O4 DUP BA . 24.27 -13.36 1.20
C4 DUP BA . 25.17 -12.98 1.94
C5 DUP BA . 26.47 -13.53 1.83
C6 DUP BA . 27.43 -13.08 2.67
N3 DUP BA . 24.92 -12.01 2.85
C2 DUP BA . 25.91 -11.58 3.65
O2 DUP BA . 25.66 -10.71 4.46
N1 DUP BA . 27.15 -12.10 3.57
C1' DUP BA . 28.20 -11.62 4.46
C2' DUP BA . 28.32 -12.59 5.68
C3' DUP BA . 29.51 -13.48 5.27
O3' DUP BA . 30.16 -14.03 6.41
O4' DUP BA . 29.47 -11.66 3.77
C4' DUP BA . 30.40 -12.46 4.54
C5' DUP BA . 31.42 -13.12 3.61
O5' DUP BA . 30.76 -13.94 2.64
PA DUP BA . 31.19 -15.45 2.30
O1A DUP BA . 32.68 -15.55 2.25
O2A DUP BA . 30.59 -15.86 1.02
N3A DUP BA . 30.61 -16.40 3.58
PB DUP BA . 31.53 -17.04 4.83
O1B DUP BA . 32.85 -16.36 4.88
O2B DUP BA . 30.78 -17.01 6.11
O3B DUP BA . 31.77 -18.59 4.50
PG DUP BA . 32.81 -19.35 3.53
O2G DUP BA . 33.57 -18.27 2.79
O1G DUP BA . 31.94 -20.22 2.66
O3G DUP BA . 33.69 -20.12 4.48
MG MG CA . 22.51 -4.11 -10.97
S SO4 DA . 30.02 -6.82 -13.51
S SO4 DA . 29.41 -4.10 -16.18
O1 SO4 DA . 31.40 -6.54 -13.15
O1 SO4 DA . 30.62 -3.32 -16.05
O2 SO4 DA . 29.39 -5.61 -14.04
O2 SO4 DA . 28.26 -3.22 -16.30
O3 SO4 DA . 29.31 -7.28 -12.33
O3 SO4 DA . 29.28 -4.95 -15.00
O4 SO4 DA . 29.98 -7.84 -14.54
O4 SO4 DA . 29.53 -4.93 -17.37
C1 EDO EA . 28.91 -19.10 -5.37
O1 EDO EA . 27.51 -19.31 -5.06
C2 EDO EA . 29.18 -18.98 -6.87
O2 EDO EA . 28.39 -19.88 -7.64
MG MG FA . 21.10 6.54 -30.88
NA NA GA . 29.38 9.38 -18.36
O4 DUP HA . 17.19 6.59 -21.23
C4 DUP HA . 16.94 6.08 -22.31
C5 DUP HA . 17.87 6.17 -23.38
C6 DUP HA . 17.57 5.59 -24.56
N3 DUP HA . 15.78 5.43 -22.49
C2 DUP HA . 15.50 4.86 -23.68
O2 DUP HA . 14.44 4.29 -23.82
N1 DUP HA . 16.37 4.93 -24.70
C1' DUP HA . 16.02 4.32 -25.98
C2' DUP HA . 15.47 5.43 -26.92
C3' DUP HA . 16.68 5.74 -27.82
O3' DUP HA . 16.23 6.20 -29.10
O4' DUP HA . 17.20 3.77 -26.61
C4' DUP HA . 17.34 4.35 -27.93
C5' DUP HA . 18.81 4.46 -28.33
O5' DUP HA . 19.54 5.17 -27.32
PA DUP HA . 20.46 6.43 -27.69
O1A DUP HA . 21.28 6.07 -28.88
O2A DUP HA . 21.25 6.80 -26.49
N3A DUP HA . 19.44 7.70 -28.09
PB DUP HA . 19.04 8.32 -29.60
O1B DUP HA . 19.43 7.38 -30.68
O2B DUP HA . 17.61 8.72 -29.60
O3B DUP HA . 19.92 9.65 -29.83
PG DUP HA . 21.48 9.74 -30.21
O2G DUP HA . 21.54 10.34 -31.59
O1G DUP HA . 22.10 10.59 -29.12
O3G DUP HA . 21.98 8.31 -30.19
#